data_8WUT
#
_entry.id   8WUT
#
_cell.length_a   1.00
_cell.length_b   1.00
_cell.length_c   1.00
_cell.angle_alpha   90.00
_cell.angle_beta   90.00
_cell.angle_gamma   90.00
#
_symmetry.space_group_name_H-M   'P 1'
#
loop_
_entity.id
_entity.type
_entity.pdbx_description
1 polymer 'CRISPR-associated endonuclease Cas9/Csn1'
2 polymer 'Gag-Pol polyprotein'
3 polymer 'DNA (51-MER)'
4 polymer "DNA (5'-D(*TP*GP*AP*TP*GP*GP*CP*AP*GP*AP*GP*TP*AP*CP*TP*AP*G)-3')"
5 polymer 'RNA (115-MER)'
6 polymer 'DNA/RNA (35-MER)'
#
loop_
_entity_poly.entity_id
_entity_poly.type
_entity_poly.pdbx_seq_one_letter_code
_entity_poly.pdbx_strand_id
1 'polypeptide(L)'
;DKKYSIGLAIGTNSVGWAVITDEYKVPSKKFKVLGNTDRHSIKKNLIGALLFDSGETAEATRLKRTARRRYTRRKNRICY
LQEIFSNEMAKVDDSFFHRLEESFLVEEDKKHERHPIFGNIVDEVAYHEKYPTIYHLRKKLVDSTDKADLRLIYLALAHM
IKFRGHFLIEGDLNPDNSDVDKLFIQLVQTYNQLFEENPINASGVDAKAILSARLSKSRRLENLIAQLPGEKKNGLFGNL
IALSLGLTPNFKSNFDLAEDAKLQLSKDTYDDDLDNLLAQIGDQYADLFLAAKNLSDAILLSDILRVNTEITKAPLSASM
IKRYDEHHQDLTLLKALVRQQLPEKYKEIFFDQSKNGYAGYIDGGASQEEFYKFIKPILEKMDGTEELLVKLNREDLLRK
QRTFDNGSIPHQIHLGELHAILRRQEDFYPFLKDNREKIEKILTFRIPYYVGPLARGNSRFAWMTRKSEETITPWNFEEV
VDKGASAQSFIERMTNFDKNLPNEKVLPKHSLLYEYFTVYNELTKVKYVTEGMRKPAFLSGEQKKAIVDLLFKTNRKVTV
KQLKEDYFKKIECFDSVEISGVEDRFNASLGTYHDLLKIIKDKDFLDNEENEDILEDIVLTLTLFEDREMIEERLKTYAH
LFDDKVMKQLKRRRYTGWGRLSRKLINGIRDKQSGKTILDFLKSDGFANRNFMQLIHDDSLTFKEDIQKAQVSGQGDSLH
EHIANLAGSPAIKKGILQTVKVVDELVKVMGRHKPENIVIEMARENQTTQKGQKNSRERMKRIEEGIKELGSQILKEHPV
ENTQLQNEKLYLYYLQNGRDMYVDQELDINRLSDYDVDAIVPQSFLKDDSIDNKVLTRSDKNRGKSDNVPSEEVVKKMKN
YWRQLLNAKLITQRKFDNLTKAERGGLSELDKAGFIKRQLVETRQITKHVAQILDSRMNTKYDENDKLIREVKVITLKSK
LVSDFRKDFQFYKVREINNYHHAHDAYLNAVVGTALIKKYPKLESEFVYGDYKVYDVRKMIAKSEQEIGKATAKYFFYSN
IMNFFKTEITLANGEIRKRPLIETNGETGEIVWDKGRDFATVRKVLSMPQVNIVKKTEVQTGGFSKESILPKRNSDKLIA
RKKDWDPKKYGGFDSPTVAYSVLVVAKVEKGKSKKLKSVKELLGITIMERSSFEKNPIDFLEAKGYKEVKKDLIIKLPKY
SLFELENGRKRMLASAGELQKGNELALPSKYVNFLYLASHYEKLKGSPEDNEQKQLFVEQHKHYLDEIIEQISEFSKRVI
LADANLDKVLSAYNKHRDKPIREQAENIIHLFTLTNLGAPAAFKYFDTTIDRKRYTSTKEVLDATLIHQSITGLYETRID
LSQLGGD
;
A
2 'polypeptide(L)'
;TLNIEDEYRLHETSKEPDVSLGSTWLSDFPQAWAETGGMGLAVRQAPLIIPLKATSTPVSIKQYPMSQEARLGIKPHIQR
LLDQGILVPCQSPWNTPLLPVKKPGTNDYRPVQDLREVNKRVEDIHPTVPNPYNLLSGLPPSHQWYTVLDLKDAFFCLRL
HPTSQPLFAFEWRDPEMGISGQLTWTRLPQGFKNSPTLFNEALHRDLADFRIQHPDLILLQYVDDLLLAATSELDCQQGT
RALLQTLGNLGYRASAKKAQICQKQVKYLGYLLKEGQRWLTEARKETVMGQPTPKTPRQLREFLGKAGFCRLFIPGFAEM
AAPLYPLTKPGTLFNWGPDQQKAYQEIKQALLTAPALGLPDLTKPFELFVDEKQGYAKGVLTQKLGPWRRPVAYLSKKLD
PVAAGWPPCLRMVAAIAVLTKDAGKLTMGQPLVILAPHAVEALVKQPPDRWLSNARMTHYQALLLDTDRVQFGPVVALNP
ATLLPLPEEGLQHNCL
;
E
3 'polydeoxyribonucleotide'
;(DC)(DT)(DA)(DG)(DT)(DA)(DC)(DT)(DC)(DT)(DG)(DC)(DC)(DA)(DT)(DC)(DA)(DG)(DA)(DG)
(DC)(DA)(DA)(DG)(DC)(DA)(DC)(DT)(DA)(DC)(DG)(DG)(DC)(DC)(DG)(DA)(DT)(DT)(DG)(DC)
(DT)(DC)(DT)(DA)(DA)(DG)(DT)(DG)(DA)(DT)(DC)
;
C
4 'polydeoxyribonucleotide' (DT)(DG)(DA)(DT)(DG)(DG)(DC)(DA)(DG)(DA)(DG)(DT)(DA)(DC)(DT)(DA)(DG) D
5 'polyribonucleotide'
;GGCCGUAGUGCUUGCUCUGAGUUUUAGAGCUAGAAAUAGCAAGUUAAAAUAAGGCUAGUCCGUUAUCAACUUGAAAAAGU
GGCACCGAGUCGGUGCGCACAUCGUGCUCAGUCUG
;
B
6 'polydeoxyribonucleotide/polyribonucleotide hybrid'
;(DG)(DA)(DT)(DC)(DA)(DC)(DT)(DT)(DA)(DG)(DA)(DG)(DC)(DA)(DA)(DT)(DC)(DG)(DG)(DC)
(DC)(DC)(DA)(DG)(DA)(DC)(DT)(DG)(DA)(DG)(DC)(DA)(DC)(DG)(2DA)
;
F
#
# COMPACT_ATOMS: atom_id res chain seq x y z
N ASP A 1 0.52 18.91 22.48
CA ASP A 1 1.25 17.64 22.36
C ASP A 1 0.61 16.57 23.24
N LYS A 2 0.32 15.43 22.63
CA LYS A 2 -0.27 14.32 23.35
C LYS A 2 0.08 13.04 22.62
N LYS A 3 0.44 12.01 23.37
CA LYS A 3 0.75 10.72 22.77
C LYS A 3 -0.52 10.12 22.19
N TYR A 4 -0.43 9.62 20.96
CA TYR A 4 -1.59 9.10 20.26
C TYR A 4 -1.17 7.95 19.37
N SER A 5 -2.16 7.21 18.88
CA SER A 5 -1.92 6.07 18.02
C SER A 5 -2.87 6.12 16.84
N ILE A 6 -2.46 5.49 15.74
CA ILE A 6 -3.26 5.43 14.53
C ILE A 6 -3.61 3.98 14.26
N GLY A 7 -4.89 3.70 14.07
CA GLY A 7 -5.37 2.38 13.73
C GLY A 7 -5.92 2.38 12.32
N LEU A 8 -5.55 1.36 11.56
CA LEU A 8 -5.91 1.30 10.16
C LEU A 8 -6.50 -0.07 9.84
N ALA A 9 -7.49 -0.08 8.96
CA ALA A 9 -8.01 -1.30 8.37
C ALA A 9 -8.05 -1.10 6.87
N ILE A 10 -7.36 -1.97 6.14
CA ILE A 10 -7.21 -1.83 4.69
C ILE A 10 -8.10 -2.85 4.00
N GLY A 11 -8.93 -2.37 3.07
CA GLY A 11 -9.73 -3.23 2.23
C GLY A 11 -9.40 -3.00 0.76
N THR A 12 -10.02 -3.82 -0.09
CA THR A 12 -9.81 -3.65 -1.53
C THR A 12 -10.42 -2.35 -2.03
N ASN A 13 -11.50 -1.89 -1.40
CA ASN A 13 -12.16 -0.66 -1.82
C ASN A 13 -12.57 0.15 -0.60
N SER A 14 -11.74 0.15 0.45
CA SER A 14 -12.03 0.92 1.65
C SER A 14 -10.79 0.94 2.53
N VAL A 15 -10.56 2.08 3.18
CA VAL A 15 -9.46 2.24 4.12
C VAL A 15 -9.97 3.02 5.32
N GLY A 16 -10.20 2.33 6.44
CA GLY A 16 -10.64 2.99 7.65
C GLY A 16 -9.46 3.46 8.48
N TRP A 17 -9.67 4.53 9.23
CA TRP A 17 -8.61 5.09 10.05
C TRP A 17 -9.22 5.57 11.36
N ALA A 18 -8.37 5.69 12.37
CA ALA A 18 -8.80 6.14 13.68
C ALA A 18 -7.58 6.61 14.47
N VAL A 19 -7.74 7.71 15.18
CA VAL A 19 -6.71 8.21 16.08
C VAL A 19 -7.26 8.10 17.50
N ILE A 20 -6.50 7.46 18.38
CA ILE A 20 -6.92 7.30 19.77
C ILE A 20 -5.81 7.80 20.67
N THR A 21 -6.19 8.20 21.87
CA THR A 21 -5.26 8.66 22.88
C THR A 21 -4.93 7.50 23.82
N ASP A 22 -4.26 7.81 24.93
CA ASP A 22 -3.88 6.78 25.89
C ASP A 22 -5.10 6.10 26.50
N GLU A 23 -6.16 6.84 26.78
CA GLU A 23 -7.34 6.28 27.41
C GLU A 23 -8.31 5.67 26.40
N TYR A 24 -7.83 5.35 25.19
CA TYR A 24 -8.67 4.76 24.16
C TYR A 24 -9.86 5.65 23.81
N LYS A 25 -9.65 6.96 23.81
CA LYS A 25 -10.68 7.93 23.49
C LYS A 25 -10.33 8.63 22.19
N VAL A 26 -11.28 8.68 21.26
CA VAL A 26 -11.08 9.36 19.98
C VAL A 26 -11.14 10.87 20.20
N PRO A 27 -10.12 11.62 19.80
CA PRO A 27 -10.14 13.06 20.03
C PRO A 27 -11.14 13.79 19.14
N SER A 28 -11.21 15.11 19.27
CA SER A 28 -12.13 15.92 18.49
C SER A 28 -11.63 17.34 18.49
N LYS A 29 -11.44 17.94 17.32
CA LYS A 29 -10.95 19.30 17.23
C LYS A 29 -11.76 20.08 16.21
N LYS A 30 -11.80 21.40 16.39
CA LYS A 30 -12.41 22.28 15.42
C LYS A 30 -11.52 22.44 14.20
N PHE A 31 -12.12 22.45 13.02
CA PHE A 31 -11.40 22.56 11.76
C PHE A 31 -11.92 23.74 10.97
N LYS A 32 -11.01 24.58 10.51
CA LYS A 32 -11.40 25.76 9.75
C LYS A 32 -11.90 25.36 8.36
N VAL A 33 -12.94 26.03 7.88
CA VAL A 33 -13.50 25.79 6.56
C VAL A 33 -13.16 26.97 5.67
N LEU A 34 -12.56 26.69 4.52
CA LEU A 34 -12.25 27.73 3.55
C LEU A 34 -13.36 27.83 2.51
N GLY A 35 -13.41 28.97 1.83
CA GLY A 35 -14.40 29.19 0.81
C GLY A 35 -15.11 30.51 1.04
N ASN A 36 -16.15 30.75 0.23
CA ASN A 36 -16.92 31.99 0.33
C ASN A 36 -18.16 31.88 1.18
N THR A 37 -18.43 30.71 1.78
CA THR A 37 -19.63 30.59 2.59
C THR A 37 -19.41 31.26 3.95
N ASP A 38 -20.50 31.40 4.70
CA ASP A 38 -20.44 32.03 6.01
C ASP A 38 -19.94 31.08 7.10
N ARG A 39 -19.88 29.79 6.84
CA ARG A 39 -19.36 28.84 7.81
C ARG A 39 -17.84 28.91 7.79
N HIS A 40 -17.23 29.19 8.93
CA HIS A 40 -15.79 29.33 9.02
C HIS A 40 -15.12 28.29 9.89
N SER A 41 -15.89 27.41 10.54
CA SER A 41 -15.30 26.38 11.39
C SER A 41 -16.29 25.23 11.49
N ILE A 42 -15.75 24.06 11.80
CA ILE A 42 -16.58 22.87 11.92
C ILE A 42 -15.88 21.88 12.84
N LYS A 43 -16.66 21.21 13.67
CA LYS A 43 -16.15 20.25 14.64
C LYS A 43 -16.31 18.85 14.10
N LYS A 44 -15.23 18.05 14.15
CA LYS A 44 -15.28 16.68 13.68
C LYS A 44 -14.47 15.77 14.57
N ASN A 45 -14.84 14.48 14.59
CA ASN A 45 -14.07 13.47 15.30
C ASN A 45 -13.01 12.88 14.39
N LEU A 46 -11.93 12.43 15.00
CA LEU A 46 -10.83 11.83 14.27
C LEU A 46 -11.08 10.34 14.11
N ILE A 47 -12.08 10.03 13.30
CA ILE A 47 -12.51 8.67 13.00
C ILE A 47 -13.25 8.73 11.67
N GLY A 48 -12.95 7.77 10.79
CA GLY A 48 -13.60 7.78 9.49
C GLY A 48 -13.02 6.72 8.58
N ALA A 49 -13.39 6.82 7.30
CA ALA A 49 -12.95 5.85 6.31
C ALA A 49 -12.96 6.49 4.93
N LEU A 50 -12.14 5.94 4.05
CA LEU A 50 -12.03 6.40 2.68
C LEU A 50 -12.46 5.29 1.74
N LEU A 51 -13.41 5.59 0.86
CA LEU A 51 -13.93 4.62 -0.09
C LEU A 51 -13.49 4.98 -1.49
N PHE A 52 -13.10 3.98 -2.26
CA PHE A 52 -12.67 4.22 -3.63
C PHE A 52 -13.05 3.03 -4.49
N ASP A 53 -13.14 3.26 -5.79
CA ASP A 53 -13.43 2.17 -6.72
C ASP A 53 -12.24 1.24 -6.81
N SER A 54 -12.52 -0.05 -6.97
CA SER A 54 -11.44 -1.03 -7.01
C SER A 54 -10.59 -0.85 -8.25
N GLY A 55 -9.29 -1.07 -8.08
CA GLY A 55 -8.37 -1.01 -9.20
C GLY A 55 -8.54 -2.18 -10.14
N GLU A 56 -7.93 -2.06 -11.31
CA GLU A 56 -8.06 -3.04 -12.37
C GLU A 56 -6.69 -3.47 -12.86
N THR A 57 -6.65 -4.65 -13.44
CA THR A 57 -5.43 -5.16 -14.04
C THR A 57 -5.34 -4.73 -15.50
N ALA A 58 -4.14 -4.83 -16.05
CA ALA A 58 -3.89 -4.43 -17.43
C ALA A 58 -4.21 -5.52 -18.42
N GLU A 59 -4.98 -6.53 -18.01
CA GLU A 59 -5.28 -7.64 -18.91
C GLU A 59 -6.11 -7.18 -20.10
N ALA A 60 -7.18 -6.44 -19.83
CA ALA A 60 -8.04 -5.97 -20.92
C ALA A 60 -7.30 -5.03 -21.85
N THR A 61 -6.50 -4.13 -21.28
CA THR A 61 -5.72 -3.22 -22.10
C THR A 61 -4.73 -3.97 -22.97
N ARG A 62 -4.09 -5.00 -22.42
CA ARG A 62 -3.15 -5.79 -23.20
C ARG A 62 -3.85 -6.51 -24.33
N LEU A 63 -5.03 -7.07 -24.07
CA LEU A 63 -5.78 -7.74 -25.13
C LEU A 63 -6.17 -6.76 -26.23
N LYS A 64 -6.62 -5.57 -25.84
CA LYS A 64 -7.00 -4.57 -26.83
C LYS A 64 -5.80 -4.16 -27.67
N ARG A 65 -4.65 -3.99 -27.05
CA ARG A 65 -3.46 -3.59 -27.79
C ARG A 65 -3.07 -4.65 -28.81
N THR A 66 -3.11 -5.92 -28.41
CA THR A 66 -2.81 -7.00 -29.34
C THR A 66 -3.79 -7.04 -30.50
N ALA A 67 -5.08 -6.84 -30.22
CA ALA A 67 -6.07 -6.82 -31.30
C ALA A 67 -5.81 -5.70 -32.29
N ARG A 68 -5.45 -4.52 -31.77
CA ARG A 68 -5.14 -3.40 -32.65
C ARG A 68 -3.98 -3.75 -33.57
N ARG A 69 -2.92 -4.33 -33.00
CA ARG A 69 -1.77 -4.70 -33.80
C ARG A 69 -2.14 -5.73 -34.86
N ARG A 70 -3.00 -6.67 -34.51
CA ARG A 70 -3.41 -7.70 -35.46
C ARG A 70 -4.18 -7.10 -36.63
N TYR A 71 -5.11 -6.18 -36.37
CA TYR A 71 -5.84 -5.56 -37.47
C TYR A 71 -4.92 -4.77 -38.38
N THR A 72 -3.97 -4.05 -37.80
CA THR A 72 -3.01 -3.30 -38.62
C THR A 72 -2.23 -4.23 -39.52
N ARG A 73 -1.77 -5.35 -38.98
CA ARG A 73 -0.98 -6.28 -39.79
C ARG A 73 -1.81 -6.93 -40.89
N ARG A 74 -3.09 -7.23 -40.62
CA ARG A 74 -3.94 -7.80 -41.67
C ARG A 74 -4.13 -6.83 -42.83
N LYS A 75 -4.41 -5.57 -42.53
CA LYS A 75 -4.51 -4.59 -43.60
C LYS A 75 -3.21 -4.49 -44.37
N ASN A 76 -2.09 -4.60 -43.68
CA ASN A 76 -0.80 -4.57 -44.39
C ASN A 76 -0.64 -5.76 -45.33
N ARG A 77 -1.12 -6.94 -44.92
CA ARG A 77 -1.07 -8.09 -45.82
C ARG A 77 -1.85 -7.85 -47.10
N ILE A 78 -3.07 -7.32 -46.95
CA ILE A 78 -3.88 -7.03 -48.13
C ILE A 78 -3.20 -6.02 -49.01
N CYS A 79 -2.56 -5.02 -48.41
CA CYS A 79 -1.84 -4.01 -49.19
C CYS A 79 -0.68 -4.61 -49.94
N TYR A 80 0.04 -5.55 -49.34
CA TYR A 80 1.14 -6.22 -50.06
C TYR A 80 0.62 -6.96 -51.28
N LEU A 81 -0.49 -7.68 -51.12
CA LEU A 81 -1.04 -8.41 -52.26
C LEU A 81 -1.46 -7.44 -53.37
N GLN A 82 -2.09 -6.33 -52.99
CA GLN A 82 -2.48 -5.33 -53.97
C GLN A 82 -1.27 -4.75 -54.68
N GLU A 83 -0.19 -4.52 -53.95
CA GLU A 83 1.03 -4.01 -54.57
C GLU A 83 1.56 -4.98 -55.60
N ILE A 84 1.47 -6.29 -55.32
CA ILE A 84 1.90 -7.27 -56.31
C ILE A 84 1.03 -7.20 -57.56
N PHE A 85 -0.30 -7.11 -57.38
CA PHE A 85 -1.22 -7.17 -58.52
C PHE A 85 -1.40 -5.85 -59.26
N SER A 86 -0.88 -4.74 -58.74
CA SER A 86 -1.33 -3.42 -59.14
C SER A 86 -1.20 -3.17 -60.64
N ASN A 87 -0.06 -3.53 -61.23
CA ASN A 87 0.18 -3.19 -62.64
C ASN A 87 -0.82 -3.90 -63.55
N GLU A 88 -0.98 -5.21 -63.36
CA GLU A 88 -1.91 -5.95 -64.21
C GLU A 88 -3.36 -5.58 -63.93
N MET A 89 -3.70 -5.25 -62.68
CA MET A 89 -5.05 -4.80 -62.44
C MET A 89 -5.31 -3.45 -63.08
N ALA A 90 -4.31 -2.59 -63.15
CA ALA A 90 -4.48 -1.33 -63.86
C ALA A 90 -4.65 -1.56 -65.35
N LYS A 91 -3.96 -2.56 -65.90
CA LYS A 91 -4.18 -2.89 -67.31
C LYS A 91 -5.59 -3.43 -67.54
N VAL A 92 -6.10 -4.24 -66.62
CA VAL A 92 -7.38 -4.92 -66.86
C VAL A 92 -8.56 -4.01 -66.50
N ASP A 93 -8.68 -3.63 -65.23
CA ASP A 93 -9.77 -2.77 -64.76
C ASP A 93 -9.19 -1.81 -63.73
N ASP A 94 -8.99 -0.56 -64.15
CA ASP A 94 -8.20 0.37 -63.34
C ASP A 94 -8.87 0.73 -62.02
N SER A 95 -10.20 0.80 -61.98
CA SER A 95 -10.89 1.25 -60.80
C SER A 95 -11.28 0.11 -59.88
N PHE A 96 -10.70 -1.08 -60.07
CA PHE A 96 -11.12 -2.23 -59.27
C PHE A 96 -10.81 -2.04 -57.80
N PHE A 97 -9.58 -1.64 -57.48
CA PHE A 97 -9.21 -1.47 -56.08
C PHE A 97 -9.93 -0.30 -55.44
N HIS A 98 -10.14 0.77 -56.19
CA HIS A 98 -10.91 1.90 -55.68
C HIS A 98 -12.34 1.49 -55.37
N ARG A 99 -12.94 0.70 -56.25
CA ARG A 99 -14.28 0.19 -55.98
C ARG A 99 -14.28 -0.69 -54.75
N LEU A 100 -13.23 -1.48 -54.56
CA LEU A 100 -13.13 -2.33 -53.39
C LEU A 100 -13.07 -1.52 -52.11
N GLU A 101 -12.32 -0.41 -52.12
CA GLU A 101 -12.17 0.38 -50.90
C GLU A 101 -13.48 1.04 -50.49
N GLU A 102 -14.27 1.50 -51.45
CA GLU A 102 -15.49 2.24 -51.17
C GLU A 102 -16.73 1.36 -51.23
N SER A 103 -16.60 0.07 -50.96
CA SER A 103 -17.77 -0.78 -50.88
C SER A 103 -18.69 -0.35 -49.74
N PHE A 104 -18.11 0.00 -48.60
CA PHE A 104 -18.84 0.58 -47.48
C PHE A 104 -19.09 2.05 -47.77
N LEU A 105 -20.06 2.31 -48.65
CA LEU A 105 -20.44 3.68 -48.96
C LEU A 105 -21.81 3.65 -49.61
N VAL A 106 -22.65 4.62 -49.25
CA VAL A 106 -23.97 4.72 -49.84
C VAL A 106 -23.81 5.19 -51.29
N GLU A 107 -24.87 5.05 -52.08
CA GLU A 107 -24.77 5.32 -53.51
C GLU A 107 -24.37 6.76 -53.80
N GLU A 108 -24.92 7.73 -53.08
CA GLU A 108 -24.58 9.11 -53.37
C GLU A 108 -23.15 9.44 -52.96
N ASP A 109 -22.53 8.62 -52.12
CA ASP A 109 -21.18 8.88 -51.66
C ASP A 109 -20.11 8.21 -52.51
N LYS A 110 -20.44 7.11 -53.17
CA LYS A 110 -19.46 6.46 -54.05
C LYS A 110 -19.17 7.34 -55.24
N LYS A 111 -17.89 7.41 -55.62
CA LYS A 111 -17.50 8.07 -56.86
C LYS A 111 -17.37 7.09 -58.02
N HIS A 112 -17.64 5.80 -57.79
CA HIS A 112 -17.64 4.81 -58.87
C HIS A 112 -18.98 4.07 -58.88
N GLU A 113 -19.09 3.04 -59.70
CA GLU A 113 -20.31 2.24 -59.74
C GLU A 113 -20.50 1.44 -58.46
N ARG A 114 -21.76 1.22 -58.11
CA ARG A 114 -22.07 0.52 -56.86
C ARG A 114 -21.64 -0.94 -56.89
N HIS A 115 -21.74 -1.59 -58.04
CA HIS A 115 -21.31 -2.98 -58.12
C HIS A 115 -19.79 -3.06 -58.09
N PRO A 116 -19.20 -3.75 -57.12
CA PRO A 116 -17.76 -3.58 -56.87
C PRO A 116 -16.83 -4.43 -57.72
N ILE A 117 -17.28 -5.53 -58.30
CA ILE A 117 -16.36 -6.43 -58.97
C ILE A 117 -16.26 -6.09 -60.45
N PHE A 118 -17.37 -6.18 -61.17
CA PHE A 118 -17.35 -5.92 -62.60
C PHE A 118 -17.88 -4.54 -62.97
N GLY A 119 -18.69 -3.92 -62.12
CA GLY A 119 -19.17 -2.57 -62.36
C GLY A 119 -20.44 -2.44 -63.16
N ASN A 120 -21.01 -3.53 -63.65
CA ASN A 120 -22.29 -3.48 -64.35
C ASN A 120 -23.20 -4.58 -63.82
N ILE A 121 -24.49 -4.28 -63.80
CA ILE A 121 -25.45 -5.12 -63.09
C ILE A 121 -25.56 -6.49 -63.73
N VAL A 122 -25.50 -6.56 -65.06
CA VAL A 122 -25.63 -7.84 -65.74
C VAL A 122 -24.49 -8.77 -65.33
N ASP A 123 -23.25 -8.27 -65.39
CA ASP A 123 -22.09 -9.07 -65.03
C ASP A 123 -22.11 -9.43 -63.55
N GLU A 124 -22.51 -8.50 -62.69
CA GLU A 124 -22.55 -8.78 -61.25
C GLU A 124 -23.54 -9.90 -60.94
N VAL A 125 -24.74 -9.83 -61.50
CA VAL A 125 -25.73 -10.87 -61.25
C VAL A 125 -25.26 -12.20 -61.82
N ALA A 126 -24.68 -12.17 -63.02
CA ALA A 126 -24.19 -13.42 -63.61
C ALA A 126 -23.11 -14.05 -62.76
N TYR A 127 -22.17 -13.25 -62.25
CA TYR A 127 -21.12 -13.79 -61.40
C TYR A 127 -21.70 -14.38 -60.12
N HIS A 128 -22.65 -13.69 -59.51
CA HIS A 128 -23.21 -14.20 -58.26
C HIS A 128 -24.06 -15.44 -58.49
N GLU A 129 -24.66 -15.57 -59.67
CA GLU A 129 -25.36 -16.80 -60.01
C GLU A 129 -24.39 -17.95 -60.20
N LYS A 130 -23.27 -17.69 -60.88
CA LYS A 130 -22.31 -18.75 -61.16
C LYS A 130 -21.62 -19.22 -59.89
N TYR A 131 -21.23 -18.30 -59.01
CA TYR A 131 -20.54 -18.64 -57.76
C TYR A 131 -21.33 -18.08 -56.59
N PRO A 132 -22.27 -18.85 -56.04
CA PRO A 132 -23.02 -18.35 -54.87
C PRO A 132 -22.15 -18.05 -53.66
N THR A 133 -21.07 -18.79 -53.44
CA THR A 133 -20.15 -18.55 -52.34
C THR A 133 -18.73 -18.45 -52.87
N ILE A 134 -17.83 -17.94 -52.02
CA ILE A 134 -16.43 -17.81 -52.42
C ILE A 134 -15.79 -19.17 -52.59
N TYR A 135 -16.31 -20.19 -51.91
CA TYR A 135 -15.75 -21.52 -52.00
C TYR A 135 -15.99 -22.13 -53.37
N HIS A 136 -17.10 -21.79 -54.01
CA HIS A 136 -17.32 -22.22 -55.38
C HIS A 136 -16.22 -21.71 -56.30
N LEU A 137 -15.88 -20.43 -56.16
CA LEU A 137 -14.82 -19.84 -56.96
C LEU A 137 -13.47 -20.46 -56.64
N ARG A 138 -13.20 -20.70 -55.35
CA ARG A 138 -11.92 -21.28 -54.98
C ARG A 138 -11.76 -22.67 -55.56
N LYS A 139 -12.81 -23.50 -55.47
CA LYS A 139 -12.74 -24.83 -56.06
C LYS A 139 -12.61 -24.77 -57.57
N LYS A 140 -13.34 -23.87 -58.22
CA LYS A 140 -13.21 -23.75 -59.67
C LYS A 140 -11.80 -23.36 -60.06
N LEU A 141 -11.20 -22.42 -59.35
CA LEU A 141 -9.83 -22.02 -59.65
C LEU A 141 -8.85 -23.16 -59.42
N VAL A 142 -9.06 -23.94 -58.37
CA VAL A 142 -8.16 -25.05 -58.08
C VAL A 142 -8.25 -26.11 -59.17
N ASP A 143 -9.46 -26.45 -59.60
CA ASP A 143 -9.62 -27.60 -60.48
C ASP A 143 -9.52 -27.28 -61.96
N SER A 144 -10.16 -26.21 -62.43
CA SER A 144 -10.16 -25.91 -63.86
C SER A 144 -8.77 -25.56 -64.35
N THR A 145 -8.52 -25.79 -65.63
CA THR A 145 -7.21 -25.57 -66.21
C THR A 145 -7.14 -24.40 -67.18
N ASP A 146 -8.27 -23.85 -67.60
CA ASP A 146 -8.27 -22.75 -68.57
C ASP A 146 -8.03 -21.42 -67.88
N LYS A 147 -7.96 -20.36 -68.69
CA LYS A 147 -7.72 -19.02 -68.19
C LYS A 147 -8.85 -18.56 -67.27
N ALA A 148 -8.50 -17.80 -66.25
CA ALA A 148 -9.46 -17.24 -65.31
C ALA A 148 -9.31 -15.74 -65.26
N ASP A 149 -10.40 -15.05 -64.93
CA ASP A 149 -10.38 -13.61 -64.86
C ASP A 149 -9.49 -13.15 -63.71
N LEU A 150 -8.70 -12.11 -63.98
CA LEU A 150 -7.72 -11.65 -62.99
C LEU A 150 -8.38 -11.15 -61.72
N ARG A 151 -9.53 -10.48 -61.84
CA ARG A 151 -10.22 -10.04 -60.64
C ARG A 151 -10.67 -11.21 -59.79
N LEU A 152 -11.12 -12.30 -60.43
CA LEU A 152 -11.51 -13.49 -59.69
C LEU A 152 -10.31 -14.12 -58.99
N ILE A 153 -9.17 -14.16 -59.67
CA ILE A 153 -7.96 -14.68 -59.04
C ILE A 153 -7.61 -13.85 -57.82
N TYR A 154 -7.65 -12.52 -57.96
CA TYR A 154 -7.34 -11.67 -56.84
C TYR A 154 -8.31 -11.89 -55.69
N LEU A 155 -9.59 -12.06 -55.98
CA LEU A 155 -10.57 -12.26 -54.92
C LEU A 155 -10.29 -13.54 -54.15
N ALA A 156 -10.00 -14.64 -54.85
CA ALA A 156 -9.72 -15.89 -54.16
C ALA A 156 -8.47 -15.77 -53.31
N LEU A 157 -7.39 -15.22 -53.89
CA LEU A 157 -6.15 -15.08 -53.14
C LEU A 157 -6.34 -14.17 -51.94
N ALA A 158 -7.10 -13.10 -52.09
CA ALA A 158 -7.32 -12.17 -51.01
C ALA A 158 -8.10 -12.82 -49.87
N HIS A 159 -9.11 -13.61 -50.20
CA HIS A 159 -9.84 -14.31 -49.15
C HIS A 159 -8.91 -15.24 -48.39
N MET A 160 -8.10 -16.01 -49.12
CA MET A 160 -7.19 -16.96 -48.48
C MET A 160 -6.18 -16.25 -47.59
N ILE A 161 -5.62 -15.14 -48.06
CA ILE A 161 -4.61 -14.42 -47.29
C ILE A 161 -5.23 -13.72 -46.10
N LYS A 162 -6.41 -13.14 -46.27
CA LYS A 162 -7.06 -12.44 -45.17
C LYS A 162 -7.43 -13.39 -44.04
N PHE A 163 -7.95 -14.57 -44.38
CA PHE A 163 -8.34 -15.56 -43.37
C PHE A 163 -7.46 -16.79 -43.55
N ARG A 164 -6.33 -16.83 -42.84
CA ARG A 164 -5.31 -17.84 -43.04
C ARG A 164 -5.64 -19.15 -42.31
N GLY A 165 -5.74 -19.10 -40.99
CA GLY A 165 -5.89 -20.28 -40.18
C GLY A 165 -4.82 -20.34 -39.10
N HIS A 166 -5.05 -21.24 -38.15
CA HIS A 166 -4.18 -21.31 -36.98
C HIS A 166 -2.82 -21.91 -37.33
N PHE A 167 -1.81 -21.50 -36.57
CA PHE A 167 -0.45 -21.99 -36.73
C PHE A 167 -0.06 -23.00 -35.66
N LEU A 168 -1.03 -23.74 -35.12
CA LEU A 168 -0.74 -24.69 -34.05
C LEU A 168 0.15 -25.83 -34.54
N ILE A 169 -0.08 -26.29 -35.76
CA ILE A 169 0.67 -27.41 -36.31
C ILE A 169 1.86 -26.88 -37.09
N GLU A 170 3.04 -27.37 -36.76
CA GLU A 170 4.27 -26.97 -37.45
C GLU A 170 4.64 -28.02 -38.49
N GLY A 171 5.42 -27.61 -39.47
CA GLY A 171 5.83 -28.51 -40.53
C GLY A 171 5.01 -28.38 -41.80
N ASP A 172 4.67 -29.51 -42.40
CA ASP A 172 3.90 -29.54 -43.64
C ASP A 172 2.77 -30.54 -43.51
N LEU A 173 1.66 -30.26 -44.19
CA LEU A 173 0.49 -31.13 -44.18
C LEU A 173 0.14 -31.52 -45.60
N ASN A 174 -0.09 -32.81 -45.81
CA ASN A 174 -0.54 -33.32 -47.10
C ASN A 174 -2.01 -33.71 -47.00
N PRO A 175 -2.92 -32.98 -47.64
CA PRO A 175 -4.36 -33.28 -47.48
C PRO A 175 -4.76 -34.63 -48.06
N ASP A 176 -3.93 -35.24 -48.90
CA ASP A 176 -4.31 -36.50 -49.53
C ASP A 176 -4.53 -37.61 -48.52
N ASN A 177 -3.82 -37.57 -47.40
CA ASN A 177 -4.01 -38.55 -46.33
C ASN A 177 -5.33 -38.27 -45.63
N SER A 178 -6.38 -39.00 -46.03
CA SER A 178 -7.70 -38.80 -45.45
C SER A 178 -8.28 -40.05 -44.82
N ASP A 179 -8.07 -41.22 -45.43
CA ASP A 179 -8.59 -42.45 -44.85
C ASP A 179 -7.82 -42.84 -43.60
N VAL A 180 -8.54 -43.16 -42.53
CA VAL A 180 -7.90 -43.57 -41.29
C VAL A 180 -7.63 -45.07 -41.29
N ASP A 181 -8.61 -45.87 -41.69
CA ASP A 181 -8.46 -47.32 -41.67
C ASP A 181 -7.38 -47.78 -42.64
N LYS A 182 -7.36 -47.19 -43.84
CA LYS A 182 -6.35 -47.59 -44.83
C LYS A 182 -4.95 -47.31 -44.33
N LEU A 183 -4.74 -46.13 -43.72
CA LEU A 183 -3.42 -45.78 -43.23
C LEU A 183 -3.04 -46.62 -42.02
N PHE A 184 -4.02 -46.94 -41.17
CA PHE A 184 -3.75 -47.83 -40.04
C PHE A 184 -3.32 -49.21 -40.54
N ILE A 185 -3.99 -49.71 -41.57
CA ILE A 185 -3.64 -51.00 -42.16
C ILE A 185 -2.25 -50.95 -42.77
N GLN A 186 -1.92 -49.85 -43.46
CA GLN A 186 -0.61 -49.71 -44.05
C GLN A 186 0.48 -49.69 -42.97
N LEU A 187 0.21 -48.99 -41.87
CA LEU A 187 1.16 -48.95 -40.77
C LEU A 187 1.36 -50.34 -40.17
N VAL A 188 0.27 -51.09 -39.99
CA VAL A 188 0.38 -52.45 -39.47
C VAL A 188 1.17 -53.32 -40.42
N GLN A 189 0.95 -53.16 -41.72
CA GLN A 189 1.69 -53.95 -42.70
C GLN A 189 3.18 -53.67 -42.63
N THR A 190 3.56 -52.38 -42.55
CA THR A 190 4.97 -52.03 -42.44
C THR A 190 5.56 -52.56 -41.14
N TYR A 191 4.81 -52.47 -40.04
CA TYR A 191 5.30 -52.98 -38.76
C TYR A 191 5.54 -54.48 -38.83
N ASN A 192 4.61 -55.22 -39.44
CA ASN A 192 4.79 -56.66 -39.57
C ASN A 192 5.96 -56.99 -40.50
N GLN A 193 6.13 -56.21 -41.57
CA GLN A 193 7.24 -56.46 -42.49
C GLN A 193 8.59 -56.24 -41.82
N LEU A 194 8.70 -55.18 -41.01
CA LEU A 194 9.97 -54.94 -40.33
C LEU A 194 10.18 -55.91 -39.18
N PHE A 195 9.28 -55.88 -38.20
CA PHE A 195 9.36 -56.75 -37.03
C PHE A 195 8.76 -58.10 -37.41
N GLU A 196 9.57 -58.92 -38.08
CA GLU A 196 9.09 -60.20 -38.58
C GLU A 196 8.96 -61.23 -37.47
N GLU A 197 9.84 -61.17 -36.47
CA GLU A 197 9.84 -62.18 -35.42
C GLU A 197 8.53 -62.17 -34.62
N ASN A 198 8.00 -60.99 -34.33
CA ASN A 198 6.79 -60.84 -33.54
C ASN A 198 5.80 -59.98 -34.33
N PRO A 199 5.10 -60.57 -35.29
CA PRO A 199 4.13 -59.81 -36.08
C PRO A 199 2.94 -59.38 -35.22
N ILE A 200 2.29 -58.32 -35.67
CA ILE A 200 1.16 -57.72 -34.96
C ILE A 200 -0.09 -57.88 -35.81
N ASN A 201 -1.16 -58.38 -35.21
CA ASN A 201 -2.44 -58.55 -35.87
C ASN A 201 -3.44 -57.54 -35.31
N ALA A 202 -4.12 -56.83 -36.20
CA ALA A 202 -5.10 -55.82 -35.81
C ALA A 202 -6.41 -55.97 -36.56
N SER A 203 -6.62 -57.11 -37.21
CA SER A 203 -7.85 -57.32 -37.97
C SER A 203 -9.04 -57.38 -37.02
N GLY A 204 -10.19 -56.93 -37.53
CA GLY A 204 -11.39 -56.93 -36.73
C GLY A 204 -11.44 -55.87 -35.67
N VAL A 205 -10.64 -54.81 -35.81
CA VAL A 205 -10.59 -53.71 -34.83
C VAL A 205 -11.05 -52.44 -35.53
N ASP A 206 -12.02 -51.75 -34.93
CA ASP A 206 -12.55 -50.52 -35.48
C ASP A 206 -11.55 -49.39 -35.21
N ALA A 207 -10.50 -49.36 -36.03
CA ALA A 207 -9.44 -48.39 -35.83
C ALA A 207 -9.94 -46.97 -36.02
N LYS A 208 -10.79 -46.74 -37.02
CA LYS A 208 -11.31 -45.40 -37.26
C LYS A 208 -12.10 -44.90 -36.07
N ALA A 209 -13.04 -45.69 -35.57
CA ALA A 209 -13.85 -45.27 -34.43
C ALA A 209 -13.00 -45.09 -33.18
N ILE A 210 -12.04 -46.00 -32.96
CA ILE A 210 -11.22 -45.93 -31.76
C ILE A 210 -10.36 -44.68 -31.77
N LEU A 211 -9.68 -44.42 -32.90
CA LEU A 211 -8.75 -43.31 -32.97
C LEU A 211 -9.46 -41.97 -33.10
N SER A 212 -10.61 -41.94 -33.77
CA SER A 212 -11.37 -40.72 -33.96
C SER A 212 -12.43 -40.53 -32.90
N ALA A 213 -12.25 -41.13 -31.72
CA ALA A 213 -13.22 -40.97 -30.65
C ALA A 213 -13.16 -39.56 -30.08
N ARG A 214 -14.27 -39.15 -29.46
CA ARG A 214 -14.34 -37.83 -28.87
C ARG A 214 -13.73 -37.76 -27.48
N LEU A 215 -13.25 -38.89 -26.96
CA LEU A 215 -12.61 -38.92 -25.65
C LEU A 215 -11.22 -38.29 -25.73
N SER A 216 -10.50 -38.35 -24.62
CA SER A 216 -9.16 -37.80 -24.58
C SER A 216 -8.20 -38.66 -25.41
N LYS A 217 -7.07 -38.07 -25.77
CA LYS A 217 -6.06 -38.81 -26.53
C LYS A 217 -5.52 -39.97 -25.72
N SER A 218 -5.29 -39.76 -24.42
CA SER A 218 -4.81 -40.85 -23.57
C SER A 218 -5.85 -41.96 -23.48
N ARG A 219 -7.13 -41.60 -23.34
CA ARG A 219 -8.18 -42.61 -23.28
C ARG A 219 -8.27 -43.39 -24.59
N ARG A 220 -8.15 -42.69 -25.72
CA ARG A 220 -8.17 -43.37 -27.02
C ARG A 220 -6.98 -44.32 -27.16
N LEU A 221 -5.80 -43.88 -26.73
CA LEU A 221 -4.63 -44.74 -26.77
C LEU A 221 -4.82 -45.97 -25.90
N GLU A 222 -5.38 -45.79 -24.70
CA GLU A 222 -5.63 -46.92 -23.82
C GLU A 222 -6.63 -47.88 -24.44
N ASN A 223 -7.68 -47.36 -25.07
CA ASN A 223 -8.66 -48.21 -25.72
C ASN A 223 -8.04 -49.01 -26.86
N LEU A 224 -7.21 -48.35 -27.68
CA LEU A 224 -6.56 -49.04 -28.78
C LEU A 224 -5.61 -50.11 -28.26
N ILE A 225 -4.88 -49.82 -27.18
CA ILE A 225 -3.99 -50.80 -26.58
C ILE A 225 -4.78 -52.00 -26.08
N ALA A 226 -5.89 -51.74 -25.40
CA ALA A 226 -6.71 -52.83 -24.88
C ALA A 226 -7.28 -53.69 -26.00
N GLN A 227 -7.72 -53.06 -27.09
CA GLN A 227 -8.32 -53.76 -28.21
C GLN A 227 -7.26 -54.24 -29.21
N LEU A 228 -6.01 -54.33 -28.81
CA LEU A 228 -4.94 -54.78 -29.68
C LEU A 228 -4.09 -55.80 -28.95
N PRO A 229 -3.96 -57.03 -29.45
CA PRO A 229 -3.10 -58.02 -28.80
C PRO A 229 -1.67 -57.97 -29.31
N GLY A 230 -0.77 -58.54 -28.51
CA GLY A 230 0.63 -58.60 -28.85
C GLY A 230 1.46 -57.43 -28.40
N GLU A 231 0.85 -56.38 -27.86
CA GLU A 231 1.58 -55.22 -27.38
C GLU A 231 0.71 -54.48 -26.38
N LYS A 232 1.36 -53.63 -25.58
CA LYS A 232 0.68 -52.80 -24.61
C LYS A 232 1.34 -51.42 -24.60
N LYS A 233 1.02 -50.63 -23.58
CA LYS A 233 1.62 -49.32 -23.45
C LYS A 233 3.12 -49.43 -23.23
N ASN A 234 3.84 -48.41 -23.69
CA ASN A 234 5.31 -48.28 -23.62
C ASN A 234 6.03 -49.26 -24.53
N GLY A 235 5.31 -50.08 -25.29
CA GLY A 235 5.93 -50.90 -26.30
C GLY A 235 6.22 -50.09 -27.55
N LEU A 236 6.85 -50.74 -28.52
CA LEU A 236 7.16 -50.07 -29.78
C LEU A 236 5.89 -49.68 -30.52
N PHE A 237 4.95 -50.62 -30.67
CA PHE A 237 3.71 -50.32 -31.37
C PHE A 237 2.88 -49.30 -30.61
N GLY A 238 2.84 -49.41 -29.28
CA GLY A 238 2.12 -48.43 -28.49
C GLY A 238 2.71 -47.03 -28.62
N ASN A 239 4.04 -46.93 -28.63
CA ASN A 239 4.68 -45.64 -28.81
C ASN A 239 4.40 -45.08 -30.19
N LEU A 240 4.42 -45.93 -31.22
CA LEU A 240 4.07 -45.46 -32.57
C LEU A 240 2.65 -44.93 -32.61
N ILE A 241 1.72 -45.64 -31.98
CA ILE A 241 0.32 -45.20 -31.97
C ILE A 241 0.19 -43.88 -31.23
N ALA A 242 0.88 -43.74 -30.09
CA ALA A 242 0.82 -42.50 -29.34
C ALA A 242 1.40 -41.33 -30.14
N LEU A 243 2.52 -41.55 -30.82
CA LEU A 243 3.10 -40.50 -31.65
C LEU A 243 2.15 -40.10 -32.77
N SER A 244 1.50 -41.08 -33.39
CA SER A 244 0.54 -40.75 -34.46
C SER A 244 -0.64 -39.96 -33.91
N LEU A 245 -1.15 -40.35 -32.75
CA LEU A 245 -2.33 -39.67 -32.21
C LEU A 245 -1.98 -38.35 -31.52
N GLY A 246 -0.69 -38.06 -31.34
CA GLY A 246 -0.24 -36.76 -30.85
C GLY A 246 0.52 -36.81 -29.54
N LEU A 247 0.40 -37.88 -28.78
CA LEU A 247 1.14 -37.98 -27.53
C LEU A 247 2.64 -38.10 -27.82
N THR A 248 3.44 -37.73 -26.82
CA THR A 248 4.89 -37.78 -26.96
C THR A 248 5.43 -39.04 -26.29
N PRO A 249 5.85 -40.04 -27.05
CA PRO A 249 6.38 -41.27 -26.44
C PRO A 249 7.90 -41.23 -26.30
N ASN A 250 8.39 -42.04 -25.38
CA ASN A 250 9.82 -42.20 -25.15
C ASN A 250 10.27 -43.50 -25.80
N PHE A 251 11.06 -43.39 -26.87
CA PHE A 251 11.55 -44.55 -27.60
C PHE A 251 12.80 -45.17 -26.98
N LYS A 252 13.17 -44.76 -25.76
CA LYS A 252 14.36 -45.30 -25.14
C LYS A 252 14.24 -46.80 -24.90
N SER A 253 13.10 -47.24 -24.39
CA SER A 253 12.94 -48.66 -24.06
C SER A 253 12.83 -49.54 -25.29
N ASN A 254 12.37 -48.98 -26.43
CA ASN A 254 12.18 -49.79 -27.62
C ASN A 254 13.50 -50.30 -28.18
N PHE A 255 14.53 -49.46 -28.19
CA PHE A 255 15.82 -49.84 -28.75
C PHE A 255 16.96 -49.80 -27.74
N ASP A 256 16.66 -49.65 -26.46
CA ASP A 256 17.67 -49.59 -25.40
C ASP A 256 18.71 -48.52 -25.69
N LEU A 257 18.23 -47.34 -26.06
CA LEU A 257 19.11 -46.24 -26.46
C LEU A 257 19.80 -45.57 -25.29
N ALA A 258 19.27 -45.73 -24.08
CA ALA A 258 19.73 -45.12 -22.83
C ALA A 258 19.54 -43.60 -22.84
N GLU A 259 18.96 -43.03 -23.89
CA GLU A 259 18.60 -41.62 -23.92
C GLU A 259 17.14 -41.49 -24.31
N ASP A 260 16.51 -40.40 -23.86
CA ASP A 260 15.08 -40.24 -24.01
C ASP A 260 14.64 -40.31 -25.48
N ALA A 261 15.26 -39.50 -26.33
CA ALA A 261 14.96 -39.48 -27.75
C ALA A 261 13.47 -39.31 -28.02
N LYS A 262 12.84 -38.44 -27.25
CA LYS A 262 11.41 -38.19 -27.41
C LYS A 262 11.14 -37.44 -28.70
N LEU A 263 10.08 -37.84 -29.39
CA LEU A 263 9.67 -37.22 -30.64
C LEU A 263 8.25 -36.71 -30.51
N GLN A 264 8.04 -35.44 -30.83
CA GLN A 264 6.71 -34.86 -30.93
C GLN A 264 6.44 -34.52 -32.38
N LEU A 265 5.31 -34.98 -32.90
CA LEU A 265 5.07 -34.91 -34.33
C LEU A 265 4.72 -33.49 -34.80
N SER A 266 4.04 -32.72 -33.97
CA SER A 266 3.67 -31.36 -34.33
C SER A 266 4.76 -30.34 -34.07
N LYS A 267 5.83 -30.71 -33.37
CA LYS A 267 6.88 -29.76 -33.07
C LYS A 267 7.72 -29.49 -34.30
N ASP A 268 8.38 -28.33 -34.31
CA ASP A 268 9.22 -27.96 -35.45
C ASP A 268 10.47 -28.84 -35.48
N THR A 269 10.99 -29.22 -34.33
CA THR A 269 12.21 -30.00 -34.22
C THR A 269 11.99 -31.48 -34.50
N TYR A 270 10.83 -31.87 -35.03
CA TYR A 270 10.58 -33.29 -35.25
C TYR A 270 11.55 -33.87 -36.26
N ASP A 271 11.86 -33.12 -37.32
CA ASP A 271 12.76 -33.64 -38.33
C ASP A 271 14.15 -33.92 -37.75
N ASP A 272 14.67 -32.97 -36.96
CA ASP A 272 15.97 -33.18 -36.34
C ASP A 272 15.94 -34.34 -35.35
N ASP A 273 14.87 -34.43 -34.54
CA ASP A 273 14.77 -35.53 -33.59
C ASP A 273 14.72 -36.88 -34.32
N LEU A 274 13.97 -36.94 -35.41
CA LEU A 274 13.88 -38.18 -36.18
C LEU A 274 15.22 -38.51 -36.82
N ASP A 275 15.94 -37.50 -37.31
CA ASP A 275 17.25 -37.75 -37.90
C ASP A 275 18.22 -38.30 -36.86
N ASN A 276 18.21 -37.71 -35.65
CA ASN A 276 19.08 -38.22 -34.60
C ASN A 276 18.71 -39.64 -34.20
N LEU A 277 17.41 -39.93 -34.07
CA LEU A 277 16.99 -41.27 -33.70
C LEU A 277 17.37 -42.28 -34.78
N LEU A 278 17.20 -41.91 -36.05
CA LEU A 278 17.57 -42.81 -37.14
C LEU A 278 19.07 -43.05 -37.17
N ALA A 279 19.87 -42.01 -36.95
CA ALA A 279 21.31 -42.21 -36.85
C ALA A 279 21.66 -43.10 -35.67
N GLN A 280 20.86 -43.07 -34.61
CA GLN A 280 21.14 -43.91 -33.45
C GLN A 280 20.83 -45.38 -33.74
N ILE A 281 19.68 -45.65 -34.36
CA ILE A 281 19.26 -47.05 -34.51
C ILE A 281 19.58 -47.59 -35.89
N GLY A 282 19.00 -46.98 -36.93
CA GLY A 282 19.17 -47.49 -38.27
C GLY A 282 18.21 -46.80 -39.22
N ASP A 283 18.37 -47.14 -40.50
CA ASP A 283 17.59 -46.53 -41.57
C ASP A 283 16.36 -47.33 -41.95
N GLN A 284 16.09 -48.46 -41.28
CA GLN A 284 14.96 -49.29 -41.64
C GLN A 284 13.67 -48.88 -40.95
N TYR A 285 13.71 -47.95 -40.00
CA TYR A 285 12.51 -47.49 -39.33
C TYR A 285 11.93 -46.23 -39.97
N ALA A 286 12.56 -45.72 -41.02
CA ALA A 286 12.07 -44.52 -41.68
C ALA A 286 10.69 -44.76 -42.28
N ASP A 287 10.47 -45.94 -42.84
CA ASP A 287 9.15 -46.26 -43.40
C ASP A 287 8.09 -46.26 -42.31
N LEU A 288 8.40 -46.85 -41.16
CA LEU A 288 7.43 -46.87 -40.06
C LEU A 288 7.13 -45.46 -39.58
N PHE A 289 8.15 -44.62 -39.42
CA PHE A 289 7.91 -43.26 -38.97
C PHE A 289 7.12 -42.45 -39.99
N LEU A 290 7.40 -42.64 -41.28
CA LEU A 290 6.64 -41.95 -42.32
C LEU A 290 5.18 -42.42 -42.31
N ALA A 291 4.96 -43.71 -42.10
CA ALA A 291 3.59 -44.20 -42.00
C ALA A 291 2.88 -43.58 -40.80
N ALA A 292 3.59 -43.43 -39.68
CA ALA A 292 3.00 -42.79 -38.52
C ALA A 292 2.66 -41.33 -38.81
N LYS A 293 3.52 -40.65 -39.56
CA LYS A 293 3.25 -39.26 -39.92
C LYS A 293 2.00 -39.16 -40.80
N ASN A 294 1.88 -40.04 -41.79
CA ASN A 294 0.69 -40.03 -42.63
C ASN A 294 -0.56 -40.33 -41.83
N LEU A 295 -0.47 -41.29 -40.91
CA LEU A 295 -1.62 -41.60 -40.06
C LEU A 295 -2.01 -40.41 -39.19
N SER A 296 -1.01 -39.68 -38.67
CA SER A 296 -1.31 -38.49 -37.88
C SER A 296 -2.01 -37.44 -38.72
N ASP A 297 -1.52 -37.22 -39.94
CA ASP A 297 -2.17 -36.25 -40.82
C ASP A 297 -3.61 -36.63 -41.09
N ALA A 298 -3.84 -37.91 -41.39
CA ALA A 298 -5.21 -38.36 -41.63
C ALA A 298 -6.08 -38.19 -40.40
N ILE A 299 -5.55 -38.51 -39.23
CA ILE A 299 -6.32 -38.40 -37.99
C ILE A 299 -6.72 -36.96 -37.75
N LEU A 300 -5.79 -36.03 -37.92
CA LEU A 300 -6.12 -34.64 -37.63
C LEU A 300 -7.00 -34.02 -38.70
N LEU A 301 -6.91 -34.50 -39.94
CA LEU A 301 -7.71 -33.88 -41.00
C LEU A 301 -9.12 -34.43 -41.04
N SER A 302 -9.29 -35.73 -40.79
CA SER A 302 -10.60 -36.36 -40.96
C SER A 302 -11.63 -35.74 -40.02
N ASP A 303 -11.19 -35.18 -38.90
CA ASP A 303 -12.11 -34.55 -37.98
C ASP A 303 -12.64 -33.22 -38.51
N ILE A 304 -12.04 -32.68 -39.56
CA ILE A 304 -12.39 -31.36 -40.08
C ILE A 304 -12.95 -31.44 -41.50
N LEU A 305 -12.19 -32.03 -42.42
CA LEU A 305 -12.60 -32.04 -43.82
C LEU A 305 -13.88 -32.84 -44.02
N ARG A 306 -13.91 -34.08 -43.56
CA ARG A 306 -15.09 -34.94 -43.64
C ARG A 306 -15.63 -35.00 -45.06
N VAL A 307 -14.72 -35.14 -46.04
CA VAL A 307 -15.10 -35.21 -47.44
C VAL A 307 -14.05 -36.01 -48.18
N ASN A 308 -14.42 -36.51 -49.36
CA ASN A 308 -13.51 -37.30 -50.18
C ASN A 308 -12.56 -36.38 -50.93
N THR A 309 -11.25 -36.59 -50.75
CA THR A 309 -10.22 -35.77 -51.36
C THR A 309 -9.54 -36.45 -52.53
N GLU A 310 -10.05 -37.60 -52.98
CA GLU A 310 -9.44 -38.34 -54.09
C GLU A 310 -9.78 -37.79 -55.45
N ILE A 311 -10.77 -36.90 -55.55
CA ILE A 311 -11.20 -36.36 -56.83
C ILE A 311 -10.92 -34.87 -56.97
N THR A 312 -10.55 -34.18 -55.89
CA THR A 312 -10.32 -32.75 -55.94
C THR A 312 -9.09 -32.40 -55.13
N LYS A 313 -8.43 -31.32 -55.53
CA LYS A 313 -7.27 -30.80 -54.80
C LYS A 313 -7.65 -29.73 -53.79
N ALA A 314 -8.93 -29.47 -53.56
CA ALA A 314 -9.40 -28.49 -52.61
C ALA A 314 -10.37 -29.15 -51.65
N PRO A 315 -9.88 -29.95 -50.72
CA PRO A 315 -10.79 -30.64 -49.80
C PRO A 315 -11.61 -29.72 -48.92
N LEU A 316 -11.04 -28.60 -48.47
CA LEU A 316 -11.80 -27.68 -47.63
C LEU A 316 -12.90 -26.99 -48.43
N SER A 317 -12.58 -26.51 -49.62
CA SER A 317 -13.58 -25.88 -50.46
C SER A 317 -14.67 -26.87 -50.84
N ALA A 318 -14.29 -28.12 -51.13
CA ALA A 318 -15.29 -29.13 -51.43
C ALA A 318 -16.19 -29.39 -50.24
N SER A 319 -15.63 -29.41 -49.03
CA SER A 319 -16.44 -29.59 -47.83
C SER A 319 -17.42 -28.45 -47.64
N MET A 320 -16.96 -27.21 -47.86
CA MET A 320 -17.86 -26.07 -47.74
C MET A 320 -18.95 -26.11 -48.79
N ILE A 321 -18.62 -26.53 -50.02
CA ILE A 321 -19.64 -26.61 -51.05
C ILE A 321 -20.67 -27.68 -50.71
N LYS A 322 -20.23 -28.83 -50.20
CA LYS A 322 -21.20 -29.85 -49.81
C LYS A 322 -22.04 -29.37 -48.64
N ARG A 323 -21.46 -28.56 -47.75
CA ARG A 323 -22.26 -27.96 -46.68
C ARG A 323 -23.33 -27.03 -47.25
N TYR A 324 -22.96 -26.25 -48.26
CA TYR A 324 -23.92 -25.39 -48.94
C TYR A 324 -25.05 -26.20 -49.56
N ASP A 325 -24.70 -27.29 -50.24
CA ASP A 325 -25.72 -28.10 -50.89
C ASP A 325 -26.64 -28.78 -49.88
N GLU A 326 -26.08 -29.30 -48.79
CA GLU A 326 -26.93 -29.90 -47.77
C GLU A 326 -27.85 -28.86 -47.15
N HIS A 327 -27.33 -27.66 -46.92
CA HIS A 327 -28.17 -26.58 -46.40
C HIS A 327 -29.32 -26.31 -47.35
N HIS A 328 -29.04 -26.22 -48.64
CA HIS A 328 -30.11 -25.94 -49.60
C HIS A 328 -31.16 -27.03 -49.63
N GLN A 329 -30.73 -28.29 -49.68
CA GLN A 329 -31.70 -29.39 -49.74
C GLN A 329 -32.54 -29.46 -48.48
N ASP A 330 -31.91 -29.32 -47.32
CA ASP A 330 -32.67 -29.33 -46.08
C ASP A 330 -33.64 -28.16 -46.01
N LEU A 331 -33.22 -26.99 -46.50
CA LEU A 331 -34.11 -25.84 -46.49
C LEU A 331 -35.34 -26.09 -47.36
N THR A 332 -35.15 -26.65 -48.56
CA THR A 332 -36.30 -26.95 -49.40
C THR A 332 -37.21 -27.97 -48.75
N LEU A 333 -36.64 -29.01 -48.16
CA LEU A 333 -37.47 -30.03 -47.52
C LEU A 333 -38.25 -29.46 -46.36
N LEU A 334 -37.62 -28.61 -45.55
CA LEU A 334 -38.30 -28.01 -44.42
C LEU A 334 -39.41 -27.08 -44.87
N LYS A 335 -39.17 -26.29 -45.92
CA LYS A 335 -40.21 -25.42 -46.43
C LYS A 335 -41.42 -26.23 -46.87
N ALA A 336 -41.18 -27.30 -47.64
CA ALA A 336 -42.29 -28.11 -48.12
C ALA A 336 -43.04 -28.77 -46.96
N LEU A 337 -42.30 -29.32 -45.99
CA LEU A 337 -42.96 -30.02 -44.88
C LEU A 337 -43.79 -29.06 -44.03
N VAL A 338 -43.25 -27.89 -43.73
CA VAL A 338 -43.99 -26.92 -42.92
C VAL A 338 -45.24 -26.47 -43.67
N ARG A 339 -45.10 -26.19 -44.97
CA ARG A 339 -46.27 -25.81 -45.75
C ARG A 339 -47.32 -26.91 -45.74
N GLN A 340 -46.90 -28.17 -45.78
CA GLN A 340 -47.84 -29.28 -45.82
C GLN A 340 -48.56 -29.45 -44.50
N GLN A 341 -47.84 -29.38 -43.38
CA GLN A 341 -48.42 -29.76 -42.10
C GLN A 341 -48.89 -28.58 -41.26
N LEU A 342 -48.04 -27.58 -41.06
CA LEU A 342 -48.37 -26.43 -40.23
C LEU A 342 -48.17 -25.15 -41.03
N PRO A 343 -49.10 -24.83 -41.93
CA PRO A 343 -48.97 -23.60 -42.71
C PRO A 343 -49.08 -22.33 -41.87
N GLU A 344 -49.67 -22.42 -40.68
CA GLU A 344 -49.88 -21.22 -39.86
C GLU A 344 -48.62 -20.72 -39.17
N LYS A 345 -47.61 -21.59 -39.00
CA LYS A 345 -46.34 -21.17 -38.40
C LYS A 345 -45.30 -20.81 -39.45
N TYR A 346 -45.66 -20.92 -40.74
CA TYR A 346 -44.72 -20.59 -41.79
C TYR A 346 -44.26 -19.14 -41.69
N LYS A 347 -45.19 -18.23 -41.41
CA LYS A 347 -44.83 -16.83 -41.28
C LYS A 347 -43.82 -16.62 -40.17
N GLU A 348 -44.11 -17.15 -38.98
CA GLU A 348 -43.21 -16.93 -37.85
C GLU A 348 -41.89 -17.65 -38.02
N ILE A 349 -41.82 -18.68 -38.86
CA ILE A 349 -40.56 -19.39 -39.04
C ILE A 349 -39.70 -18.73 -40.10
N PHE A 350 -40.25 -18.43 -41.28
CA PHE A 350 -39.45 -17.97 -42.40
C PHE A 350 -39.59 -16.48 -42.66
N PHE A 351 -40.28 -15.72 -41.80
CA PHE A 351 -40.47 -14.30 -42.04
C PHE A 351 -40.24 -13.40 -40.84
N ASP A 352 -40.34 -13.90 -39.61
CA ASP A 352 -40.28 -13.06 -38.43
C ASP A 352 -38.83 -13.03 -37.93
N GLN A 353 -38.20 -11.87 -38.06
CA GLN A 353 -36.80 -11.72 -37.66
C GLN A 353 -36.61 -11.62 -36.16
N SER A 354 -37.63 -11.18 -35.42
CA SER A 354 -37.49 -11.05 -33.97
C SER A 354 -37.36 -12.41 -33.30
N LYS A 355 -38.35 -13.28 -33.49
CA LYS A 355 -38.32 -14.61 -32.92
C LYS A 355 -37.25 -15.45 -33.62
N ASN A 356 -36.76 -16.46 -32.90
CA ASN A 356 -35.78 -17.36 -33.48
C ASN A 356 -36.44 -18.18 -34.59
N GLY A 357 -35.62 -18.82 -35.39
CA GLY A 357 -36.09 -19.54 -36.55
C GLY A 357 -35.17 -19.29 -37.71
N TYR A 358 -35.65 -19.51 -38.93
CA TYR A 358 -34.79 -19.28 -40.07
C TYR A 358 -34.58 -17.79 -40.33
N ALA A 359 -35.63 -16.99 -40.16
CA ALA A 359 -35.50 -15.56 -40.37
C ALA A 359 -34.52 -14.95 -39.37
N GLY A 360 -34.63 -15.32 -38.10
CA GLY A 360 -33.68 -14.84 -37.12
C GLY A 360 -32.32 -15.50 -37.23
N TYR A 361 -32.25 -16.68 -37.84
CA TYR A 361 -30.97 -17.34 -38.02
C TYR A 361 -30.15 -16.68 -39.11
N ILE A 362 -30.79 -16.31 -40.22
CA ILE A 362 -30.08 -15.71 -41.33
C ILE A 362 -30.04 -14.20 -41.17
N ASP A 363 -31.21 -13.56 -41.18
CA ASP A 363 -31.26 -12.11 -41.10
C ASP A 363 -30.98 -11.59 -39.69
N GLY A 364 -31.51 -12.26 -38.68
CA GLY A 364 -31.34 -11.81 -37.31
C GLY A 364 -30.02 -12.25 -36.72
N GLY A 365 -29.87 -11.98 -35.43
CA GLY A 365 -28.66 -12.33 -34.72
C GLY A 365 -28.66 -13.66 -34.00
N ALA A 366 -29.69 -14.48 -34.18
CA ALA A 366 -29.77 -15.75 -33.47
C ALA A 366 -28.66 -16.69 -33.90
N SER A 367 -28.08 -17.40 -32.93
CA SER A 367 -26.98 -18.30 -33.20
C SER A 367 -27.50 -19.69 -33.56
N GLN A 368 -26.58 -20.59 -33.88
CA GLN A 368 -26.95 -21.94 -34.26
C GLN A 368 -27.63 -22.69 -33.12
N GLU A 369 -27.09 -22.55 -31.90
CA GLU A 369 -27.69 -23.24 -30.75
C GLU A 369 -29.10 -22.74 -30.49
N GLU A 370 -29.31 -21.43 -30.56
CA GLU A 370 -30.65 -20.89 -30.35
C GLU A 370 -31.60 -21.34 -31.44
N PHE A 371 -31.14 -21.37 -32.69
CA PHE A 371 -31.97 -21.85 -33.77
C PHE A 371 -32.37 -23.30 -33.56
N TYR A 372 -31.43 -24.14 -33.16
CA TYR A 372 -31.73 -25.54 -32.89
C TYR A 372 -32.72 -25.68 -31.75
N LYS A 373 -32.54 -24.89 -30.69
CA LYS A 373 -33.46 -24.94 -29.56
C LYS A 373 -34.87 -24.55 -29.98
N PHE A 374 -35.00 -23.54 -30.82
CA PHE A 374 -36.33 -23.15 -31.30
C PHE A 374 -36.93 -24.22 -32.20
N ILE A 375 -36.12 -24.81 -33.08
CA ILE A 375 -36.65 -25.66 -34.15
C ILE A 375 -36.76 -27.13 -33.77
N LYS A 376 -36.21 -27.55 -32.64
CA LYS A 376 -36.33 -28.95 -32.25
C LYS A 376 -37.77 -29.39 -31.98
N PRO A 377 -38.56 -28.69 -31.15
CA PRO A 377 -39.93 -29.15 -30.92
C PRO A 377 -40.78 -29.19 -32.18
N ILE A 378 -40.59 -28.24 -33.10
CA ILE A 378 -41.37 -28.23 -34.32
C ILE A 378 -41.04 -29.44 -35.18
N LEU A 379 -39.75 -29.78 -35.31
CA LEU A 379 -39.40 -30.95 -36.09
C LEU A 379 -39.89 -32.23 -35.43
N GLU A 380 -39.83 -32.30 -34.10
CA GLU A 380 -40.34 -33.49 -33.41
C GLU A 380 -41.85 -33.63 -33.62
N LYS A 381 -42.58 -32.52 -33.56
CA LYS A 381 -44.03 -32.55 -33.74
C LYS A 381 -44.43 -32.51 -35.21
N MET A 382 -43.79 -33.37 -36.00
CA MET A 382 -44.06 -33.52 -37.42
C MET A 382 -43.66 -34.93 -37.84
N ASP A 383 -44.17 -35.35 -39.00
CA ASP A 383 -43.84 -36.65 -39.55
C ASP A 383 -42.88 -36.49 -40.73
N GLY A 384 -42.08 -37.52 -40.96
CA GLY A 384 -41.10 -37.46 -42.03
C GLY A 384 -39.86 -36.65 -41.71
N THR A 385 -39.61 -36.36 -40.44
CA THR A 385 -38.47 -35.54 -40.03
C THR A 385 -37.42 -36.35 -39.28
N GLU A 386 -37.35 -37.66 -39.51
CA GLU A 386 -36.40 -38.48 -38.79
C GLU A 386 -34.96 -38.12 -39.14
N GLU A 387 -34.67 -37.97 -40.44
CA GLU A 387 -33.31 -37.65 -40.83
C GLU A 387 -32.95 -36.23 -40.44
N LEU A 388 -33.91 -35.30 -40.51
CA LEU A 388 -33.64 -33.95 -40.05
C LEU A 388 -33.34 -33.92 -38.55
N LEU A 389 -34.09 -34.71 -37.77
CA LEU A 389 -33.80 -34.78 -36.35
C LEU A 389 -32.44 -35.41 -36.08
N VAL A 390 -32.05 -36.40 -36.88
CA VAL A 390 -30.72 -36.99 -36.72
C VAL A 390 -29.65 -35.94 -36.97
N LYS A 391 -29.82 -35.16 -38.04
CA LYS A 391 -28.86 -34.10 -38.35
C LYS A 391 -28.83 -33.05 -37.25
N LEU A 392 -29.99 -32.70 -36.70
CA LEU A 392 -30.04 -31.75 -35.60
C LEU A 392 -29.30 -32.27 -34.39
N ASN A 393 -29.49 -33.54 -34.05
CA ASN A 393 -28.81 -34.11 -32.89
C ASN A 393 -27.31 -34.15 -33.08
N ARG A 394 -26.85 -34.44 -34.29
CA ARG A 394 -25.42 -34.44 -34.54
C ARG A 394 -24.88 -33.06 -34.92
N GLU A 395 -25.70 -32.01 -34.80
CA GLU A 395 -25.28 -30.63 -35.00
C GLU A 395 -24.77 -30.41 -36.42
N ASP A 396 -25.55 -30.86 -37.40
CA ASP A 396 -25.17 -30.78 -38.80
C ASP A 396 -26.35 -30.37 -39.67
N LEU A 397 -27.20 -29.47 -39.18
CA LEU A 397 -28.40 -29.06 -39.90
C LEU A 397 -28.33 -27.58 -40.24
N LEU A 398 -28.44 -27.26 -41.52
CA LEU A 398 -28.52 -25.88 -42.01
C LEU A 398 -27.34 -25.05 -41.52
N ARG A 399 -26.15 -25.40 -41.99
CA ARG A 399 -24.92 -24.79 -41.51
C ARG A 399 -24.41 -23.75 -42.49
N LYS A 400 -24.05 -22.59 -41.98
CA LYS A 400 -23.38 -21.59 -42.78
C LYS A 400 -21.90 -21.95 -42.92
N GLN A 401 -21.27 -21.42 -43.95
CA GLN A 401 -19.87 -21.74 -44.21
C GLN A 401 -18.95 -21.11 -43.18
N ARG A 402 -19.23 -19.86 -42.79
CA ARG A 402 -18.44 -19.14 -41.80
C ARG A 402 -19.07 -19.35 -40.44
N THR A 403 -18.46 -20.19 -39.61
CA THR A 403 -18.99 -20.52 -38.30
C THR A 403 -17.88 -20.43 -37.26
N PHE A 404 -18.29 -20.57 -36.00
CA PHE A 404 -17.34 -20.52 -34.90
C PHE A 404 -16.42 -21.72 -34.90
N ASP A 405 -16.90 -22.88 -35.39
CA ASP A 405 -16.11 -24.09 -35.38
C ASP A 405 -15.00 -24.08 -36.44
N ASN A 406 -14.96 -23.06 -37.29
CA ASN A 406 -13.89 -22.98 -38.28
C ASN A 406 -12.57 -22.67 -37.67
N GLY A 407 -12.45 -22.63 -36.36
CA GLY A 407 -11.20 -22.29 -35.71
C GLY A 407 -10.19 -23.40 -35.67
N SER A 408 -10.53 -24.58 -36.20
CA SER A 408 -9.64 -25.73 -36.21
C SER A 408 -9.04 -26.00 -37.59
N ILE A 409 -9.09 -25.04 -38.50
CA ILE A 409 -8.56 -25.20 -39.84
C ILE A 409 -7.12 -24.72 -39.86
N PRO A 410 -6.14 -25.60 -40.08
CA PRO A 410 -4.75 -25.15 -40.16
C PRO A 410 -4.52 -24.28 -41.37
N HIS A 411 -3.54 -23.39 -41.26
CA HIS A 411 -3.19 -22.55 -42.40
C HIS A 411 -2.57 -23.35 -43.53
N GLN A 412 -2.15 -24.58 -43.27
CA GLN A 412 -1.51 -25.38 -44.31
C GLN A 412 -2.50 -25.76 -45.41
N ILE A 413 -3.78 -25.92 -45.07
CA ILE A 413 -4.79 -26.21 -46.08
C ILE A 413 -4.96 -25.03 -47.02
N HIS A 414 -5.06 -23.83 -46.47
CA HIS A 414 -5.17 -22.63 -47.29
C HIS A 414 -3.91 -22.45 -48.12
N LEU A 415 -2.75 -22.76 -47.54
CA LEU A 415 -1.51 -22.64 -48.30
C LEU A 415 -1.49 -23.60 -49.47
N GLY A 416 -1.96 -24.83 -49.27
CA GLY A 416 -2.02 -25.77 -50.37
C GLY A 416 -2.99 -25.33 -51.46
N GLU A 417 -4.14 -24.81 -51.07
CA GLU A 417 -5.10 -24.32 -52.06
C GLU A 417 -4.53 -23.16 -52.86
N LEU A 418 -3.87 -22.22 -52.18
CA LEU A 418 -3.26 -21.08 -52.85
C LEU A 418 -2.16 -21.54 -53.79
N HIS A 419 -1.35 -22.50 -53.36
CA HIS A 419 -0.30 -23.02 -54.22
C HIS A 419 -0.90 -23.67 -55.46
N ALA A 420 -1.99 -24.42 -55.31
CA ALA A 420 -2.62 -25.05 -56.46
C ALA A 420 -3.15 -24.02 -57.43
N ILE A 421 -3.77 -22.95 -56.92
CA ILE A 421 -4.29 -21.90 -57.78
C ILE A 421 -3.16 -21.24 -58.56
N LEU A 422 -2.07 -20.93 -57.86
CA LEU A 422 -0.92 -20.29 -58.53
C LEU A 422 -0.34 -21.21 -59.58
N ARG A 423 -0.24 -22.50 -59.29
CA ARG A 423 0.27 -23.43 -60.29
C ARG A 423 -0.63 -23.49 -61.51
N ARG A 424 -1.94 -23.50 -61.31
CA ARG A 424 -2.86 -23.56 -62.44
C ARG A 424 -2.74 -22.31 -63.32
N GLN A 425 -2.64 -21.13 -62.70
CA GLN A 425 -2.79 -19.89 -63.43
C GLN A 425 -1.47 -19.21 -63.79
N GLU A 426 -0.33 -19.86 -63.59
CA GLU A 426 0.92 -19.18 -63.88
C GLU A 426 1.30 -19.25 -65.35
N ASP A 427 0.66 -20.13 -66.13
CA ASP A 427 1.01 -20.22 -67.54
C ASP A 427 0.60 -18.97 -68.30
N PHE A 428 -0.57 -18.42 -68.00
CA PHE A 428 -1.05 -17.24 -68.69
C PHE A 428 -0.55 -15.94 -68.09
N TYR A 429 -0.11 -15.95 -66.84
CA TYR A 429 0.32 -14.72 -66.16
C TYR A 429 1.77 -14.86 -65.72
N PRO A 430 2.71 -14.30 -66.49
CA PRO A 430 4.12 -14.37 -66.09
C PRO A 430 4.39 -13.73 -64.74
N PHE A 431 3.68 -12.66 -64.40
CA PHE A 431 3.86 -12.05 -63.10
C PHE A 431 3.40 -12.97 -61.99
N LEU A 432 2.38 -13.79 -62.22
CA LEU A 432 2.02 -14.80 -61.24
C LEU A 432 3.09 -15.88 -61.16
N LYS A 433 3.74 -16.18 -62.29
CA LYS A 433 4.84 -17.14 -62.26
C LYS A 433 5.99 -16.63 -61.40
N ASP A 434 6.29 -15.33 -61.51
CA ASP A 434 7.46 -14.78 -60.83
C ASP A 434 7.26 -14.63 -59.33
N ASN A 435 6.09 -14.18 -58.90
CA ASN A 435 5.87 -13.78 -57.50
C ASN A 435 5.24 -14.89 -56.66
N ARG A 436 5.35 -16.14 -57.09
CA ARG A 436 4.72 -17.25 -56.37
C ARG A 436 5.30 -17.40 -54.98
N GLU A 437 6.64 -17.38 -54.87
CA GLU A 437 7.29 -17.57 -53.58
C GLU A 437 6.90 -16.46 -52.61
N LYS A 438 6.87 -15.22 -53.09
CA LYS A 438 6.58 -14.11 -52.20
C LYS A 438 5.11 -14.06 -51.81
N ILE A 439 4.21 -14.51 -52.68
CA ILE A 439 2.81 -14.63 -52.28
C ILE A 439 2.65 -15.68 -51.18
N GLU A 440 3.31 -16.82 -51.33
CA GLU A 440 3.23 -17.83 -50.29
C GLU A 440 3.85 -17.32 -48.98
N LYS A 441 4.93 -16.57 -49.08
CA LYS A 441 5.54 -15.99 -47.88
C LYS A 441 4.59 -15.03 -47.19
N ILE A 442 3.86 -14.23 -47.97
CA ILE A 442 2.84 -13.36 -47.40
C ILE A 442 1.84 -14.17 -46.60
N LEU A 443 1.40 -15.30 -47.17
CA LEU A 443 0.41 -16.10 -46.45
C LEU A 443 0.98 -16.70 -45.17
N THR A 444 2.22 -17.22 -45.21
CA THR A 444 2.74 -18.04 -44.13
C THR A 444 3.65 -17.30 -43.16
N PHE A 445 3.82 -15.99 -43.29
CA PHE A 445 4.73 -15.26 -42.41
C PHE A 445 4.00 -14.78 -41.17
N ARG A 446 4.66 -14.92 -40.02
CA ARG A 446 4.19 -14.35 -38.77
C ARG A 446 5.41 -13.97 -37.95
N ILE A 447 5.34 -12.81 -37.32
CA ILE A 447 6.48 -12.29 -36.54
C ILE A 447 6.74 -13.20 -35.35
N PRO A 448 7.99 -13.60 -35.09
CA PRO A 448 8.27 -14.44 -33.93
C PRO A 448 7.91 -13.74 -32.63
N TYR A 449 7.50 -14.54 -31.64
CA TYR A 449 7.07 -13.98 -30.37
C TYR A 449 8.23 -13.32 -29.63
N TYR A 450 9.46 -13.73 -29.88
CA TYR A 450 10.61 -13.10 -29.23
C TYR A 450 11.05 -11.82 -29.93
N VAL A 451 10.67 -11.60 -31.18
CA VAL A 451 11.02 -10.35 -31.86
C VAL A 451 10.21 -9.19 -31.32
N GLY A 452 8.90 -9.36 -31.13
CA GLY A 452 8.09 -8.31 -30.58
C GLY A 452 7.68 -7.30 -31.64
N PRO A 453 7.12 -6.17 -31.21
CA PRO A 453 6.71 -5.13 -32.16
C PRO A 453 7.91 -4.56 -32.91
N LEU A 454 7.68 -4.18 -34.16
CA LEU A 454 8.74 -3.69 -35.04
C LEU A 454 8.84 -2.17 -35.00
N ALA A 455 9.15 -1.64 -33.81
CA ALA A 455 9.19 -0.21 -33.62
C ALA A 455 10.50 0.38 -34.11
N ARG A 456 10.61 1.71 -33.98
CA ARG A 456 11.82 2.45 -34.35
C ARG A 456 12.14 3.47 -33.27
N GLY A 457 12.01 3.08 -32.00
CA GLY A 457 12.40 3.94 -30.91
C GLY A 457 11.31 4.80 -30.32
N ASN A 458 10.05 4.54 -30.64
CA ASN A 458 8.94 5.31 -30.07
C ASN A 458 7.90 4.39 -29.44
N SER A 459 8.33 3.23 -28.94
CA SER A 459 7.42 2.30 -28.30
C SER A 459 8.02 1.80 -27.01
N ARG A 460 7.23 1.84 -25.92
CA ARG A 460 7.70 1.34 -24.64
C ARG A 460 7.73 -0.17 -24.56
N PHE A 461 6.94 -0.86 -25.37
CA PHE A 461 6.88 -2.32 -25.35
C PHE A 461 7.94 -2.98 -26.21
N ALA A 462 8.50 -2.29 -27.19
CA ALA A 462 9.42 -2.90 -28.13
C ALA A 462 10.79 -3.10 -27.51
N TRP A 463 11.51 -4.10 -28.02
CA TRP A 463 12.89 -4.34 -27.66
C TRP A 463 13.73 -4.74 -28.84
N MET A 464 13.17 -4.77 -30.04
CA MET A 464 13.83 -5.28 -31.22
C MET A 464 14.96 -4.36 -31.67
N THR A 465 16.01 -4.96 -32.22
CA THR A 465 17.15 -4.24 -32.76
C THR A 465 17.29 -4.53 -34.24
N ARG A 466 17.47 -3.48 -35.04
CA ARG A 466 17.60 -3.60 -36.49
C ARG A 466 19.06 -3.49 -36.89
N LYS A 467 19.55 -4.46 -37.66
CA LYS A 467 20.90 -4.35 -38.18
C LYS A 467 21.02 -3.36 -39.32
N SER A 468 19.93 -3.05 -40.01
CA SER A 468 19.90 -2.05 -41.07
C SER A 468 18.66 -1.19 -40.93
N GLU A 469 18.80 0.10 -41.24
CA GLU A 469 17.71 1.07 -41.13
C GLU A 469 16.96 1.14 -42.46
N GLU A 470 15.95 0.27 -42.60
CA GLU A 470 15.11 0.31 -43.79
C GLU A 470 13.78 -0.35 -43.46
N THR A 471 12.81 -0.14 -44.33
CA THR A 471 11.47 -0.66 -44.12
C THR A 471 11.49 -2.18 -44.09
N ILE A 472 10.84 -2.76 -43.08
CA ILE A 472 10.80 -4.20 -42.90
C ILE A 472 9.54 -4.74 -43.56
N THR A 473 9.72 -5.62 -44.53
CA THR A 473 8.67 -6.38 -45.17
C THR A 473 8.89 -7.84 -44.87
N PRO A 474 7.90 -8.71 -45.10
CA PRO A 474 8.12 -10.14 -44.82
C PRO A 474 9.24 -10.76 -45.63
N TRP A 475 9.70 -10.12 -46.70
CA TRP A 475 10.73 -10.73 -47.53
C TRP A 475 12.15 -10.39 -47.10
N ASN A 476 12.39 -9.25 -46.46
CA ASN A 476 13.72 -8.96 -45.92
C ASN A 476 13.73 -8.93 -44.40
N PHE A 477 12.79 -9.64 -43.77
CA PHE A 477 12.74 -9.66 -42.31
C PHE A 477 14.01 -10.26 -41.72
N GLU A 478 14.49 -11.36 -42.32
CA GLU A 478 15.72 -11.97 -41.83
C GLU A 478 16.92 -11.03 -42.01
N GLU A 479 16.94 -10.31 -43.12
CA GLU A 479 18.09 -9.46 -43.42
C GLU A 479 18.06 -8.11 -42.71
N VAL A 480 16.93 -7.73 -42.11
CA VAL A 480 16.83 -6.47 -41.39
C VAL A 480 16.81 -6.66 -39.88
N VAL A 481 16.00 -7.59 -39.39
CA VAL A 481 15.88 -7.77 -37.94
C VAL A 481 16.97 -8.73 -37.46
N ASP A 482 17.69 -8.31 -36.43
CA ASP A 482 18.73 -9.11 -35.78
C ASP A 482 18.09 -10.06 -34.77
N LYS A 483 17.80 -11.28 -35.23
CA LYS A 483 17.02 -12.20 -34.42
C LYS A 483 17.75 -12.65 -33.17
N GLY A 484 19.05 -12.91 -33.25
CA GLY A 484 19.76 -13.38 -32.07
C GLY A 484 19.80 -12.34 -30.96
N ALA A 485 20.14 -11.10 -31.31
CA ALA A 485 20.14 -10.03 -30.32
C ALA A 485 18.74 -9.76 -29.81
N SER A 486 17.75 -9.82 -30.71
CA SER A 486 16.38 -9.59 -30.29
C SER A 486 15.91 -10.63 -29.28
N ALA A 487 16.24 -11.90 -29.51
CA ALA A 487 15.84 -12.94 -28.57
C ALA A 487 16.56 -12.78 -27.23
N GLN A 488 17.85 -12.45 -27.28
CA GLN A 488 18.58 -12.25 -26.04
C GLN A 488 17.97 -11.10 -25.23
N SER A 489 17.64 -10.00 -25.89
CA SER A 489 17.00 -8.89 -25.20
C SER A 489 15.62 -9.26 -24.70
N PHE A 490 14.88 -10.07 -25.45
CA PHE A 490 13.56 -10.49 -25.02
C PHE A 490 13.64 -11.23 -23.71
N ILE A 491 14.62 -12.14 -23.59
CA ILE A 491 14.77 -12.87 -22.34
C ILE A 491 15.29 -11.95 -21.23
N GLU A 492 16.26 -11.09 -21.55
CA GLU A 492 16.94 -10.34 -20.51
C GLU A 492 16.08 -9.24 -19.92
N ARG A 493 15.12 -8.72 -20.68
CA ARG A 493 14.27 -7.67 -20.13
C ARG A 493 13.36 -8.16 -19.02
N MET A 494 13.20 -9.48 -18.83
CA MET A 494 12.27 -9.99 -17.85
C MET A 494 12.93 -10.69 -16.67
N THR A 495 14.16 -11.16 -16.81
CA THR A 495 14.82 -11.88 -15.73
C THR A 495 15.19 -10.93 -14.60
N ASN A 496 15.34 -11.50 -13.41
CA ASN A 496 15.56 -10.75 -12.19
C ASN A 496 17.01 -10.33 -12.03
N PHE A 497 17.23 -9.33 -11.18
CA PHE A 497 18.55 -8.96 -10.71
C PHE A 497 18.83 -9.64 -9.38
N ASP A 498 20.10 -9.68 -9.02
CA ASP A 498 20.47 -10.18 -7.71
C ASP A 498 19.97 -9.22 -6.64
N LYS A 499 19.39 -9.77 -5.57
CA LYS A 499 18.91 -8.90 -4.51
C LYS A 499 20.06 -8.27 -3.72
N ASN A 500 21.17 -9.00 -3.58
CA ASN A 500 22.33 -8.44 -2.89
C ASN A 500 23.09 -7.47 -3.77
N LEU A 501 23.07 -7.67 -5.08
CA LEU A 501 23.71 -6.76 -6.03
C LEU A 501 22.63 -6.33 -7.02
N PRO A 502 21.90 -5.25 -6.72
CA PRO A 502 20.74 -4.91 -7.54
C PRO A 502 21.05 -4.61 -8.99
N ASN A 503 22.30 -4.32 -9.32
CA ASN A 503 22.69 -4.01 -10.69
C ASN A 503 23.31 -5.21 -11.40
N GLU A 504 23.24 -6.41 -10.83
CA GLU A 504 23.84 -7.59 -11.41
C GLU A 504 22.76 -8.62 -11.75
N LYS A 505 22.82 -9.15 -12.98
CA LYS A 505 21.90 -10.17 -13.42
C LYS A 505 22.21 -11.52 -12.78
N VAL A 506 21.19 -12.35 -12.67
CA VAL A 506 21.32 -13.65 -12.05
C VAL A 506 21.87 -14.66 -13.04
N LEU A 507 22.51 -15.70 -12.51
CA LEU A 507 23.05 -16.76 -13.34
C LEU A 507 21.97 -17.76 -13.75
N PRO A 508 22.20 -18.48 -14.86
CA PRO A 508 21.31 -19.59 -15.19
C PRO A 508 21.36 -20.65 -14.11
N LYS A 509 20.23 -21.33 -13.90
CA LYS A 509 20.15 -22.30 -12.83
C LYS A 509 21.12 -23.47 -13.06
N HIS A 510 21.27 -23.90 -14.31
CA HIS A 510 22.16 -25.00 -14.63
C HIS A 510 23.57 -24.53 -14.99
N SER A 511 23.98 -23.35 -14.57
CA SER A 511 25.33 -22.90 -14.86
C SER A 511 26.33 -23.71 -14.06
N LEU A 512 27.53 -23.89 -14.62
CA LEU A 512 28.55 -24.68 -13.95
C LEU A 512 28.95 -24.07 -12.62
N LEU A 513 29.12 -22.75 -12.58
CA LEU A 513 29.46 -22.09 -11.32
C LEU A 513 28.35 -22.27 -10.29
N TYR A 514 27.09 -22.16 -10.74
CA TYR A 514 25.97 -22.38 -9.83
C TYR A 514 25.98 -23.80 -9.27
N GLU A 515 26.26 -24.78 -10.12
CA GLU A 515 26.30 -26.17 -9.66
C GLU A 515 27.40 -26.37 -8.64
N TYR A 516 28.59 -25.82 -8.90
CA TYR A 516 29.66 -25.94 -7.93
C TYR A 516 29.29 -25.28 -6.62
N PHE A 517 28.69 -24.09 -6.68
CA PHE A 517 28.33 -23.37 -5.47
C PHE A 517 27.34 -24.16 -4.63
N THR A 518 26.30 -24.70 -5.26
CA THR A 518 25.31 -25.47 -4.51
C THR A 518 25.91 -26.74 -3.93
N VAL A 519 26.74 -27.43 -4.71
CA VAL A 519 27.35 -28.66 -4.22
C VAL A 519 28.28 -28.38 -3.05
N TYR A 520 29.08 -27.32 -3.13
CA TYR A 520 30.00 -27.01 -2.05
C TYR A 520 29.25 -26.56 -0.80
N ASN A 521 28.18 -25.78 -0.95
CA ASN A 521 27.38 -25.43 0.22
C ASN A 521 26.79 -26.66 0.88
N GLU A 522 26.30 -27.61 0.09
CA GLU A 522 25.77 -28.83 0.67
C GLU A 522 26.86 -29.64 1.36
N LEU A 523 28.04 -29.72 0.74
CA LEU A 523 29.11 -30.57 1.28
C LEU A 523 29.73 -30.00 2.55
N THR A 524 29.88 -28.69 2.64
CA THR A 524 30.60 -28.11 3.78
C THR A 524 29.88 -28.31 5.11
N LYS A 525 28.61 -28.71 5.10
CA LYS A 525 27.84 -28.88 6.32
C LYS A 525 27.70 -30.34 6.75
N VAL A 526 28.45 -31.25 6.16
CA VAL A 526 28.40 -32.66 6.53
C VAL A 526 29.58 -32.98 7.42
N LYS A 527 29.29 -33.36 8.66
CA LYS A 527 30.31 -33.68 9.65
C LYS A 527 30.41 -35.19 9.76
N TYR A 528 31.54 -35.73 9.32
CA TYR A 528 31.76 -37.18 9.29
C TYR A 528 32.14 -37.70 10.67
N VAL A 529 31.69 -38.91 10.98
CA VAL A 529 32.04 -39.60 12.21
C VAL A 529 32.51 -41.01 11.87
N THR A 530 33.71 -41.35 12.31
CA THR A 530 34.28 -42.67 12.07
C THR A 530 35.14 -43.06 13.27
N GLU A 531 35.73 -44.25 13.19
CA GLU A 531 36.56 -44.74 14.27
C GLU A 531 37.82 -43.90 14.44
N GLY A 532 38.29 -43.81 15.69
CA GLY A 532 39.47 -43.04 16.00
C GLY A 532 39.26 -41.55 16.13
N MET A 533 38.02 -41.10 16.23
CA MET A 533 37.69 -39.69 16.33
C MET A 533 37.16 -39.39 17.74
N ARG A 534 37.82 -38.47 18.43
CA ARG A 534 37.35 -38.05 19.74
C ARG A 534 36.04 -37.27 19.62
N LYS A 535 36.00 -36.31 18.72
CA LYS A 535 34.83 -35.48 18.46
C LYS A 535 34.58 -35.39 16.97
N PRO A 536 33.34 -35.14 16.55
CA PRO A 536 33.06 -34.98 15.11
C PRO A 536 33.87 -33.83 14.53
N ALA A 537 34.36 -34.03 13.31
CA ALA A 537 35.19 -33.06 12.64
C ALA A 537 34.60 -32.73 11.27
N PHE A 538 34.92 -31.54 10.77
CA PHE A 538 34.42 -31.11 9.48
C PHE A 538 35.45 -31.43 8.41
N LEU A 539 34.96 -31.61 7.18
CA LEU A 539 35.85 -31.94 6.08
C LEU A 539 36.74 -30.75 5.76
N SER A 540 37.99 -31.02 5.43
CA SER A 540 38.92 -29.96 5.07
C SER A 540 38.76 -29.61 3.58
N GLY A 541 39.47 -28.56 3.17
CA GLY A 541 39.36 -28.13 1.78
C GLY A 541 39.86 -29.18 0.81
N GLU A 542 41.02 -29.77 1.10
CA GLU A 542 41.56 -30.82 0.23
C GLU A 542 40.67 -32.06 0.26
N GLN A 543 40.13 -32.40 1.43
CA GLN A 543 39.23 -33.55 1.51
C GLN A 543 37.97 -33.33 0.68
N LYS A 544 37.39 -32.13 0.76
CA LYS A 544 36.22 -31.82 -0.07
C LYS A 544 36.57 -31.85 -1.55
N LYS A 545 37.74 -31.32 -1.91
CA LYS A 545 38.18 -31.38 -3.31
C LYS A 545 38.28 -32.82 -3.78
N ALA A 546 38.90 -33.68 -2.97
CA ALA A 546 39.02 -35.09 -3.34
C ALA A 546 37.66 -35.74 -3.47
N ILE A 547 36.74 -35.44 -2.55
CA ILE A 547 35.42 -36.06 -2.61
C ILE A 547 34.67 -35.62 -3.86
N VAL A 548 34.72 -34.32 -4.17
CA VAL A 548 34.02 -33.83 -5.35
C VAL A 548 34.63 -34.41 -6.62
N ASP A 549 35.95 -34.45 -6.70
CA ASP A 549 36.60 -34.96 -7.91
C ASP A 549 36.38 -36.45 -8.08
N LEU A 550 36.31 -37.20 -6.98
CA LEU A 550 36.22 -38.64 -7.04
C LEU A 550 34.79 -39.14 -7.17
N LEU A 551 33.81 -38.41 -6.63
CA LEU A 551 32.43 -38.88 -6.63
C LEU A 551 31.52 -38.05 -7.54
N PHE A 552 31.45 -36.73 -7.32
CA PHE A 552 30.50 -35.92 -8.06
C PHE A 552 30.90 -35.79 -9.53
N LYS A 553 32.19 -35.64 -9.81
CA LYS A 553 32.63 -35.50 -11.19
C LYS A 553 32.62 -36.83 -11.94
N THR A 554 32.13 -37.91 -11.32
CA THR A 554 32.09 -39.22 -11.96
C THR A 554 30.68 -39.76 -12.12
N ASN A 555 29.88 -39.73 -11.06
CA ASN A 555 28.52 -40.25 -11.10
C ASN A 555 27.53 -39.15 -10.78
N ARG A 556 26.34 -39.26 -11.36
CA ARG A 556 25.34 -38.19 -11.24
C ARG A 556 24.88 -38.04 -9.80
N LYS A 557 24.54 -39.15 -9.14
CA LYS A 557 24.05 -39.12 -7.78
C LYS A 557 25.10 -39.70 -6.85
N VAL A 558 25.45 -38.94 -5.82
CA VAL A 558 26.45 -39.36 -4.83
C VAL A 558 25.72 -39.67 -3.53
N THR A 559 25.98 -40.84 -2.96
CA THR A 559 25.37 -41.28 -1.72
C THR A 559 26.44 -41.49 -0.64
N VAL A 560 25.96 -41.65 0.59
CA VAL A 560 26.84 -41.74 1.75
C VAL A 560 27.71 -42.99 1.68
N LYS A 561 27.11 -44.12 1.28
CA LYS A 561 27.89 -45.36 1.16
C LYS A 561 28.97 -45.23 0.10
N GLN A 562 28.63 -44.58 -1.03
CA GLN A 562 29.65 -44.35 -2.06
C GLN A 562 30.76 -43.46 -1.53
N LEU A 563 30.42 -42.43 -0.76
CA LEU A 563 31.44 -41.58 -0.17
C LEU A 563 32.35 -42.36 0.76
N LYS A 564 31.76 -43.23 1.59
CA LYS A 564 32.54 -44.01 2.54
C LYS A 564 33.43 -45.03 1.84
N GLU A 565 32.93 -45.66 0.78
CA GLU A 565 33.68 -46.74 0.14
C GLU A 565 34.74 -46.17 -0.79
N ASP A 566 34.34 -45.30 -1.71
CA ASP A 566 35.27 -44.79 -2.71
C ASP A 566 36.28 -43.81 -2.13
N TYR A 567 35.95 -43.16 -1.01
CA TYR A 567 36.88 -42.20 -0.41
C TYR A 567 37.36 -42.62 0.97
N PHE A 568 36.44 -42.92 1.89
CA PHE A 568 36.85 -43.24 3.25
C PHE A 568 37.48 -44.61 3.33
N LYS A 569 37.11 -45.52 2.43
CA LYS A 569 37.67 -46.87 2.40
C LYS A 569 38.74 -47.06 1.34
N LYS A 570 38.54 -46.55 0.13
CA LYS A 570 39.51 -46.76 -0.94
C LYS A 570 40.80 -45.97 -0.67
N ILE A 571 40.67 -44.73 -0.21
CA ILE A 571 41.84 -43.89 0.00
C ILE A 571 42.13 -43.80 1.50
N GLU A 572 41.16 -43.29 2.26
CA GLU A 572 41.34 -43.10 3.69
C GLU A 572 41.29 -44.43 4.42
N THR A 592 24.69 -31.03 -14.83
CA THR A 592 25.18 -30.29 -15.98
C THR A 592 26.56 -30.75 -16.40
N TYR A 593 27.42 -31.01 -15.40
CA TYR A 593 28.77 -31.47 -15.70
C TYR A 593 28.75 -32.80 -16.42
N HIS A 594 27.84 -33.70 -16.03
CA HIS A 594 27.79 -35.02 -16.65
C HIS A 594 27.17 -34.98 -18.04
N ASP A 595 26.23 -34.07 -18.27
CA ASP A 595 25.64 -33.97 -19.61
C ASP A 595 26.70 -33.57 -20.63
N LEU A 596 27.57 -32.63 -20.28
CA LEU A 596 28.62 -32.22 -21.21
C LEU A 596 29.75 -33.24 -21.30
N LEU A 597 29.91 -34.12 -20.30
CA LEU A 597 30.98 -35.10 -20.36
C LEU A 597 30.70 -36.15 -21.42
N LYS A 598 29.44 -36.57 -21.55
CA LYS A 598 29.07 -37.55 -22.56
C LYS A 598 28.86 -36.92 -23.93
N ILE A 599 28.85 -35.60 -24.03
CA ILE A 599 28.63 -34.93 -25.30
C ILE A 599 29.96 -34.56 -25.93
N ILE A 600 30.78 -33.81 -25.18
CA ILE A 600 32.06 -33.35 -25.72
C ILE A 600 33.16 -34.39 -25.60
N LYS A 601 32.99 -35.38 -24.73
CA LYS A 601 33.98 -36.45 -24.54
C LYS A 601 35.36 -35.89 -24.26
N ASP A 602 35.42 -34.84 -23.43
CA ASP A 602 36.68 -34.19 -23.09
C ASP A 602 36.68 -33.87 -21.60
N LYS A 603 37.60 -34.49 -20.86
CA LYS A 603 37.69 -34.26 -19.43
C LYS A 603 38.62 -33.10 -19.09
N ASP A 604 39.74 -32.97 -19.80
CA ASP A 604 40.67 -31.89 -19.52
C ASP A 604 40.04 -30.53 -19.85
N PHE A 605 39.23 -30.46 -20.91
CA PHE A 605 38.55 -29.21 -21.22
C PHE A 605 37.57 -28.83 -20.12
N LEU A 606 36.83 -29.80 -19.59
CA LEU A 606 35.85 -29.51 -18.54
C LEU A 606 36.53 -29.17 -17.23
N ASP A 607 37.70 -29.74 -16.96
CA ASP A 607 38.43 -29.47 -15.72
C ASP A 607 39.37 -28.28 -15.84
N ASN A 608 39.58 -27.74 -17.04
CA ASN A 608 40.47 -26.62 -17.20
C ASN A 608 39.88 -25.36 -16.58
N GLU A 609 40.74 -24.39 -16.29
CA GLU A 609 40.31 -23.17 -15.63
C GLU A 609 40.33 -21.94 -16.53
N GLU A 610 40.90 -22.02 -17.72
CA GLU A 610 40.89 -20.89 -18.64
C GLU A 610 39.73 -20.94 -19.62
N ASN A 611 38.92 -22.00 -19.58
CA ASN A 611 37.76 -22.14 -20.45
C ASN A 611 36.45 -22.03 -19.69
N GLU A 612 36.48 -21.54 -18.45
CA GLU A 612 35.25 -21.39 -17.69
C GLU A 612 34.35 -20.35 -18.34
N ASP A 613 34.93 -19.32 -18.98
CA ASP A 613 34.14 -18.36 -19.71
C ASP A 613 33.44 -19.03 -20.89
N ILE A 614 34.14 -19.93 -21.59
CA ILE A 614 33.53 -20.64 -22.70
C ILE A 614 32.38 -21.50 -22.22
N LEU A 615 32.57 -22.20 -21.10
CA LEU A 615 31.50 -23.04 -20.57
C LEU A 615 30.30 -22.19 -20.15
N GLU A 616 30.56 -21.04 -19.52
CA GLU A 616 29.49 -20.14 -19.13
C GLU A 616 28.73 -19.63 -20.35
N ASP A 617 29.46 -19.28 -21.41
CA ASP A 617 28.80 -18.83 -22.63
C ASP A 617 27.95 -19.94 -23.23
N ILE A 618 28.43 -21.18 -23.21
CA ILE A 618 27.68 -22.29 -23.79
C ILE A 618 26.37 -22.49 -23.04
N VAL A 619 26.45 -22.58 -21.70
CA VAL A 619 25.22 -22.81 -20.95
C VAL A 619 24.29 -21.62 -21.06
N LEU A 620 24.85 -20.40 -21.13
CA LEU A 620 24.00 -19.22 -21.32
C LEU A 620 23.27 -19.25 -22.64
N THR A 621 23.96 -19.68 -23.71
CA THR A 621 23.31 -19.78 -25.01
C THR A 621 22.19 -20.79 -24.98
N LEU A 622 22.44 -21.96 -24.38
CA LEU A 622 21.42 -22.99 -24.30
C LEU A 622 20.22 -22.53 -23.49
N THR A 623 20.47 -21.75 -22.44
CA THR A 623 19.34 -21.24 -21.66
C THR A 623 18.57 -20.17 -22.41
N LEU A 624 19.29 -19.25 -23.08
CA LEU A 624 18.64 -18.12 -23.71
C LEU A 624 17.78 -18.53 -24.90
N PHE A 625 18.35 -19.29 -25.83
CA PHE A 625 17.71 -19.51 -27.12
C PHE A 625 16.97 -20.83 -27.14
N GLU A 626 15.73 -20.81 -27.64
CA GLU A 626 14.92 -22.01 -27.76
C GLU A 626 14.88 -22.56 -29.19
N ASP A 627 15.37 -21.80 -30.17
CA ASP A 627 15.35 -22.24 -31.56
C ASP A 627 16.71 -22.79 -31.96
N ARG A 628 16.69 -23.93 -32.65
CA ARG A 628 17.92 -24.62 -32.99
C ARG A 628 18.78 -23.77 -33.91
N GLU A 629 18.16 -23.06 -34.85
CA GLU A 629 18.94 -22.20 -35.74
C GLU A 629 19.63 -21.10 -34.95
N MET A 630 18.93 -20.50 -33.98
CA MET A 630 19.54 -19.47 -33.15
C MET A 630 20.70 -20.03 -32.33
N ILE A 631 20.51 -21.21 -31.74
CA ILE A 631 21.58 -21.79 -30.94
C ILE A 631 22.78 -22.09 -31.82
N GLU A 632 22.55 -22.67 -33.01
CA GLU A 632 23.66 -23.05 -33.87
C GLU A 632 24.38 -21.82 -34.44
N GLU A 633 23.66 -20.74 -34.69
CA GLU A 633 24.33 -19.54 -35.17
C GLU A 633 25.09 -18.84 -34.06
N ARG A 634 24.64 -18.99 -32.81
CA ARG A 634 25.38 -18.43 -31.68
C ARG A 634 26.60 -19.25 -31.34
N LEU A 635 26.56 -20.57 -31.52
CA LEU A 635 27.66 -21.45 -31.16
C LEU A 635 28.74 -21.55 -32.23
N LYS A 636 28.57 -20.86 -33.36
CA LYS A 636 29.54 -20.96 -34.44
C LYS A 636 30.91 -20.41 -34.08
N THR A 637 30.99 -19.49 -33.12
CA THR A 637 32.28 -18.97 -32.71
C THR A 637 33.14 -20.05 -32.04
N TYR A 638 32.50 -21.04 -31.42
CA TYR A 638 33.20 -22.12 -30.75
C TYR A 638 33.25 -23.39 -31.59
N ALA A 639 32.93 -23.29 -32.88
CA ALA A 639 32.88 -24.49 -33.72
C ALA A 639 34.27 -25.09 -33.92
N HIS A 640 35.32 -24.26 -33.93
CA HIS A 640 36.65 -24.78 -34.15
C HIS A 640 37.14 -25.62 -32.98
N LEU A 641 36.66 -25.35 -31.77
CA LEU A 641 37.09 -26.12 -30.60
C LEU A 641 36.60 -27.56 -30.68
N PHE A 642 35.38 -27.77 -31.14
CA PHE A 642 34.76 -29.09 -31.19
C PHE A 642 34.63 -29.57 -32.63
N ASP A 643 33.97 -30.70 -32.81
CA ASP A 643 33.72 -31.26 -34.13
C ASP A 643 32.26 -31.03 -34.52
N ASP A 644 31.92 -31.46 -35.74
CA ASP A 644 30.57 -31.25 -36.25
C ASP A 644 29.54 -32.01 -35.43
N LYS A 645 29.83 -33.27 -35.09
CA LYS A 645 28.88 -34.05 -34.30
C LYS A 645 28.74 -33.50 -32.89
N VAL A 646 29.84 -32.99 -32.32
CA VAL A 646 29.77 -32.37 -31.01
C VAL A 646 28.90 -31.12 -31.07
N MET A 647 29.07 -30.32 -32.11
CA MET A 647 28.23 -29.14 -32.27
C MET A 647 26.76 -29.53 -32.41
N LYS A 648 26.48 -30.58 -33.18
CA LYS A 648 25.09 -31.00 -33.36
C LYS A 648 24.48 -31.47 -32.04
N GLN A 649 25.22 -32.24 -31.25
CA GLN A 649 24.70 -32.66 -29.95
C GLN A 649 24.47 -31.47 -29.04
N LEU A 650 25.40 -30.50 -29.06
CA LEU A 650 25.24 -29.30 -28.24
C LEU A 650 23.98 -28.54 -28.63
N LYS A 651 23.72 -28.42 -29.93
CA LYS A 651 22.48 -27.80 -30.38
C LYS A 651 21.28 -28.58 -29.89
N ARG A 652 21.37 -29.91 -29.88
CA ARG A 652 20.26 -30.72 -29.43
C ARG A 652 19.92 -30.46 -27.96
N ARG A 653 20.94 -30.38 -27.11
CA ARG A 653 20.68 -30.19 -25.68
C ARG A 653 20.26 -28.75 -25.39
N ARG A 654 19.22 -28.59 -24.56
CA ARG A 654 18.77 -27.26 -24.19
C ARG A 654 18.32 -27.26 -22.72
N TYR A 655 18.75 -26.25 -21.98
CA TYR A 655 18.41 -26.10 -20.57
C TYR A 655 17.37 -25.02 -20.37
N THR A 656 16.67 -25.10 -19.23
CA THR A 656 15.68 -24.11 -18.84
C THR A 656 15.84 -23.79 -17.37
N GLY A 657 15.80 -22.51 -17.02
CA GLY A 657 15.86 -22.07 -15.64
C GLY A 657 16.88 -20.99 -15.34
N TRP A 658 16.53 -20.11 -14.41
CA TRP A 658 17.40 -19.01 -14.00
C TRP A 658 17.57 -19.03 -12.49
N GLY A 659 18.80 -18.83 -12.05
CA GLY A 659 19.11 -18.88 -10.63
C GLY A 659 18.72 -17.61 -9.90
N ARG A 660 18.95 -17.62 -8.59
CA ARG A 660 18.68 -16.48 -7.74
C ARG A 660 19.94 -15.79 -7.24
N LEU A 661 21.12 -16.18 -7.73
CA LEU A 661 22.39 -15.61 -7.31
C LEU A 661 23.17 -15.12 -8.52
N SER A 662 23.85 -13.98 -8.37
CA SER A 662 24.62 -13.41 -9.46
C SER A 662 26.04 -13.94 -9.48
N ARG A 663 26.63 -13.94 -10.67
CA ARG A 663 28.01 -14.42 -10.82
C ARG A 663 28.98 -13.51 -10.09
N LYS A 664 28.72 -12.21 -10.08
CA LYS A 664 29.58 -11.29 -9.35
C LYS A 664 29.57 -11.60 -7.87
N LEU A 665 28.39 -11.87 -7.30
CA LEU A 665 28.33 -12.23 -5.89
C LEU A 665 29.05 -13.54 -5.62
N ILE A 666 28.88 -14.53 -6.50
CA ILE A 666 29.43 -15.86 -6.23
C ILE A 666 30.95 -15.84 -6.36
N ASN A 667 31.49 -15.20 -7.39
CA ASN A 667 32.91 -15.34 -7.68
C ASN A 667 33.67 -14.04 -7.96
N GLY A 668 32.99 -12.92 -8.20
CA GLY A 668 33.68 -11.69 -8.53
C GLY A 668 34.21 -10.93 -7.34
N ILE A 669 33.36 -10.69 -6.33
CA ILE A 669 33.80 -9.93 -5.17
C ILE A 669 34.78 -10.76 -4.35
N ARG A 670 35.74 -10.06 -3.75
CA ARG A 670 36.76 -10.69 -2.94
C ARG A 670 36.87 -9.97 -1.60
N ASP A 671 37.27 -10.71 -0.58
CA ASP A 671 37.46 -10.11 0.74
C ASP A 671 38.66 -9.16 0.70
N LYS A 672 38.51 -8.02 1.38
CA LYS A 672 39.59 -7.04 1.40
C LYS A 672 40.82 -7.57 2.12
N GLN A 673 40.60 -8.33 3.20
CA GLN A 673 41.73 -8.77 4.01
C GLN A 673 42.54 -9.87 3.33
N SER A 674 41.85 -10.85 2.72
CA SER A 674 42.52 -12.02 2.16
C SER A 674 42.47 -12.08 0.65
N GLY A 675 41.62 -11.30 0.00
CA GLY A 675 41.51 -11.38 -1.45
C GLY A 675 40.95 -12.70 -1.95
N LYS A 676 39.95 -13.24 -1.25
CA LYS A 676 39.34 -14.51 -1.60
C LYS A 676 37.85 -14.34 -1.80
N THR A 677 37.32 -14.97 -2.85
CA THR A 677 35.91 -14.87 -3.17
C THR A 677 35.08 -15.79 -2.28
N ILE A 678 33.76 -15.72 -2.43
CA ILE A 678 32.88 -16.57 -1.63
C ILE A 678 33.11 -18.04 -1.97
N LEU A 679 33.21 -18.35 -3.26
CA LEU A 679 33.48 -19.73 -3.65
C LEU A 679 34.85 -20.17 -3.16
N ASP A 680 35.84 -19.28 -3.23
CA ASP A 680 37.17 -19.64 -2.74
C ASP A 680 37.13 -19.96 -1.25
N PHE A 681 36.43 -19.15 -0.46
CA PHE A 681 36.30 -19.42 0.96
C PHE A 681 35.55 -20.72 1.21
N LEU A 682 34.50 -20.96 0.44
CA LEU A 682 33.71 -22.18 0.61
C LEU A 682 34.55 -23.42 0.30
N LYS A 683 35.38 -23.37 -0.74
CA LYS A 683 36.28 -24.47 -1.01
C LYS A 683 37.31 -24.64 0.10
N SER A 684 37.88 -23.53 0.56
CA SER A 684 38.98 -23.54 1.54
C SER A 684 38.50 -23.17 2.94
N ASP A 685 37.29 -23.61 3.30
CA ASP A 685 36.77 -23.32 4.63
C ASP A 685 37.63 -23.95 5.72
N GLY A 686 38.08 -25.19 5.48
CA GLY A 686 38.87 -25.84 6.50
C GLY A 686 37.99 -26.25 7.67
N PHE A 687 38.55 -26.12 8.87
CA PHE A 687 37.83 -26.52 10.07
C PHE A 687 36.61 -25.64 10.32
N ALA A 688 36.66 -24.38 9.92
CA ALA A 688 35.52 -23.48 10.17
C ALA A 688 34.27 -23.95 9.44
N ASN A 689 34.40 -24.28 8.16
CA ASN A 689 33.28 -24.78 7.34
C ASN A 689 32.08 -23.85 7.37
N ARG A 690 32.34 -22.55 7.28
CA ARG A 690 31.27 -21.55 7.24
C ARG A 690 30.60 -21.50 5.87
N ASN A 691 29.27 -21.58 5.85
CA ASN A 691 28.51 -21.63 4.61
C ASN A 691 28.19 -20.22 4.13
N PHE A 692 27.28 -20.12 3.15
CA PHE A 692 27.01 -18.83 2.50
C PHE A 692 26.38 -17.81 3.44
N MET A 693 25.39 -18.22 4.22
CA MET A 693 24.73 -17.26 5.11
C MET A 693 25.70 -16.75 6.18
N GLN A 694 26.50 -17.66 6.75
CA GLN A 694 27.50 -17.24 7.72
C GLN A 694 28.52 -16.31 7.08
N LEU A 695 28.91 -16.60 5.83
CA LEU A 695 29.86 -15.75 5.15
C LEU A 695 29.32 -14.34 4.96
N ILE A 696 28.06 -14.22 4.55
CA ILE A 696 27.55 -12.88 4.27
C ILE A 696 27.11 -12.16 5.54
N HIS A 697 26.97 -12.87 6.66
CA HIS A 697 26.63 -12.22 7.91
C HIS A 697 27.81 -12.08 8.86
N ASP A 698 29.00 -12.53 8.47
CA ASP A 698 30.16 -12.34 9.32
C ASP A 698 30.50 -10.86 9.42
N ASP A 699 30.73 -10.39 10.66
CA ASP A 699 31.07 -8.98 10.86
C ASP A 699 32.50 -8.70 10.45
N SER A 700 33.44 -9.58 10.81
CA SER A 700 34.84 -9.34 10.49
C SER A 700 35.07 -9.37 8.99
N LEU A 701 34.41 -10.28 8.28
CA LEU A 701 34.58 -10.38 6.84
C LEU A 701 33.94 -9.18 6.15
N THR A 702 34.54 -8.76 5.05
CA THR A 702 34.09 -7.56 4.33
C THR A 702 32.93 -7.82 3.39
N PHE A 703 32.45 -9.07 3.30
CA PHE A 703 31.35 -9.36 2.39
C PHE A 703 30.10 -8.58 2.77
N LYS A 704 29.79 -8.52 4.06
CA LYS A 704 28.62 -7.77 4.50
C LYS A 704 28.75 -6.30 4.15
N GLU A 705 29.94 -5.73 4.37
CA GLU A 705 30.15 -4.32 4.06
C GLU A 705 29.98 -4.05 2.57
N ASP A 706 30.56 -4.90 1.73
CA ASP A 706 30.43 -4.68 0.28
C ASP A 706 29.01 -4.85 -0.20
N ILE A 707 28.27 -5.82 0.36
CA ILE A 707 26.88 -5.99 0.00
C ILE A 707 26.07 -4.77 0.41
N GLN A 708 26.33 -4.25 1.62
CA GLN A 708 25.61 -3.06 2.07
C GLN A 708 25.92 -1.86 1.17
N LYS A 709 27.17 -1.73 0.75
CA LYS A 709 27.54 -0.60 -0.11
C LYS A 709 26.81 -0.68 -1.44
N ALA A 710 26.70 -1.88 -2.02
CA ALA A 710 26.01 -2.02 -3.30
C ALA A 710 24.54 -1.69 -3.17
N GLN A 711 23.88 -2.16 -2.11
CA GLN A 711 22.47 -1.89 -1.91
C GLN A 711 22.18 -0.42 -1.69
N VAL A 712 23.16 0.34 -1.20
CA VAL A 712 22.95 1.77 -0.98
C VAL A 712 22.74 2.48 -2.31
N SER A 713 23.53 2.11 -3.33
CA SER A 713 23.42 2.73 -4.63
C SER A 713 22.01 2.55 -5.19
N GLY A 714 21.45 3.63 -5.73
CA GLY A 714 20.09 3.67 -6.20
C GLY A 714 19.09 4.12 -5.15
N GLN A 715 19.31 3.75 -3.88
CA GLN A 715 18.47 4.16 -2.76
C GLN A 715 17.04 3.69 -3.06
N GLY A 716 16.04 4.56 -2.98
CA GLY A 716 14.68 4.17 -3.28
C GLY A 716 14.03 5.17 -4.22
N ASP A 717 13.13 4.66 -5.04
CA ASP A 717 12.38 5.48 -5.99
C ASP A 717 11.23 6.16 -5.26
N SER A 718 10.30 6.73 -6.01
CA SER A 718 9.15 7.37 -5.39
C SER A 718 8.27 6.34 -4.71
N LEU A 719 7.38 6.82 -3.85
CA LEU A 719 6.47 5.93 -3.14
C LEU A 719 5.56 5.20 -4.11
N HIS A 720 5.03 5.92 -5.10
CA HIS A 720 4.18 5.31 -6.11
C HIS A 720 4.96 4.28 -6.92
N GLU A 721 6.19 4.59 -7.28
CA GLU A 721 7.01 3.64 -8.02
C GLU A 721 7.26 2.37 -7.21
N HIS A 722 7.53 2.54 -5.93
CA HIS A 722 7.75 1.39 -5.04
C HIS A 722 6.50 0.53 -4.95
N ILE A 723 5.34 1.16 -4.76
CA ILE A 723 4.10 0.41 -4.64
C ILE A 723 3.77 -0.30 -5.94
N ALA A 724 4.02 0.35 -7.08
CA ALA A 724 3.81 -0.30 -8.36
C ALA A 724 4.73 -1.50 -8.53
N ASN A 725 5.98 -1.38 -8.08
CA ASN A 725 6.90 -2.49 -8.17
C ASN A 725 6.54 -3.64 -7.23
N LEU A 726 5.77 -3.37 -6.18
CA LEU A 726 5.32 -4.45 -5.31
C LEU A 726 4.51 -5.48 -6.11
N ALA A 727 4.43 -6.69 -5.55
CA ALA A 727 3.73 -7.80 -6.18
C ALA A 727 2.43 -8.06 -5.44
N GLY A 728 1.33 -8.14 -6.18
CA GLY A 728 0.04 -8.38 -5.59
C GLY A 728 -1.06 -7.91 -6.52
N SER A 729 -2.26 -7.80 -5.96
CA SER A 729 -3.40 -7.35 -6.73
C SER A 729 -3.37 -5.82 -6.89
N PRO A 730 -3.77 -5.32 -8.05
CA PRO A 730 -3.83 -3.85 -8.23
C PRO A 730 -4.77 -3.16 -7.25
N ALA A 731 -5.88 -3.81 -6.89
CA ALA A 731 -6.76 -3.22 -5.89
C ALA A 731 -6.06 -3.10 -4.54
N ILE A 732 -5.31 -4.13 -4.16
CA ILE A 732 -4.57 -4.08 -2.90
C ILE A 732 -3.52 -2.98 -2.95
N LYS A 733 -2.84 -2.84 -4.09
CA LYS A 733 -1.82 -1.79 -4.20
C LYS A 733 -2.45 -0.40 -4.10
N LYS A 734 -3.61 -0.21 -4.72
CA LYS A 734 -4.31 1.07 -4.59
C LYS A 734 -4.68 1.35 -3.14
N GLY A 735 -5.19 0.34 -2.44
CA GLY A 735 -5.48 0.53 -1.02
C GLY A 735 -4.25 0.89 -0.21
N ILE A 736 -3.11 0.28 -0.52
CA ILE A 736 -1.88 0.58 0.20
C ILE A 736 -1.46 2.03 -0.01
N LEU A 737 -1.52 2.50 -1.26
CA LEU A 737 -1.15 3.89 -1.52
C LEU A 737 -2.09 4.85 -0.79
N GLN A 738 -3.38 4.56 -0.80
CA GLN A 738 -4.31 5.44 -0.10
C GLN A 738 -4.02 5.46 1.40
N THR A 739 -3.67 4.30 1.97
CA THR A 739 -3.33 4.26 3.39
C THR A 739 -2.09 5.09 3.70
N VAL A 740 -1.08 5.02 2.84
CA VAL A 740 0.12 5.84 3.07
C VAL A 740 -0.25 7.32 3.05
N LYS A 741 -1.07 7.73 2.09
CA LYS A 741 -1.43 9.14 2.00
C LYS A 741 -2.21 9.58 3.22
N VAL A 742 -3.14 8.74 3.71
CA VAL A 742 -3.90 9.15 4.88
C VAL A 742 -3.01 9.19 6.11
N VAL A 743 -1.98 8.33 6.18
CA VAL A 743 -1.05 8.41 7.31
C VAL A 743 -0.33 9.74 7.32
N ASP A 744 0.18 10.17 6.16
CA ASP A 744 0.84 11.48 6.11
C ASP A 744 -0.12 12.61 6.47
N GLU A 745 -1.35 12.54 5.95
CA GLU A 745 -2.33 13.59 6.24
C GLU A 745 -2.65 13.65 7.74
N LEU A 746 -2.81 12.49 8.38
CA LEU A 746 -3.10 12.48 9.82
C LEU A 746 -1.93 13.00 10.64
N VAL A 747 -0.71 12.65 10.26
CA VAL A 747 0.45 13.17 10.97
C VAL A 747 0.48 14.69 10.87
N LYS A 748 0.19 15.22 9.70
CA LYS A 748 0.12 16.68 9.56
C LYS A 748 -1.00 17.26 10.41
N VAL A 749 -2.14 16.58 10.49
CA VAL A 749 -3.27 17.10 11.26
C VAL A 749 -2.92 17.20 12.74
N MET A 750 -2.25 16.18 13.28
CA MET A 750 -2.02 16.14 14.72
C MET A 750 -0.85 17.01 15.16
N GLY A 751 -0.41 17.96 14.35
CA GLY A 751 0.64 18.86 14.77
C GLY A 751 2.05 18.42 14.44
N ARG A 752 2.21 17.58 13.42
CA ARG A 752 3.51 17.04 13.02
C ARG A 752 4.15 16.17 14.10
N HIS A 753 3.35 15.60 15.00
CA HIS A 753 3.86 14.69 16.01
C HIS A 753 3.54 13.26 15.59
N LYS A 754 4.57 12.43 15.53
CA LYS A 754 4.40 11.06 15.10
C LYS A 754 3.74 10.22 16.19
N PRO A 755 2.90 9.25 15.83
CA PRO A 755 2.23 8.43 16.84
C PRO A 755 3.19 7.47 17.51
N GLU A 756 2.78 6.99 18.67
CA GLU A 756 3.56 5.94 19.33
C GLU A 756 3.47 4.63 18.58
N ASN A 757 2.25 4.24 18.18
CA ASN A 757 2.04 2.96 17.53
C ASN A 757 1.13 3.12 16.33
N ILE A 758 1.29 2.24 15.35
CA ILE A 758 0.44 2.18 14.17
C ILE A 758 0.00 0.74 14.00
N VAL A 759 -1.24 0.43 14.36
CA VAL A 759 -1.79 -0.92 14.25
C VAL A 759 -2.54 -1.04 12.94
N ILE A 760 -2.14 -1.98 12.09
CA ILE A 760 -2.77 -2.15 10.79
C ILE A 760 -3.30 -3.57 10.68
N GLU A 761 -4.26 -3.76 9.77
CA GLU A 761 -4.76 -5.07 9.43
C GLU A 761 -5.23 -5.04 7.98
N MET A 762 -5.20 -6.20 7.33
CA MET A 762 -5.60 -6.34 5.94
C MET A 762 -6.54 -7.52 5.79
N ALA A 763 -7.64 -7.33 5.06
CA ALA A 763 -8.57 -8.42 4.80
C ALA A 763 -7.93 -9.44 3.87
N ARG A 764 -8.37 -10.70 4.01
CA ARG A 764 -7.81 -11.77 3.20
C ARG A 764 -8.07 -11.56 1.71
N GLU A 765 -9.29 -11.18 1.35
CA GLU A 765 -9.60 -10.93 -0.06
C GLU A 765 -10.64 -9.84 -0.21
N LYS A 774 -14.80 -16.02 -16.71
CA LYS A 774 -15.96 -16.43 -15.91
C LYS A 774 -15.65 -17.69 -15.10
N ASN A 775 -15.91 -17.62 -13.80
CA ASN A 775 -15.64 -18.77 -12.93
C ASN A 775 -16.49 -19.96 -13.29
N SER A 776 -17.76 -19.74 -13.65
CA SER A 776 -18.63 -20.83 -14.04
C SER A 776 -18.12 -21.52 -15.31
N ARG A 777 -17.61 -20.74 -16.25
CA ARG A 777 -17.04 -21.33 -17.46
C ARG A 777 -15.82 -22.17 -17.13
N GLU A 778 -14.97 -21.69 -16.21
CA GLU A 778 -13.81 -22.46 -15.80
C GLU A 778 -14.23 -23.76 -15.13
N ARG A 779 -15.25 -23.71 -14.28
CA ARG A 779 -15.75 -24.92 -13.64
C ARG A 779 -16.29 -25.90 -14.67
N MET A 780 -17.04 -25.40 -15.65
CA MET A 780 -17.59 -26.27 -16.69
C MET A 780 -16.48 -26.93 -17.50
N LYS A 781 -15.46 -26.16 -17.89
CA LYS A 781 -14.39 -26.75 -18.67
C LYS A 781 -13.60 -27.75 -17.83
N ARG A 782 -13.42 -27.47 -16.54
CA ARG A 782 -12.68 -28.39 -15.68
C ARG A 782 -13.43 -29.70 -15.50
N ILE A 783 -14.74 -29.63 -15.27
CA ILE A 783 -15.51 -30.87 -15.10
C ILE A 783 -15.56 -31.64 -16.41
N GLU A 784 -15.67 -30.93 -17.54
CA GLU A 784 -15.66 -31.61 -18.83
C GLU A 784 -14.35 -32.36 -19.04
N GLU A 785 -13.23 -31.70 -18.76
CA GLU A 785 -11.92 -32.34 -18.93
C GLU A 785 -11.78 -33.54 -17.99
N GLY A 786 -12.22 -33.38 -16.74
CA GLY A 786 -12.12 -34.48 -15.79
C GLY A 786 -12.97 -35.67 -16.19
N ILE A 787 -14.19 -35.42 -16.66
CA ILE A 787 -15.07 -36.50 -17.09
C ILE A 787 -14.48 -37.20 -18.30
N LYS A 788 -13.95 -36.43 -19.26
CA LYS A 788 -13.33 -37.05 -20.43
C LYS A 788 -12.13 -37.90 -20.04
N GLU A 789 -11.30 -37.41 -19.12
CA GLU A 789 -10.15 -38.18 -18.67
C GLU A 789 -10.57 -39.46 -17.95
N LEU A 790 -11.60 -39.37 -17.10
CA LEU A 790 -12.04 -40.54 -16.34
C LEU A 790 -12.82 -41.52 -17.19
N GLY A 791 -13.36 -41.10 -18.32
CA GLY A 791 -14.13 -41.99 -19.17
C GLY A 791 -15.57 -42.20 -18.74
N SER A 792 -16.03 -41.52 -17.69
CA SER A 792 -17.40 -41.66 -17.24
C SER A 792 -18.33 -40.81 -18.10
N GLN A 793 -19.64 -40.91 -17.83
CA GLN A 793 -20.65 -40.19 -18.58
C GLN A 793 -21.67 -39.55 -17.65
N ILE A 794 -21.20 -39.02 -16.52
CA ILE A 794 -22.11 -38.38 -15.57
C ILE A 794 -22.76 -37.16 -16.19
N LEU A 795 -21.97 -36.34 -16.89
CA LEU A 795 -22.54 -35.18 -17.58
C LEU A 795 -23.54 -35.61 -18.64
N LYS A 796 -23.24 -36.70 -19.36
CA LYS A 796 -24.17 -37.21 -20.36
C LYS A 796 -25.43 -37.75 -19.71
N GLU A 797 -25.34 -38.23 -18.47
CA GLU A 797 -26.53 -38.72 -17.79
C GLU A 797 -27.53 -37.60 -17.56
N HIS A 798 -27.06 -36.45 -17.11
CA HIS A 798 -27.91 -35.28 -16.91
C HIS A 798 -27.04 -34.03 -17.00
N PRO A 799 -27.06 -33.34 -18.15
CA PRO A 799 -26.20 -32.16 -18.31
C PRO A 799 -26.55 -31.07 -17.32
N VAL A 800 -25.54 -30.32 -16.92
CA VAL A 800 -25.68 -29.23 -15.95
C VAL A 800 -25.12 -27.96 -16.58
N GLU A 801 -25.90 -26.88 -16.50
CA GLU A 801 -25.46 -25.60 -17.03
C GLU A 801 -24.49 -24.93 -16.05
N ASN A 802 -23.78 -23.92 -16.57
CA ASN A 802 -22.78 -23.24 -15.76
C ASN A 802 -23.40 -22.54 -14.55
N THR A 803 -24.56 -21.91 -14.75
CA THR A 803 -25.25 -21.27 -13.62
C THR A 803 -25.63 -22.31 -12.58
N GLN A 804 -26.12 -23.47 -13.01
CA GLN A 804 -26.42 -24.54 -12.08
C GLN A 804 -25.13 -25.07 -11.44
N LEU A 805 -24.06 -25.19 -12.23
CA LEU A 805 -22.79 -25.67 -11.69
C LEU A 805 -22.18 -24.71 -10.69
N GLN A 806 -22.62 -23.45 -10.67
CA GLN A 806 -22.09 -22.50 -9.70
C GLN A 806 -22.44 -22.87 -8.28
N ASN A 807 -23.46 -23.73 -8.07
CA ASN A 807 -23.81 -24.15 -6.73
C ASN A 807 -22.71 -25.02 -6.13
N GLU A 808 -22.45 -24.81 -4.84
CA GLU A 808 -21.35 -25.51 -4.19
C GLU A 808 -21.63 -27.01 -4.08
N LYS A 809 -22.83 -27.37 -3.63
CA LYS A 809 -23.16 -28.79 -3.47
C LYS A 809 -23.16 -29.50 -4.81
N LEU A 810 -23.76 -28.90 -5.83
CA LEU A 810 -23.77 -29.51 -7.16
C LEU A 810 -22.36 -29.64 -7.71
N TYR A 811 -21.53 -28.61 -7.52
CA TYR A 811 -20.16 -28.67 -8.01
C TYR A 811 -19.38 -29.78 -7.32
N LEU A 812 -19.54 -29.91 -6.00
CA LEU A 812 -18.86 -30.99 -5.27
C LEU A 812 -19.35 -32.36 -5.72
N TYR A 813 -20.67 -32.52 -5.90
CA TYR A 813 -21.21 -33.80 -6.33
C TYR A 813 -20.69 -34.18 -7.71
N TYR A 814 -20.60 -33.21 -8.62
CA TYR A 814 -20.11 -33.49 -9.95
C TYR A 814 -18.60 -33.73 -9.97
N LEU A 815 -17.86 -33.04 -9.10
CA LEU A 815 -16.42 -33.28 -9.02
C LEU A 815 -16.11 -34.65 -8.43
N GLN A 816 -16.94 -35.12 -7.51
CA GLN A 816 -16.76 -36.42 -6.87
C GLN A 816 -17.26 -37.58 -7.74
N ASN A 817 -17.54 -37.32 -9.02
CA ASN A 817 -18.02 -38.34 -9.94
C ASN A 817 -19.34 -38.96 -9.47
N GLY A 818 -20.11 -38.21 -8.68
CA GLY A 818 -21.40 -38.68 -8.24
C GLY A 818 -21.37 -39.74 -7.16
N ARG A 819 -20.21 -39.99 -6.55
CA ARG A 819 -20.06 -41.02 -5.53
C ARG A 819 -19.56 -40.41 -4.24
N ASP A 820 -19.89 -41.05 -3.12
CA ASP A 820 -19.47 -40.58 -1.82
C ASP A 820 -17.95 -40.64 -1.70
N MET A 821 -17.39 -39.69 -0.96
CA MET A 821 -15.94 -39.57 -0.82
C MET A 821 -15.39 -40.27 0.41
N TYR A 822 -16.20 -40.46 1.45
CA TYR A 822 -15.73 -41.11 2.67
C TYR A 822 -16.02 -42.60 2.71
N VAL A 823 -17.10 -43.04 2.07
CA VAL A 823 -17.44 -44.45 1.97
C VAL A 823 -17.81 -44.76 0.53
N ASP A 824 -17.78 -46.05 0.19
CA ASP A 824 -18.00 -46.49 -1.18
C ASP A 824 -19.49 -46.68 -1.40
N GLN A 825 -20.13 -45.61 -1.91
CA GLN A 825 -21.54 -45.68 -2.28
C GLN A 825 -21.81 -44.57 -3.29
N GLU A 826 -23.03 -44.56 -3.82
CA GLU A 826 -23.42 -43.65 -4.89
C GLU A 826 -24.36 -42.59 -4.34
N LEU A 827 -24.10 -41.34 -4.69
CA LEU A 827 -24.96 -40.23 -4.32
C LEU A 827 -25.94 -39.91 -5.44
N ASP A 828 -27.05 -39.27 -5.08
CA ASP A 828 -28.10 -38.93 -6.02
C ASP A 828 -28.18 -37.41 -6.17
N ILE A 829 -28.17 -36.95 -7.42
CA ILE A 829 -28.29 -35.52 -7.68
C ILE A 829 -29.66 -35.01 -7.26
N ASN A 830 -30.71 -35.78 -7.54
CA ASN A 830 -32.06 -35.39 -7.12
C ASN A 830 -32.23 -35.41 -5.61
N ARG A 831 -31.34 -36.07 -4.88
CA ARG A 831 -31.38 -36.11 -3.43
C ARG A 831 -30.46 -35.08 -2.80
N LEU A 832 -29.94 -34.14 -3.57
CA LEU A 832 -29.05 -33.11 -3.05
C LEU A 832 -29.82 -32.18 -2.12
N SER A 833 -29.09 -31.17 -1.60
CA SER A 833 -29.61 -30.25 -0.59
C SER A 833 -30.02 -30.98 0.68
N ASP A 834 -29.53 -32.21 0.86
CA ASP A 834 -29.82 -32.99 2.06
C ASP A 834 -28.58 -33.61 2.69
N TYR A 835 -27.47 -33.73 1.97
CA TYR A 835 -26.24 -34.27 2.52
C TYR A 835 -25.50 -33.18 3.28
N ASP A 836 -24.26 -33.47 3.69
CA ASP A 836 -23.45 -32.53 4.46
C ASP A 836 -22.09 -32.37 3.81
N VAL A 837 -21.61 -31.12 3.77
CA VAL A 837 -20.29 -30.80 3.26
C VAL A 837 -19.31 -30.81 4.44
N ASP A 838 -18.30 -31.67 4.37
CA ASP A 838 -17.34 -31.84 5.44
C ASP A 838 -15.96 -31.42 4.98
N ALA A 839 -15.29 -30.60 5.79
CA ALA A 839 -13.94 -30.15 5.48
C ALA A 839 -12.93 -31.22 5.91
N ILE A 840 -11.93 -31.44 5.05
CA ILE A 840 -10.90 -32.43 5.34
C ILE A 840 -10.14 -32.05 6.60
N VAL A 841 -9.66 -30.82 6.66
CA VAL A 841 -9.06 -30.26 7.87
C VAL A 841 -10.16 -29.61 8.70
N PRO A 842 -10.24 -29.89 10.00
CA PRO A 842 -11.35 -29.35 10.80
C PRO A 842 -11.39 -27.83 10.77
N GLN A 843 -12.60 -27.28 10.78
CA GLN A 843 -12.77 -25.85 10.66
C GLN A 843 -12.14 -25.09 11.82
N SER A 844 -12.08 -25.70 12.99
CA SER A 844 -11.49 -25.04 14.15
C SER A 844 -10.00 -24.78 13.95
N PHE A 845 -9.27 -25.76 13.42
CA PHE A 845 -7.83 -25.61 13.24
C PHE A 845 -7.51 -24.66 12.11
N LEU A 846 -8.20 -24.80 10.97
CA LEU A 846 -7.94 -23.97 9.81
C LEU A 846 -9.27 -23.50 9.21
N LYS A 847 -9.36 -22.21 8.94
CA LYS A 847 -10.57 -21.61 8.38
C LYS A 847 -10.39 -21.47 6.87
N ASP A 848 -10.54 -22.59 6.17
CA ASP A 848 -10.46 -22.62 4.71
C ASP A 848 -11.77 -23.18 4.15
N ASP A 849 -12.50 -22.34 3.42
CA ASP A 849 -13.78 -22.72 2.85
C ASP A 849 -13.69 -23.06 1.36
N SER A 850 -12.49 -23.25 0.84
CA SER A 850 -12.32 -23.50 -0.58
C SER A 850 -12.75 -24.93 -0.94
N ILE A 851 -12.95 -25.14 -2.24
CA ILE A 851 -13.29 -26.48 -2.72
C ILE A 851 -12.14 -27.45 -2.49
N ASP A 852 -10.91 -26.94 -2.43
CA ASP A 852 -9.75 -27.79 -2.15
C ASP A 852 -9.81 -28.40 -0.76
N ASN A 853 -10.63 -27.85 0.14
CA ASN A 853 -10.78 -28.40 1.48
C ASN A 853 -12.18 -28.90 1.78
N LYS A 854 -13.18 -28.51 1.00
CA LYS A 854 -14.55 -28.94 1.24
C LYS A 854 -14.82 -30.25 0.51
N VAL A 855 -15.56 -31.14 1.15
CA VAL A 855 -15.87 -32.46 0.60
C VAL A 855 -17.33 -32.77 0.88
N LEU A 856 -18.05 -33.25 -0.13
CA LEU A 856 -19.47 -33.61 -0.01
C LEU A 856 -19.59 -35.11 0.19
N THR A 857 -20.23 -35.50 1.29
CA THR A 857 -20.44 -36.91 1.62
C THR A 857 -21.85 -37.07 2.18
N ARG A 858 -22.33 -38.32 2.15
CA ARG A 858 -23.68 -38.60 2.63
C ARG A 858 -23.83 -38.28 4.11
N SER A 859 -22.84 -38.66 4.92
CA SER A 859 -22.88 -38.40 6.35
C SER A 859 -21.49 -38.00 6.82
N ASP A 860 -21.42 -36.90 7.58
CA ASP A 860 -20.15 -36.43 8.10
C ASP A 860 -19.54 -37.38 9.12
N LYS A 861 -20.36 -38.24 9.74
CA LYS A 861 -19.86 -39.17 10.75
C LYS A 861 -18.99 -40.26 10.17
N ASN A 862 -18.97 -40.43 8.85
CA ASN A 862 -18.14 -41.46 8.25
C ASN A 862 -16.66 -41.17 8.40
N ARG A 863 -16.30 -39.89 8.52
CA ARG A 863 -14.90 -39.51 8.63
C ARG A 863 -14.27 -39.99 9.94
N GLY A 864 -15.08 -40.29 10.94
CA GLY A 864 -14.56 -40.71 12.23
C GLY A 864 -14.63 -39.58 13.25
N LYS A 865 -13.52 -39.32 13.93
CA LYS A 865 -13.45 -38.23 14.89
C LYS A 865 -13.59 -36.89 14.17
N SER A 866 -14.27 -35.94 14.82
CA SER A 866 -14.57 -34.65 14.23
C SER A 866 -13.47 -33.61 14.49
N ASP A 867 -12.41 -33.96 15.20
CA ASP A 867 -11.35 -33.02 15.55
C ASP A 867 -10.00 -33.49 15.01
N ASN A 868 -10.00 -34.22 13.90
CA ASN A 868 -8.78 -34.74 13.32
C ASN A 868 -9.04 -35.07 11.85
N VAL A 869 -8.03 -35.63 11.21
CA VAL A 869 -8.12 -36.04 9.80
C VAL A 869 -9.07 -37.24 9.73
N PRO A 870 -9.71 -37.50 8.59
CA PRO A 870 -10.54 -38.70 8.46
C PRO A 870 -9.80 -39.96 8.86
N SER A 871 -10.56 -40.97 9.26
CA SER A 871 -9.99 -42.15 9.90
C SER A 871 -9.18 -42.98 8.91
N GLU A 872 -8.28 -43.79 9.49
CA GLU A 872 -7.37 -44.61 8.68
C GLU A 872 -8.12 -45.65 7.87
N GLU A 873 -9.18 -46.22 8.45
CA GLU A 873 -9.96 -47.21 7.70
C GLU A 873 -10.62 -46.59 6.48
N VAL A 874 -11.18 -45.39 6.62
CA VAL A 874 -11.78 -44.70 5.49
C VAL A 874 -10.71 -44.34 4.45
N VAL A 875 -9.54 -43.92 4.93
CA VAL A 875 -8.45 -43.61 4.00
C VAL A 875 -8.06 -44.85 3.20
N LYS A 876 -7.93 -45.99 3.88
CA LYS A 876 -7.59 -47.23 3.20
C LYS A 876 -8.68 -47.63 2.21
N LYS A 877 -9.93 -47.45 2.59
CA LYS A 877 -11.04 -47.83 1.72
C LYS A 877 -11.06 -46.99 0.45
N MET A 878 -10.81 -45.68 0.57
CA MET A 878 -11.00 -44.76 -0.55
C MET A 878 -9.68 -44.28 -1.15
N LYS A 879 -8.56 -44.91 -0.81
CA LYS A 879 -7.28 -44.52 -1.40
C LYS A 879 -7.29 -44.70 -2.91
N ASN A 880 -7.81 -45.83 -3.39
CA ASN A 880 -7.85 -46.07 -4.82
C ASN A 880 -8.75 -45.07 -5.53
N TYR A 881 -9.93 -44.79 -4.95
CA TYR A 881 -10.84 -43.82 -5.56
C TYR A 881 -10.23 -42.43 -5.60
N TRP A 882 -9.58 -42.02 -4.51
CA TRP A 882 -8.95 -40.71 -4.47
C TRP A 882 -7.79 -40.62 -5.46
N ARG A 883 -7.01 -41.71 -5.60
CA ARG A 883 -5.94 -41.73 -6.58
C ARG A 883 -6.50 -41.60 -7.99
N GLN A 884 -7.60 -42.29 -8.27
CA GLN A 884 -8.23 -42.17 -9.58
C GLN A 884 -8.72 -40.74 -9.83
N LEU A 885 -9.32 -40.13 -8.82
CA LEU A 885 -9.78 -38.75 -8.96
C LEU A 885 -8.61 -37.80 -9.21
N LEU A 886 -7.51 -38.00 -8.50
CA LEU A 886 -6.32 -37.19 -8.72
C LEU A 886 -5.78 -37.36 -10.13
N ASN A 887 -5.73 -38.60 -10.61
CA ASN A 887 -5.29 -38.84 -11.98
C ASN A 887 -6.25 -38.23 -12.99
N ALA A 888 -7.52 -38.07 -12.62
CA ALA A 888 -8.50 -37.42 -13.47
C ALA A 888 -8.52 -35.91 -13.30
N LYS A 889 -7.64 -35.35 -12.47
CA LYS A 889 -7.55 -33.92 -12.21
C LYS A 889 -8.83 -33.36 -11.59
N LEU A 890 -9.66 -34.22 -11.01
CA LEU A 890 -10.84 -33.75 -10.31
C LEU A 890 -10.48 -33.18 -8.94
N ILE A 891 -9.49 -33.78 -8.27
CA ILE A 891 -8.97 -33.26 -7.02
C ILE A 891 -7.51 -32.90 -7.23
N THR A 892 -7.00 -32.07 -6.33
CA THR A 892 -5.64 -31.54 -6.45
C THR A 892 -4.69 -32.33 -5.57
N GLN A 893 -3.38 -32.10 -5.78
CA GLN A 893 -2.38 -32.78 -4.98
C GLN A 893 -2.48 -32.40 -3.51
N ARG A 894 -2.72 -31.12 -3.22
CA ARG A 894 -2.87 -30.70 -1.84
C ARG A 894 -4.08 -31.36 -1.19
N LYS A 895 -5.20 -31.44 -1.91
CA LYS A 895 -6.38 -32.10 -1.39
C LYS A 895 -6.12 -33.58 -1.12
N PHE A 896 -5.43 -34.24 -2.05
CA PHE A 896 -5.10 -35.66 -1.87
C PHE A 896 -4.19 -35.86 -0.66
N ASP A 897 -3.18 -35.01 -0.52
CA ASP A 897 -2.27 -35.13 0.62
C ASP A 897 -2.99 -34.91 1.93
N ASN A 898 -3.90 -33.93 1.96
CA ASN A 898 -4.67 -33.70 3.18
C ASN A 898 -5.59 -34.89 3.47
N LEU A 899 -6.20 -35.47 2.43
CA LEU A 899 -7.09 -36.60 2.63
C LEU A 899 -6.34 -37.80 3.17
N THR A 900 -5.16 -38.08 2.64
CA THR A 900 -4.38 -39.24 3.04
C THR A 900 -3.37 -38.91 4.15
N LYS A 901 -3.67 -37.94 4.99
CA LYS A 901 -2.76 -37.58 6.07
C LYS A 901 -2.80 -38.59 7.22
N ALA A 902 -3.88 -39.39 7.31
CA ALA A 902 -3.95 -40.40 8.36
C ALA A 902 -2.86 -41.43 8.20
N GLU A 903 -2.57 -41.82 6.96
CA GLU A 903 -1.48 -42.77 6.72
C GLU A 903 -0.14 -42.16 7.12
N ARG A 904 0.07 -40.87 6.84
CA ARG A 904 1.30 -40.21 7.24
C ARG A 904 1.40 -40.09 8.75
N GLY A 905 0.26 -40.06 9.44
CA GLY A 905 0.27 -39.98 10.88
C GLY A 905 -0.83 -39.12 11.46
N GLY A 906 -1.57 -38.44 10.61
CA GLY A 906 -2.64 -37.57 11.06
C GLY A 906 -2.11 -36.26 11.61
N LEU A 907 -3.01 -35.53 12.28
CA LEU A 907 -2.68 -34.22 12.82
C LEU A 907 -2.01 -34.39 14.17
N SER A 908 -0.69 -34.18 14.21
CA SER A 908 0.05 -34.29 15.46
C SER A 908 -0.20 -33.07 16.34
N GLU A 909 0.25 -33.18 17.59
CA GLU A 909 0.05 -32.10 18.55
C GLU A 909 0.81 -30.84 18.13
N LEU A 910 2.03 -31.00 17.60
CA LEU A 910 2.77 -29.85 17.11
C LEU A 910 2.04 -29.20 15.94
N ASP A 911 1.46 -30.02 15.06
CA ASP A 911 0.69 -29.47 13.95
C ASP A 911 -0.52 -28.68 14.45
N LYS A 912 -1.21 -29.21 15.47
CA LYS A 912 -2.34 -28.50 16.04
C LYS A 912 -1.90 -27.19 16.66
N ALA A 913 -0.78 -27.19 17.38
CA ALA A 913 -0.27 -25.96 17.98
C ALA A 913 0.10 -24.94 16.91
N GLY A 914 0.75 -25.37 15.84
CA GLY A 914 1.08 -24.45 14.76
C GLY A 914 -0.16 -23.88 14.09
N PHE A 915 -1.16 -24.72 13.86
CA PHE A 915 -2.41 -24.25 13.27
C PHE A 915 -3.10 -23.23 14.17
N ILE A 916 -3.10 -23.48 15.47
CA ILE A 916 -3.72 -22.55 16.40
C ILE A 916 -2.96 -21.23 16.41
N LYS A 917 -1.62 -21.29 16.47
CA LYS A 917 -0.85 -20.06 16.56
C LYS A 917 -0.96 -19.22 15.29
N ARG A 918 -0.93 -19.87 14.13
CA ARG A 918 -0.93 -19.11 12.88
C ARG A 918 -2.25 -18.43 12.59
N GLN A 919 -3.31 -18.74 13.36
CA GLN A 919 -4.57 -18.03 13.20
C GLN A 919 -4.53 -16.62 13.78
N LEU A 920 -3.55 -16.32 14.62
CA LEU A 920 -3.45 -15.01 15.25
C LEU A 920 -2.30 -14.16 14.75
N VAL A 921 -1.21 -14.78 14.32
CA VAL A 921 -0.04 -14.06 13.87
C VAL A 921 -0.11 -13.90 12.35
N GLU A 922 -0.07 -12.65 11.89
CA GLU A 922 -0.12 -12.38 10.46
C GLU A 922 1.17 -12.85 9.79
N THR A 923 1.04 -13.47 8.62
CA THR A 923 2.21 -13.98 7.92
C THR A 923 2.21 -13.70 6.43
N ARG A 924 1.36 -12.79 5.95
CA ARG A 924 1.28 -12.52 4.52
C ARG A 924 2.35 -11.52 4.10
N GLN A 925 2.98 -11.80 2.95
CA GLN A 925 4.05 -10.94 2.47
C GLN A 925 3.55 -9.56 2.11
N ILE A 926 2.31 -9.44 1.65
CA ILE A 926 1.76 -8.13 1.33
C ILE A 926 1.65 -7.28 2.58
N THR A 927 1.20 -7.88 3.69
CA THR A 927 1.14 -7.16 4.96
C THR A 927 2.55 -6.79 5.43
N LYS A 928 3.51 -7.68 5.25
CA LYS A 928 4.89 -7.35 5.61
C LYS A 928 5.40 -6.16 4.80
N HIS A 929 5.08 -6.12 3.50
CA HIS A 929 5.49 -4.99 2.67
C HIS A 929 4.85 -3.68 3.12
N VAL A 930 3.57 -3.72 3.47
CA VAL A 930 2.90 -2.52 3.98
C VAL A 930 3.57 -2.03 5.25
N ALA A 931 3.86 -2.96 6.17
CA ALA A 931 4.51 -2.58 7.41
C ALA A 931 5.88 -1.99 7.15
N GLN A 932 6.63 -2.57 6.21
CA GLN A 932 7.96 -2.06 5.90
C GLN A 932 7.90 -0.66 5.35
N ILE A 933 6.94 -0.40 4.45
CA ILE A 933 6.84 0.94 3.85
C ILE A 933 6.51 1.97 4.93
N LEU A 934 5.53 1.66 5.78
CA LEU A 934 5.19 2.62 6.83
C LEU A 934 6.34 2.83 7.80
N ASP A 935 7.04 1.74 8.15
CA ASP A 935 8.14 1.86 9.10
C ASP A 935 9.27 2.72 8.54
N SER A 936 9.63 2.50 7.27
CA SER A 936 10.68 3.31 6.67
C SER A 936 10.26 4.78 6.58
N ARG A 937 8.99 5.03 6.26
CA ARG A 937 8.53 6.41 6.21
C ARG A 937 8.58 7.08 7.58
N MET A 938 8.18 6.36 8.62
CA MET A 938 8.06 6.98 9.93
C MET A 938 9.40 7.11 10.65
N ASN A 939 10.07 5.99 10.91
CA ASN A 939 11.30 6.00 11.68
C ASN A 939 12.49 6.20 10.74
N THR A 940 13.21 7.31 10.93
CA THR A 940 14.35 7.65 10.09
C THR A 940 15.62 7.99 10.86
N LYS A 941 15.54 8.35 12.14
CA LYS A 941 16.73 8.76 12.87
C LYS A 941 17.63 7.56 13.17
N TYR A 942 18.90 7.86 13.38
CA TYR A 942 19.91 6.84 13.66
C TYR A 942 20.67 7.20 14.93
N ASP A 943 21.16 6.18 15.62
CA ASP A 943 21.93 6.35 16.85
C ASP A 943 23.39 6.59 16.51
N GLU A 944 24.24 6.63 17.54
CA GLU A 944 25.68 6.80 17.33
C GLU A 944 26.26 5.62 16.57
N ASN A 945 25.80 4.40 16.88
CA ASN A 945 26.26 3.19 16.22
C ASN A 945 25.42 2.84 14.99
N ASP A 946 24.78 3.85 14.37
CA ASP A 946 23.98 3.66 13.16
C ASP A 946 22.84 2.66 13.38
N LYS A 947 22.28 2.67 14.58
CA LYS A 947 21.14 1.84 14.92
C LYS A 947 19.88 2.70 14.89
N LEU A 948 18.92 2.32 14.06
CA LEU A 948 17.69 3.08 13.91
C LEU A 948 16.89 3.08 15.20
N ILE A 949 16.35 4.24 15.56
CA ILE A 949 15.55 4.38 16.77
C ILE A 949 14.10 4.12 16.41
N ARG A 950 13.48 3.14 17.07
CA ARG A 950 12.10 2.76 16.80
C ARG A 950 11.15 3.69 17.56
N GLU A 951 11.05 4.93 17.09
CA GLU A 951 10.10 5.85 17.71
C GLU A 951 8.66 5.38 17.51
N VAL A 952 8.33 4.91 16.32
CA VAL A 952 6.99 4.44 16.01
C VAL A 952 7.03 2.94 15.77
N LYS A 953 6.18 2.21 16.48
CA LYS A 953 6.12 0.76 16.39
C LYS A 953 4.94 0.34 15.51
N VAL A 954 5.21 -0.39 14.45
CA VAL A 954 4.19 -0.83 13.50
C VAL A 954 3.78 -2.25 13.85
N ILE A 955 2.49 -2.43 14.18
CA ILE A 955 1.94 -3.72 14.60
C ILE A 955 0.96 -4.19 13.55
N THR A 956 1.05 -5.47 13.18
CA THR A 956 0.13 -6.09 12.24
C THR A 956 -0.62 -7.20 12.95
N LEU A 957 -1.94 -7.18 12.87
CA LEU A 957 -2.79 -8.18 13.50
C LEU A 957 -3.69 -8.82 12.45
N LYS A 958 -4.21 -9.99 12.77
CA LYS A 958 -5.20 -10.60 11.92
C LYS A 958 -6.60 -10.19 12.37
N SER A 959 -7.57 -10.37 11.47
CA SER A 959 -8.94 -10.02 11.77
C SER A 959 -9.57 -10.92 12.82
N LYS A 960 -8.96 -12.08 13.08
CA LYS A 960 -9.55 -13.02 14.03
C LYS A 960 -9.63 -12.41 15.42
N LEU A 961 -8.59 -11.69 15.85
CA LEU A 961 -8.57 -11.13 17.20
C LEU A 961 -9.72 -10.14 17.39
N VAL A 962 -9.90 -9.23 16.44
CA VAL A 962 -10.94 -8.23 16.58
C VAL A 962 -12.31 -8.85 16.46
N SER A 963 -12.49 -9.81 15.54
CA SER A 963 -13.78 -10.47 15.42
C SER A 963 -14.13 -11.23 16.69
N ASP A 964 -13.15 -11.90 17.29
CA ASP A 964 -13.38 -12.60 18.55
C ASP A 964 -13.74 -11.61 19.66
N PHE A 965 -13.07 -10.45 19.68
CA PHE A 965 -13.41 -9.42 20.64
C PHE A 965 -14.85 -8.97 20.48
N ARG A 966 -15.28 -8.76 19.23
CA ARG A 966 -16.65 -8.32 18.97
C ARG A 966 -17.65 -9.37 19.43
N LYS A 967 -17.38 -10.63 19.12
CA LYS A 967 -18.31 -11.69 19.50
C LYS A 967 -18.36 -11.87 21.00
N ASP A 968 -17.24 -11.70 21.68
CA ASP A 968 -17.21 -11.91 23.12
C ASP A 968 -17.90 -10.78 23.86
N PHE A 969 -17.67 -9.53 23.44
CA PHE A 969 -18.13 -8.37 24.20
C PHE A 969 -19.24 -7.60 23.50
N GLN A 970 -20.06 -8.30 22.71
CA GLN A 970 -21.31 -7.75 22.18
C GLN A 970 -21.12 -6.53 21.28
N PHE A 971 -19.98 -6.39 20.61
CA PHE A 971 -19.83 -5.32 19.62
C PHE A 971 -20.12 -5.85 18.21
N TYR A 972 -21.35 -6.35 18.05
CA TYR A 972 -21.73 -7.04 16.82
C TYR A 972 -21.69 -6.08 15.63
N LYS A 973 -21.26 -6.61 14.49
CA LYS A 973 -21.10 -5.83 13.26
C LYS A 973 -22.08 -6.31 12.19
N VAL A 974 -22.81 -5.37 11.61
CA VAL A 974 -23.70 -5.65 10.47
C VAL A 974 -23.28 -4.75 9.32
N ARG A 975 -22.91 -5.35 8.20
CA ARG A 975 -22.38 -4.60 7.07
C ARG A 975 -23.43 -3.87 6.26
N GLU A 976 -24.71 -4.24 6.38
CA GLU A 976 -25.74 -3.63 5.54
C GLU A 976 -26.21 -2.28 6.07
N ILE A 977 -25.95 -1.96 7.33
CA ILE A 977 -26.48 -0.72 7.90
C ILE A 977 -25.88 0.49 7.21
N ASN A 978 -24.56 0.65 7.30
CA ASN A 978 -23.87 1.77 6.69
C ASN A 978 -22.40 1.41 6.58
N ASN A 979 -21.58 2.40 6.22
CA ASN A 979 -20.15 2.20 6.03
C ASN A 979 -19.33 2.52 7.28
N TYR A 980 -19.99 2.77 8.41
CA TYR A 980 -19.28 3.10 9.64
C TYR A 980 -18.47 1.92 10.16
N HIS A 981 -18.72 0.72 9.67
CA HIS A 981 -18.03 -0.44 10.20
C HIS A 981 -16.55 -0.45 9.81
N HIS A 982 -16.16 0.19 8.71
CA HIS A 982 -14.74 0.33 8.39
C HIS A 982 -14.01 1.15 9.44
N ALA A 983 -14.58 2.30 9.81
CA ALA A 983 -13.98 3.12 10.85
C ALA A 983 -13.99 2.42 12.19
N HIS A 984 -15.07 1.72 12.51
CA HIS A 984 -15.11 0.99 13.77
C HIS A 984 -14.07 -0.13 13.80
N ASP A 985 -13.85 -0.80 12.66
CA ASP A 985 -12.82 -1.82 12.61
C ASP A 985 -11.44 -1.23 12.83
N ALA A 986 -11.17 -0.07 12.24
CA ALA A 986 -9.88 0.58 12.47
C ALA A 986 -9.70 0.94 13.93
N TYR A 987 -10.74 1.48 14.56
CA TYR A 987 -10.63 1.86 15.96
C TYR A 987 -10.38 0.65 16.85
N LEU A 988 -11.11 -0.45 16.60
CA LEU A 988 -10.90 -1.65 17.40
C LEU A 988 -9.53 -2.25 17.14
N ASN A 989 -9.03 -2.15 15.91
CA ASN A 989 -7.68 -2.62 15.64
C ASN A 989 -6.69 -1.89 16.51
N ALA A 990 -6.79 -0.57 16.56
CA ALA A 990 -5.87 0.21 17.38
C ALA A 990 -5.98 -0.16 18.84
N VAL A 991 -7.20 -0.25 19.36
CA VAL A 991 -7.39 -0.52 20.78
C VAL A 991 -6.81 -1.87 21.16
N VAL A 992 -7.16 -2.91 20.39
CA VAL A 992 -6.71 -4.26 20.73
C VAL A 992 -5.19 -4.37 20.62
N GLY A 993 -4.61 -3.83 19.54
CA GLY A 993 -3.17 -3.93 19.40
C GLY A 993 -2.42 -3.19 20.51
N THR A 994 -2.85 -1.99 20.85
CA THR A 994 -2.19 -1.24 21.91
C THR A 994 -2.30 -1.96 23.24
N ALA A 995 -3.48 -2.46 23.57
CA ALA A 995 -3.63 -3.17 24.84
C ALA A 995 -2.76 -4.41 24.87
N LEU A 996 -2.69 -5.15 23.76
CA LEU A 996 -1.88 -6.37 23.75
C LEU A 996 -0.42 -6.07 23.97
N ILE A 997 0.13 -5.08 23.25
CA ILE A 997 1.55 -4.83 23.43
C ILE A 997 1.84 -4.15 24.76
N LYS A 998 0.85 -3.52 25.39
CA LYS A 998 1.05 -3.01 26.74
C LYS A 998 1.12 -4.15 27.74
N LYS A 999 0.21 -5.12 27.63
CA LYS A 999 0.15 -6.19 28.62
C LYS A 999 1.29 -7.18 28.45
N TYR A 1000 1.62 -7.56 27.22
CA TYR A 1000 2.66 -8.57 26.95
C TYR A 1000 3.77 -7.96 26.13
N PRO A 1001 4.76 -7.33 26.76
CA PRO A 1001 5.90 -6.82 26.01
C PRO A 1001 6.71 -7.92 25.33
N LYS A 1002 6.57 -9.17 25.77
CA LYS A 1002 7.33 -10.26 25.18
C LYS A 1002 6.79 -10.72 23.83
N LEU A 1003 5.62 -10.23 23.44
CA LEU A 1003 5.03 -10.58 22.14
C LEU A 1003 5.45 -9.63 21.03
N GLU A 1004 6.36 -8.70 21.31
CA GLU A 1004 6.76 -7.74 20.30
C GLU A 1004 7.45 -8.41 19.13
N SER A 1005 8.07 -9.58 19.34
CA SER A 1005 8.79 -10.24 18.26
C SER A 1005 7.85 -10.65 17.13
N GLU A 1006 6.69 -11.21 17.47
CA GLU A 1006 5.78 -11.74 16.46
C GLU A 1006 4.75 -10.73 15.96
N PHE A 1007 4.64 -9.57 16.58
CA PHE A 1007 3.68 -8.56 16.16
C PHE A 1007 4.34 -7.30 15.63
N VAL A 1008 5.24 -6.69 16.40
CA VAL A 1008 5.83 -5.43 16.01
C VAL A 1008 6.85 -5.68 14.91
N TYR A 1009 6.75 -4.92 13.82
CA TYR A 1009 7.71 -5.05 12.75
C TYR A 1009 9.08 -4.58 13.24
N GLY A 1010 10.10 -5.36 12.92
CA GLY A 1010 11.46 -5.04 13.34
C GLY A 1010 12.45 -6.13 13.00
N LYS A 1030 6.54 -28.70 25.32
CA LYS A 1030 6.58 -27.46 24.56
C LYS A 1030 5.33 -27.29 23.70
N ALA A 1031 4.86 -28.40 23.12
CA ALA A 1031 3.67 -28.34 22.29
C ALA A 1031 2.46 -27.94 23.11
N THR A 1032 2.33 -28.48 24.32
CA THR A 1032 1.22 -28.08 25.19
C THR A 1032 1.39 -26.65 25.67
N ALA A 1033 2.63 -26.27 26.00
CA ALA A 1033 2.86 -24.91 26.49
C ALA A 1033 2.56 -23.87 25.42
N LYS A 1034 2.95 -24.15 24.18
CA LYS A 1034 2.66 -23.21 23.09
C LYS A 1034 1.19 -23.23 22.72
N TYR A 1035 0.53 -24.38 22.80
CA TYR A 1035 -0.88 -24.47 22.43
C TYR A 1035 -1.74 -23.62 23.36
N PHE A 1036 -1.61 -23.80 24.66
CA PHE A 1036 -2.47 -23.10 25.60
C PHE A 1036 -2.07 -21.64 25.80
N PHE A 1037 -0.87 -21.25 25.37
CA PHE A 1037 -0.49 -19.85 25.48
C PHE A 1037 -1.26 -18.97 24.50
N TYR A 1038 -1.34 -19.40 23.23
CA TYR A 1038 -2.01 -18.60 22.22
C TYR A 1038 -3.52 -18.81 22.20
N SER A 1039 -4.02 -19.85 22.88
CA SER A 1039 -5.46 -19.99 23.00
C SER A 1039 -6.05 -18.99 23.99
N ASN A 1040 -5.27 -18.60 25.00
CA ASN A 1040 -5.72 -17.68 26.03
C ASN A 1040 -5.00 -16.34 25.98
N ILE A 1041 -4.49 -15.94 24.82
CA ILE A 1041 -3.76 -14.68 24.73
C ILE A 1041 -4.69 -13.50 24.96
N MET A 1042 -5.96 -13.62 24.59
CA MET A 1042 -6.93 -12.55 24.74
C MET A 1042 -7.82 -12.74 25.96
N ASN A 1043 -7.44 -13.62 26.88
CA ASN A 1043 -8.26 -13.89 28.04
C ASN A 1043 -8.15 -12.81 29.12
N PHE A 1044 -7.22 -11.88 28.98
CA PHE A 1044 -7.13 -10.84 30.00
C PHE A 1044 -8.18 -9.76 29.82
N PHE A 1045 -8.89 -9.74 28.70
CA PHE A 1045 -9.96 -8.77 28.54
C PHE A 1045 -11.19 -9.15 29.37
N LYS A 1046 -11.49 -10.45 29.46
CA LYS A 1046 -12.75 -10.87 30.05
C LYS A 1046 -12.64 -10.97 31.56
N THR A 1047 -13.79 -10.79 32.23
CA THR A 1047 -13.84 -10.87 33.68
C THR A 1047 -13.75 -12.30 34.18
N GLU A 1048 -14.38 -13.24 33.47
CA GLU A 1048 -14.40 -14.63 33.88
C GLU A 1048 -13.79 -15.51 32.79
N ILE A 1049 -13.16 -16.59 33.24
CA ILE A 1049 -12.54 -17.56 32.34
C ILE A 1049 -13.16 -18.92 32.60
N THR A 1050 -13.50 -19.62 31.53
CA THR A 1050 -14.11 -20.96 31.61
C THR A 1050 -15.36 -20.95 32.47
N ILE A 1056 -14.24 -21.71 36.43
CA ILE A 1056 -14.60 -20.29 36.56
C ILE A 1056 -13.52 -19.54 37.30
N ARG A 1057 -12.79 -18.68 36.58
CA ARG A 1057 -11.71 -17.90 37.15
C ARG A 1057 -12.14 -16.45 37.29
N LYS A 1058 -12.02 -15.90 38.51
CA LYS A 1058 -12.38 -14.52 38.80
C LYS A 1058 -11.19 -13.61 38.54
N ARG A 1059 -11.06 -13.19 37.28
CA ARG A 1059 -9.96 -12.33 36.88
C ARG A 1059 -10.09 -10.94 37.50
N PRO A 1060 -9.00 -10.31 37.89
CA PRO A 1060 -9.07 -8.99 38.54
C PRO A 1060 -9.70 -7.95 37.62
N LEU A 1061 -10.38 -6.98 38.23
CA LEU A 1061 -11.06 -5.94 37.47
C LEU A 1061 -10.08 -5.04 36.73
N ILE A 1062 -8.99 -4.65 37.37
CA ILE A 1062 -7.98 -3.79 36.76
C ILE A 1062 -6.83 -4.66 36.26
N GLU A 1063 -6.50 -4.50 34.98
CA GLU A 1063 -5.41 -5.24 34.38
C GLU A 1063 -4.13 -4.42 34.46
N THR A 1064 -3.07 -5.05 34.97
CA THR A 1064 -1.77 -4.41 35.10
C THR A 1064 -0.73 -5.17 34.29
N ASN A 1065 0.35 -4.46 33.94
CA ASN A 1065 1.38 -5.06 33.12
C ASN A 1065 2.05 -6.24 33.82
N GLY A 1066 2.31 -6.11 35.12
CA GLY A 1066 3.13 -7.09 35.79
C GLY A 1066 4.59 -6.71 35.59
N GLU A 1067 5.35 -6.69 36.68
CA GLU A 1067 6.73 -6.19 36.75
C GLU A 1067 6.80 -4.68 36.56
N THR A 1068 5.68 -4.02 36.25
CA THR A 1068 5.61 -2.58 36.14
C THR A 1068 4.22 -2.13 36.59
N GLY A 1069 4.13 -0.88 37.03
CA GLY A 1069 2.88 -0.31 37.47
C GLY A 1069 2.09 0.34 36.36
N GLU A 1070 1.80 -0.41 35.29
CA GLU A 1070 1.11 0.11 34.14
C GLU A 1070 -0.28 -0.52 34.05
N ILE A 1071 -1.30 0.33 33.94
CA ILE A 1071 -2.66 -0.13 33.77
C ILE A 1071 -2.93 -0.26 32.28
N VAL A 1072 -3.06 -1.49 31.79
CA VAL A 1072 -3.28 -1.71 30.37
C VAL A 1072 -4.77 -1.81 30.05
N TRP A 1073 -5.60 -2.08 31.04
CA TRP A 1073 -7.04 -2.22 30.79
C TRP A 1073 -7.78 -1.96 32.08
N ASP A 1074 -9.04 -1.59 31.94
CA ASP A 1074 -9.90 -1.35 33.10
C ASP A 1074 -11.31 -1.77 32.70
N LYS A 1075 -11.72 -2.95 33.13
CA LYS A 1075 -13.03 -3.46 32.77
C LYS A 1075 -14.15 -2.58 33.30
N GLY A 1076 -13.88 -1.77 34.32
CA GLY A 1076 -14.91 -0.90 34.85
C GLY A 1076 -15.36 0.18 33.88
N ARG A 1077 -14.40 0.82 33.20
CA ARG A 1077 -14.71 1.98 32.38
C ARG A 1077 -14.27 1.89 30.93
N ASP A 1078 -13.29 1.06 30.58
CA ASP A 1078 -12.82 1.00 29.20
C ASP A 1078 -13.86 0.40 28.27
N PHE A 1079 -14.65 -0.56 28.76
CA PHE A 1079 -15.73 -1.08 27.93
C PHE A 1079 -16.77 0.00 27.66
N ALA A 1080 -17.06 0.83 28.67
CA ALA A 1080 -17.96 1.95 28.46
C ALA A 1080 -17.39 2.93 27.45
N THR A 1081 -16.09 3.20 27.50
CA THR A 1081 -15.48 4.09 26.53
C THR A 1081 -15.59 3.53 25.12
N VAL A 1082 -15.32 2.24 24.95
CA VAL A 1082 -15.44 1.64 23.61
C VAL A 1082 -16.86 1.72 23.12
N ARG A 1083 -17.83 1.42 23.98
CA ARG A 1083 -19.23 1.53 23.58
C ARG A 1083 -19.58 2.95 23.17
N LYS A 1084 -19.10 3.94 23.91
CA LYS A 1084 -19.37 5.32 23.55
C LYS A 1084 -18.76 5.68 22.20
N VAL A 1085 -17.54 5.23 21.94
CA VAL A 1085 -16.90 5.55 20.67
C VAL A 1085 -17.63 4.90 19.52
N LEU A 1086 -18.09 3.66 19.69
CA LEU A 1086 -18.78 2.98 18.61
C LEU A 1086 -20.15 3.59 18.32
N SER A 1087 -20.70 4.37 19.24
CA SER A 1087 -22.04 4.94 19.08
C SER A 1087 -22.04 6.39 18.62
N MET A 1088 -20.90 6.96 18.30
CA MET A 1088 -20.87 8.35 17.85
C MET A 1088 -21.54 8.47 16.49
N PRO A 1089 -22.39 9.48 16.29
CA PRO A 1089 -23.08 9.61 15.01
C PRO A 1089 -22.26 10.28 13.92
N GLN A 1090 -21.14 10.91 14.24
CA GLN A 1090 -20.34 11.62 13.27
C GLN A 1090 -19.08 10.81 12.95
N VAL A 1091 -18.93 10.42 11.70
CA VAL A 1091 -17.75 9.70 11.21
C VAL A 1091 -17.47 10.20 9.81
N ASN A 1092 -16.23 10.60 9.56
CA ASN A 1092 -15.85 11.25 8.31
C ASN A 1092 -15.69 10.22 7.20
N ILE A 1093 -16.77 10.01 6.44
CA ILE A 1093 -16.78 9.09 5.31
C ILE A 1093 -16.58 9.90 4.03
N VAL A 1094 -15.56 9.53 3.26
CA VAL A 1094 -15.17 10.25 2.06
C VAL A 1094 -15.10 9.29 0.89
N LYS A 1095 -15.77 9.63 -0.20
CA LYS A 1095 -15.69 8.88 -1.45
C LYS A 1095 -14.67 9.57 -2.36
N LYS A 1096 -13.64 8.83 -2.74
CA LYS A 1096 -12.55 9.42 -3.51
C LYS A 1096 -13.01 9.82 -4.89
N THR A 1097 -12.99 11.12 -5.18
CA THR A 1097 -13.37 11.59 -6.51
C THR A 1097 -12.33 11.16 -7.53
N GLU A 1098 -12.79 10.77 -8.71
CA GLU A 1098 -11.90 10.30 -9.75
C GLU A 1098 -12.38 10.82 -11.09
N VAL A 1099 -11.44 10.96 -12.01
CA VAL A 1099 -11.74 11.34 -13.38
C VAL A 1099 -11.77 10.07 -14.21
N GLN A 1100 -12.89 9.79 -14.84
CA GLN A 1100 -13.04 8.55 -15.57
C GLN A 1100 -12.12 8.52 -16.78
N THR A 1101 -11.45 7.39 -16.99
CA THR A 1101 -10.60 7.17 -18.15
C THR A 1101 -10.88 5.78 -18.70
N GLY A 1102 -10.62 5.60 -19.98
CA GLY A 1102 -10.84 4.29 -20.57
C GLY A 1102 -11.48 4.31 -21.95
N GLY A 1103 -12.33 3.31 -22.21
CA GLY A 1103 -12.97 3.24 -23.50
C GLY A 1103 -13.90 4.41 -23.74
N PHE A 1104 -14.00 4.80 -25.01
CA PHE A 1104 -14.81 5.95 -25.37
C PHE A 1104 -16.28 5.72 -25.07
N SER A 1105 -16.80 4.56 -25.40
CA SER A 1105 -18.23 4.27 -25.26
C SER A 1105 -18.44 2.76 -25.32
N LYS A 1106 -19.70 2.36 -25.43
CA LYS A 1106 -20.01 0.96 -25.65
C LYS A 1106 -19.50 0.54 -27.02
N GLU A 1107 -18.92 -0.66 -27.11
CA GLU A 1107 -18.30 -1.11 -28.34
C GLU A 1107 -19.30 -1.58 -29.39
N SER A 1108 -20.56 -1.80 -29.04
CA SER A 1108 -21.55 -2.27 -30.01
C SER A 1108 -21.87 -1.19 -31.03
N ILE A 1109 -21.91 -1.57 -32.29
CA ILE A 1109 -22.23 -0.66 -33.39
C ILE A 1109 -23.72 -0.81 -33.69
N LEU A 1110 -24.47 0.26 -33.46
CA LEU A 1110 -25.90 0.23 -33.69
C LEU A 1110 -26.24 0.51 -35.15
N PRO A 1111 -27.39 0.06 -35.63
CA PRO A 1111 -27.82 0.39 -36.98
C PRO A 1111 -28.23 1.85 -37.11
N LYS A 1112 -28.42 2.26 -38.36
CA LYS A 1112 -28.76 3.65 -38.66
C LYS A 1112 -30.09 4.03 -38.03
N ARG A 1113 -30.15 5.21 -37.44
CA ARG A 1113 -31.40 5.74 -36.92
C ARG A 1113 -31.27 7.25 -36.82
N ASN A 1114 -32.41 7.93 -36.87
CA ASN A 1114 -32.43 9.39 -36.85
C ASN A 1114 -32.39 9.88 -35.40
N SER A 1115 -31.22 9.75 -34.80
CA SER A 1115 -30.99 10.18 -33.43
C SER A 1115 -29.70 10.96 -33.36
N ASP A 1116 -29.67 11.94 -32.46
CA ASP A 1116 -28.48 12.77 -32.25
C ASP A 1116 -27.45 12.12 -31.36
N LYS A 1117 -27.80 11.02 -30.68
CA LYS A 1117 -26.89 10.38 -29.75
C LYS A 1117 -25.83 9.52 -30.42
N LEU A 1118 -26.04 9.13 -31.68
CA LEU A 1118 -25.09 8.26 -32.36
C LEU A 1118 -23.77 8.98 -32.61
N ILE A 1119 -22.68 8.23 -32.57
CA ILE A 1119 -21.33 8.76 -32.76
C ILE A 1119 -20.74 8.14 -34.03
N ALA A 1120 -20.18 8.98 -34.88
CA ALA A 1120 -19.62 8.51 -36.14
C ALA A 1120 -18.43 7.58 -35.89
N ARG A 1121 -18.39 6.46 -36.62
CA ARG A 1121 -17.27 5.54 -36.50
C ARG A 1121 -16.04 6.07 -37.20
N LYS A 1122 -16.21 6.84 -38.27
CA LYS A 1122 -15.13 7.51 -38.97
C LYS A 1122 -15.55 8.96 -39.20
N LYS A 1123 -14.58 9.79 -39.56
CA LYS A 1123 -14.86 11.20 -39.73
C LYS A 1123 -15.86 11.45 -40.84
N ASP A 1124 -15.76 10.72 -41.94
CA ASP A 1124 -16.61 10.94 -43.10
C ASP A 1124 -17.88 10.09 -43.11
N TRP A 1125 -18.11 9.27 -42.10
CA TRP A 1125 -19.26 8.38 -42.08
C TRP A 1125 -20.33 9.01 -41.22
N ASP A 1126 -21.39 9.49 -41.85
CA ASP A 1126 -22.48 10.11 -41.13
C ASP A 1126 -23.26 9.06 -40.33
N PRO A 1127 -23.46 9.26 -39.03
CA PRO A 1127 -24.23 8.28 -38.26
C PRO A 1127 -25.64 8.05 -38.77
N LYS A 1128 -26.33 9.09 -39.24
CA LYS A 1128 -27.71 8.92 -39.69
C LYS A 1128 -27.82 8.06 -40.93
N LYS A 1129 -26.71 7.77 -41.61
CA LYS A 1129 -26.70 6.93 -42.79
C LYS A 1129 -25.89 5.65 -42.62
N TYR A 1130 -25.02 5.56 -41.62
CA TYR A 1130 -24.19 4.38 -41.45
C TYR A 1130 -24.28 3.71 -40.08
N GLY A 1131 -24.96 4.29 -39.11
CA GLY A 1131 -24.90 3.77 -37.77
C GLY A 1131 -23.65 4.23 -37.04
N GLY A 1132 -23.57 3.88 -35.77
CA GLY A 1132 -22.43 4.26 -34.98
C GLY A 1132 -22.63 3.87 -33.53
N PHE A 1133 -21.70 4.33 -32.70
CA PHE A 1133 -21.73 4.02 -31.28
C PHE A 1133 -22.73 4.91 -30.57
N ASP A 1134 -22.87 4.70 -29.27
CA ASP A 1134 -23.71 5.51 -28.40
C ASP A 1134 -23.25 5.27 -26.97
N SER A 1135 -23.89 5.95 -26.04
CA SER A 1135 -23.55 5.87 -24.62
C SER A 1135 -22.08 6.22 -24.40
N PRO A 1136 -21.67 7.45 -24.70
CA PRO A 1136 -20.28 7.83 -24.42
C PRO A 1136 -20.05 7.93 -22.93
N THR A 1137 -18.80 7.72 -22.54
CA THR A 1137 -18.41 7.80 -21.14
C THR A 1137 -17.94 9.20 -20.81
N VAL A 1138 -18.49 9.77 -19.74
CA VAL A 1138 -18.22 11.15 -19.35
C VAL A 1138 -16.96 11.19 -18.49
N ALA A 1139 -15.95 11.95 -18.93
CA ALA A 1139 -14.75 12.10 -18.12
C ALA A 1139 -15.03 12.93 -16.87
N TYR A 1140 -15.57 14.14 -17.06
CA TYR A 1140 -15.91 14.99 -15.93
C TYR A 1140 -16.86 16.07 -16.42
N SER A 1141 -17.71 16.54 -15.52
CA SER A 1141 -18.63 17.61 -15.83
C SER A 1141 -17.96 18.95 -15.61
N VAL A 1142 -18.38 19.94 -16.39
CA VAL A 1142 -17.85 21.29 -16.33
C VAL A 1142 -19.01 22.23 -16.12
N LEU A 1143 -18.94 23.04 -15.07
CA LEU A 1143 -19.96 24.05 -14.84
C LEU A 1143 -19.66 25.26 -15.72
N VAL A 1144 -20.57 25.60 -16.61
CA VAL A 1144 -20.38 26.70 -17.55
C VAL A 1144 -21.49 27.71 -17.36
N VAL A 1145 -21.11 28.97 -17.16
CA VAL A 1145 -22.04 30.08 -17.08
C VAL A 1145 -21.85 30.92 -18.32
N ALA A 1146 -22.85 30.92 -19.20
CA ALA A 1146 -22.75 31.58 -20.48
C ALA A 1146 -24.15 32.01 -20.91
N LYS A 1147 -24.29 32.35 -22.19
CA LYS A 1147 -25.57 32.71 -22.76
C LYS A 1147 -25.80 31.90 -24.03
N VAL A 1148 -27.07 31.56 -24.28
CA VAL A 1148 -27.43 30.75 -25.43
C VAL A 1148 -28.50 31.49 -26.23
N GLU A 1149 -28.61 31.11 -27.50
CA GLU A 1149 -29.60 31.68 -28.39
C GLU A 1149 -30.86 30.82 -28.31
N LYS A 1150 -31.96 31.42 -27.86
CA LYS A 1150 -33.22 30.71 -27.69
C LYS A 1150 -34.29 31.38 -28.54
N GLY A 1151 -35.05 30.57 -29.26
CA GLY A 1151 -36.13 31.08 -30.09
C GLY A 1151 -35.64 31.56 -31.44
N LYS A 1152 -36.61 31.98 -32.26
CA LYS A 1152 -36.28 32.47 -33.59
C LYS A 1152 -35.43 33.73 -33.52
N SER A 1153 -35.74 34.63 -32.58
CA SER A 1153 -34.98 35.86 -32.43
C SER A 1153 -33.55 35.62 -31.94
N LYS A 1154 -33.23 34.41 -31.49
CA LYS A 1154 -31.90 34.07 -31.00
C LYS A 1154 -31.47 35.01 -29.88
N LYS A 1155 -32.41 35.32 -28.98
CA LYS A 1155 -32.10 36.16 -27.83
C LYS A 1155 -31.13 35.44 -26.89
N LEU A 1156 -30.26 36.22 -26.26
CA LEU A 1156 -29.24 35.66 -25.37
C LEU A 1156 -29.84 35.49 -23.98
N LYS A 1157 -30.11 34.25 -23.61
CA LYS A 1157 -30.64 33.92 -22.29
C LYS A 1157 -29.52 33.42 -21.41
N SER A 1158 -29.36 34.03 -20.23
CA SER A 1158 -28.35 33.58 -19.29
C SER A 1158 -28.64 32.16 -18.85
N VAL A 1159 -27.63 31.30 -18.92
CA VAL A 1159 -27.79 29.89 -18.58
C VAL A 1159 -26.66 29.43 -17.70
N LYS A 1160 -27.00 28.67 -16.67
CA LYS A 1160 -26.05 27.94 -15.84
C LYS A 1160 -26.37 26.47 -15.98
N GLU A 1161 -25.38 25.67 -16.35
CA GLU A 1161 -25.66 24.26 -16.62
C GLU A 1161 -24.37 23.46 -16.49
N LEU A 1162 -24.54 22.14 -16.44
CA LEU A 1162 -23.44 21.20 -16.39
C LEU A 1162 -23.25 20.58 -17.76
N LEU A 1163 -22.01 20.55 -18.24
CA LEU A 1163 -21.69 19.98 -19.53
C LEU A 1163 -20.79 18.77 -19.33
N GLY A 1164 -21.19 17.64 -19.88
CA GLY A 1164 -20.40 16.44 -19.78
C GLY A 1164 -19.32 16.32 -20.83
N ILE A 1165 -18.06 16.51 -20.44
CA ILE A 1165 -16.95 16.38 -21.37
C ILE A 1165 -16.61 14.89 -21.45
N THR A 1166 -17.02 14.24 -22.54
CA THR A 1166 -16.80 12.82 -22.65
C THR A 1166 -15.31 12.54 -22.85
N ILE A 1167 -14.94 11.26 -22.75
CA ILE A 1167 -13.54 10.87 -22.79
C ILE A 1167 -12.95 11.19 -24.15
N MET A 1168 -13.72 11.02 -25.22
CA MET A 1168 -13.19 11.21 -26.57
C MET A 1168 -12.76 12.65 -26.80
N GLU A 1169 -13.52 13.61 -26.29
CA GLU A 1169 -13.30 15.03 -26.56
C GLU A 1169 -12.57 15.75 -25.43
N ARG A 1170 -12.03 15.01 -24.46
CA ARG A 1170 -11.36 15.65 -23.34
C ARG A 1170 -10.12 16.40 -23.76
N SER A 1171 -9.30 15.79 -24.63
CA SER A 1171 -8.07 16.46 -25.06
C SER A 1171 -8.37 17.71 -25.88
N SER A 1172 -9.38 17.63 -26.75
CA SER A 1172 -9.77 18.80 -27.52
C SER A 1172 -10.28 19.90 -26.61
N PHE A 1173 -11.04 19.54 -25.57
CA PHE A 1173 -11.51 20.55 -24.62
C PHE A 1173 -10.36 21.19 -23.87
N GLU A 1174 -9.39 20.39 -23.43
CA GLU A 1174 -8.28 20.95 -22.67
C GLU A 1174 -7.39 21.82 -23.53
N LYS A 1175 -7.27 21.49 -24.83
CA LYS A 1175 -6.44 22.28 -25.73
C LYS A 1175 -7.00 23.69 -25.92
N ASN A 1176 -8.33 23.81 -26.07
CA ASN A 1176 -8.96 25.12 -26.26
C ASN A 1176 -10.37 25.09 -25.69
N PRO A 1177 -10.51 25.35 -24.39
CA PRO A 1177 -11.85 25.36 -23.78
C PRO A 1177 -12.78 26.39 -24.38
N ILE A 1178 -12.26 27.57 -24.72
CA ILE A 1178 -13.10 28.63 -25.27
C ILE A 1178 -13.73 28.20 -26.59
N ASP A 1179 -12.90 27.69 -27.49
CA ASP A 1179 -13.40 27.25 -28.78
C ASP A 1179 -14.33 26.04 -28.63
N PHE A 1180 -13.98 25.14 -27.72
CA PHE A 1180 -14.83 23.97 -27.52
C PHE A 1180 -16.21 24.37 -27.03
N LEU A 1181 -16.29 25.31 -26.10
CA LEU A 1181 -17.60 25.70 -25.58
C LEU A 1181 -18.36 26.53 -26.60
N GLU A 1182 -17.68 27.39 -27.34
CA GLU A 1182 -18.38 28.19 -28.34
C GLU A 1182 -18.95 27.31 -29.45
N ALA A 1183 -18.22 26.27 -29.84
CA ALA A 1183 -18.73 25.38 -30.88
C ALA A 1183 -20.00 24.66 -30.43
N LYS A 1184 -20.13 24.41 -29.13
CA LYS A 1184 -21.33 23.74 -28.64
C LYS A 1184 -22.56 24.62 -28.69
N GLY A 1185 -22.39 25.93 -28.85
CA GLY A 1185 -23.51 26.85 -28.94
C GLY A 1185 -23.53 27.94 -27.88
N TYR A 1186 -22.67 27.89 -26.88
CA TYR A 1186 -22.64 28.89 -25.83
C TYR A 1186 -21.79 30.08 -26.25
N LYS A 1187 -22.26 31.28 -25.91
CA LYS A 1187 -21.55 32.51 -26.23
C LYS A 1187 -21.20 33.26 -24.95
N GLU A 1188 -20.06 33.94 -24.98
CA GLU A 1188 -19.60 34.78 -23.87
C GLU A 1188 -19.46 33.97 -22.57
N VAL A 1189 -18.75 32.85 -22.66
CA VAL A 1189 -18.50 32.02 -21.48
C VAL A 1189 -17.49 32.69 -20.58
N LYS A 1190 -17.38 32.23 -19.33
CA LYS A 1190 -16.45 32.78 -18.35
C LYS A 1190 -15.44 31.73 -17.94
N LYS A 1191 -14.17 31.96 -18.30
CA LYS A 1191 -13.12 31.02 -17.92
C LYS A 1191 -12.97 30.92 -16.41
N ASP A 1192 -13.06 32.05 -15.71
CA ASP A 1192 -12.95 32.02 -14.26
C ASP A 1192 -14.08 31.22 -13.64
N LEU A 1193 -15.29 31.35 -14.18
CA LEU A 1193 -16.42 30.64 -13.63
C LEU A 1193 -16.48 29.18 -14.06
N ILE A 1194 -15.70 28.77 -15.05
CA ILE A 1194 -15.62 27.36 -15.41
C ILE A 1194 -15.05 26.56 -14.25
N ILE A 1195 -15.77 25.52 -13.83
CA ILE A 1195 -15.37 24.68 -12.70
C ILE A 1195 -15.35 23.23 -13.17
N LYS A 1196 -14.24 22.54 -12.91
CA LYS A 1196 -14.09 21.14 -13.26
C LYS A 1196 -14.67 20.26 -12.15
N LEU A 1197 -15.55 19.33 -12.52
CA LEU A 1197 -16.26 18.50 -11.56
C LEU A 1197 -16.06 17.02 -11.87
N PRO A 1198 -15.13 16.36 -11.19
CA PRO A 1198 -14.94 14.93 -11.42
C PRO A 1198 -16.09 14.12 -10.88
N LYS A 1199 -16.02 12.80 -11.04
CA LYS A 1199 -17.06 11.94 -10.51
C LYS A 1199 -17.04 11.97 -8.99
N TYR A 1200 -18.21 11.69 -8.40
CA TYR A 1200 -18.36 11.65 -6.95
C TYR A 1200 -18.11 13.00 -6.30
N SER A 1201 -18.30 14.09 -7.05
CA SER A 1201 -18.24 15.41 -6.46
C SER A 1201 -19.44 15.60 -5.53
N LEU A 1202 -19.18 16.18 -4.37
CA LEU A 1202 -20.18 16.25 -3.31
C LEU A 1202 -20.87 17.60 -3.30
N PHE A 1203 -22.20 17.58 -3.18
CA PHE A 1203 -23.00 18.79 -3.10
C PHE A 1203 -23.89 18.73 -1.88
N GLU A 1204 -23.99 19.84 -1.17
CA GLU A 1204 -24.82 19.95 0.01
C GLU A 1204 -25.98 20.88 -0.32
N LEU A 1205 -27.21 20.38 -0.23
CA LEU A 1205 -28.36 21.12 -0.73
C LEU A 1205 -29.17 21.77 0.38
N GLU A 1206 -29.73 21.00 1.31
CA GLU A 1206 -30.54 21.55 2.38
C GLU A 1206 -30.87 20.43 3.36
N ASN A 1207 -31.05 20.81 4.63
CA ASN A 1207 -31.33 19.85 5.69
C ASN A 1207 -30.26 18.77 5.75
N GLY A 1208 -29.04 19.12 5.36
CA GLY A 1208 -27.97 18.15 5.34
C GLY A 1208 -28.03 17.14 4.22
N ARG A 1209 -28.93 17.34 3.26
CA ARG A 1209 -29.05 16.39 2.15
C ARG A 1209 -27.84 16.53 1.22
N LYS A 1210 -27.23 15.41 0.88
CA LYS A 1210 -26.01 15.38 0.09
C LYS A 1210 -26.23 14.53 -1.16
N ARG A 1211 -25.73 15.01 -2.29
CA ARG A 1211 -25.78 14.29 -3.55
C ARG A 1211 -24.37 14.20 -4.12
N MET A 1212 -24.05 13.06 -4.71
CA MET A 1212 -22.75 12.86 -5.35
C MET A 1212 -22.96 12.78 -6.86
N LEU A 1213 -22.12 13.47 -7.61
CA LEU A 1213 -22.28 13.56 -9.06
C LEU A 1213 -21.95 12.23 -9.70
N ALA A 1214 -22.97 11.51 -10.16
CA ALA A 1214 -22.71 10.27 -10.90
C ALA A 1214 -22.23 10.55 -12.31
N SER A 1215 -22.79 11.57 -12.95
CA SER A 1215 -22.40 11.97 -14.30
C SER A 1215 -22.99 13.35 -14.55
N ALA A 1216 -22.94 13.79 -15.80
CA ALA A 1216 -23.48 15.10 -16.13
C ALA A 1216 -25.00 15.14 -16.02
N GLY A 1217 -25.66 13.99 -15.90
CA GLY A 1217 -27.11 13.96 -15.82
C GLY A 1217 -27.68 13.01 -14.79
N GLU A 1218 -26.88 12.61 -13.82
CA GLU A 1218 -27.33 11.70 -12.78
C GLU A 1218 -26.66 12.05 -11.46
N LEU A 1219 -27.29 11.65 -10.36
CA LEU A 1219 -26.80 11.90 -9.02
C LEU A 1219 -26.84 10.62 -8.23
N GLN A 1220 -26.15 10.61 -7.09
CA GLN A 1220 -26.12 9.46 -6.19
C GLN A 1220 -26.38 9.94 -4.78
N LYS A 1221 -26.89 9.04 -3.94
CA LYS A 1221 -27.05 9.39 -2.54
C LYS A 1221 -25.69 9.59 -1.87
N GLY A 1222 -25.66 10.46 -0.87
CA GLY A 1222 -24.42 10.76 -0.20
C GLY A 1222 -24.54 10.91 1.30
N ASN A 1223 -25.54 10.26 1.89
CA ASN A 1223 -25.81 10.35 3.31
C ASN A 1223 -25.80 8.97 3.94
N GLU A 1224 -25.31 8.88 5.17
CA GLU A 1224 -25.21 7.63 5.90
C GLU A 1224 -26.13 7.65 7.11
N LEU A 1225 -26.86 6.56 7.30
CA LEU A 1225 -27.75 6.42 8.45
C LEU A 1225 -26.97 5.95 9.66
N ALA A 1226 -27.06 6.71 10.75
CA ALA A 1226 -26.35 6.39 11.99
C ALA A 1226 -27.32 5.69 12.93
N LEU A 1227 -27.58 4.42 12.67
CA LEU A 1227 -28.50 3.67 13.50
C LEU A 1227 -27.88 3.40 14.87
N PRO A 1228 -28.67 3.47 15.94
CA PRO A 1228 -28.14 3.18 17.28
C PRO A 1228 -27.61 1.75 17.42
N SER A 1229 -26.59 1.61 18.25
CA SER A 1229 -25.98 0.32 18.47
C SER A 1229 -26.95 -0.68 19.08
N LYS A 1230 -27.93 -0.22 19.86
CA LYS A 1230 -28.94 -1.14 20.38
C LYS A 1230 -29.71 -1.80 19.25
N TYR A 1231 -30.12 -1.01 18.27
CA TYR A 1231 -30.81 -1.55 17.10
C TYR A 1231 -29.89 -2.45 16.28
N VAL A 1232 -28.61 -2.10 16.17
CA VAL A 1232 -27.69 -2.95 15.42
C VAL A 1232 -27.57 -4.32 16.08
N ASN A 1233 -27.39 -4.34 17.41
CA ASN A 1233 -27.25 -5.62 18.10
C ASN A 1233 -28.54 -6.42 18.03
N PHE A 1234 -29.69 -5.77 18.16
CA PHE A 1234 -30.93 -6.53 18.08
C PHE A 1234 -31.09 -7.15 16.71
N LEU A 1235 -30.76 -6.41 15.66
CA LEU A 1235 -30.87 -6.97 14.32
C LEU A 1235 -29.92 -8.15 14.14
N TYR A 1236 -28.69 -8.03 14.61
CA TYR A 1236 -27.74 -9.14 14.49
C TYR A 1236 -28.27 -10.38 15.20
N LEU A 1237 -28.68 -10.23 16.45
CA LEU A 1237 -29.11 -11.38 17.24
C LEU A 1237 -30.38 -12.00 16.65
N ALA A 1238 -31.32 -11.18 16.19
CA ALA A 1238 -32.54 -11.73 15.64
C ALA A 1238 -32.30 -12.39 14.29
N SER A 1239 -31.41 -11.83 13.48
CA SER A 1239 -31.14 -12.38 12.16
C SER A 1239 -30.29 -13.64 12.20
N HIS A 1240 -29.62 -13.90 13.32
CA HIS A 1240 -28.79 -15.09 13.46
C HIS A 1240 -27.65 -15.07 12.44
N TYR A 1241 -26.87 -13.99 12.46
CA TYR A 1241 -25.75 -13.92 11.55
C TYR A 1241 -24.80 -15.08 11.80
N GLU A 1242 -24.27 -15.64 10.71
CA GLU A 1242 -23.41 -16.82 10.77
C GLU A 1242 -24.02 -17.92 11.64
N LYS A 1243 -25.33 -18.10 11.50
CA LYS A 1243 -26.10 -19.11 12.25
C LYS A 1243 -25.88 -18.85 13.75
N LEU A 1244 -25.73 -19.89 14.57
CA LEU A 1244 -25.50 -19.73 15.99
C LEU A 1244 -24.15 -20.33 16.34
N LYS A 1245 -23.32 -19.57 17.05
CA LYS A 1245 -21.99 -19.99 17.45
C LYS A 1245 -21.78 -19.70 18.93
N GLY A 1246 -22.78 -20.05 19.74
CA GLY A 1246 -22.71 -19.82 21.17
C GLY A 1246 -23.14 -21.07 21.93
N SER A 1247 -22.87 -21.05 23.22
CA SER A 1247 -23.24 -22.16 24.08
C SER A 1247 -24.77 -22.23 24.21
N PRO A 1248 -25.32 -23.43 24.44
CA PRO A 1248 -26.78 -23.54 24.58
C PRO A 1248 -27.34 -22.69 25.70
N GLU A 1249 -26.60 -22.53 26.80
CA GLU A 1249 -27.05 -21.65 27.87
C GLU A 1249 -27.10 -20.20 27.39
N ASP A 1250 -26.07 -19.77 26.65
CA ASP A 1250 -26.06 -18.42 26.12
C ASP A 1250 -26.99 -18.28 24.92
N ASN A 1251 -27.20 -19.37 24.18
CA ASN A 1251 -28.08 -19.30 23.03
C ASN A 1251 -29.53 -19.07 23.47
N GLU A 1252 -29.94 -19.70 24.57
CA GLU A 1252 -31.32 -19.56 25.03
C GLU A 1252 -31.61 -18.15 25.50
N GLN A 1253 -30.66 -17.53 26.21
CA GLN A 1253 -30.90 -16.19 26.75
C GLN A 1253 -30.97 -15.13 25.66
N LYS A 1254 -30.23 -15.31 24.56
CA LYS A 1254 -30.31 -14.36 23.47
C LYS A 1254 -31.66 -14.41 22.78
N GLN A 1255 -32.22 -15.61 22.63
CA GLN A 1255 -33.56 -15.73 22.06
C GLN A 1255 -34.59 -15.06 22.96
N LEU A 1256 -34.44 -15.21 24.28
CA LEU A 1256 -35.34 -14.51 25.20
C LEU A 1256 -35.18 -13.01 25.09
N PHE A 1257 -33.95 -12.54 24.90
CA PHE A 1257 -33.72 -11.10 24.69
C PHE A 1257 -34.45 -10.61 23.45
N VAL A 1258 -34.35 -11.36 22.36
CA VAL A 1258 -35.04 -10.98 21.13
C VAL A 1258 -36.55 -10.97 21.34
N GLU A 1259 -37.07 -12.00 22.02
CA GLU A 1259 -38.50 -12.09 22.26
C GLU A 1259 -39.01 -10.90 23.07
N GLN A 1260 -38.26 -10.50 24.11
CA GLN A 1260 -38.69 -9.36 24.91
C GLN A 1260 -38.55 -8.07 24.13
N HIS A 1261 -37.58 -7.98 23.22
CA HIS A 1261 -37.37 -6.77 22.42
C HIS A 1261 -37.97 -6.89 21.02
N LYS A 1262 -39.04 -7.68 20.86
CA LYS A 1262 -39.72 -7.78 19.57
C LYS A 1262 -40.05 -6.41 18.99
N HIS A 1263 -40.48 -5.47 19.84
CA HIS A 1263 -41.00 -4.21 19.36
C HIS A 1263 -39.95 -3.30 18.75
N TYR A 1264 -38.68 -3.68 18.77
CA TYR A 1264 -37.65 -2.86 18.13
C TYR A 1264 -37.83 -2.76 16.63
N LEU A 1265 -38.53 -3.70 16.01
CA LEU A 1265 -38.70 -3.66 14.55
C LEU A 1265 -39.46 -2.41 14.12
N ASP A 1266 -40.51 -2.06 14.84
CA ASP A 1266 -41.28 -0.88 14.49
C ASP A 1266 -40.44 0.38 14.62
N GLU A 1267 -39.59 0.46 15.65
CA GLU A 1267 -38.72 1.62 15.80
C GLU A 1267 -37.69 1.68 14.68
N ILE A 1268 -37.16 0.53 14.26
CA ILE A 1268 -36.23 0.53 13.14
C ILE A 1268 -36.92 1.03 11.88
N ILE A 1269 -38.16 0.59 11.65
CA ILE A 1269 -38.90 1.07 10.49
C ILE A 1269 -39.15 2.57 10.59
N GLU A 1270 -39.45 3.06 11.78
CA GLU A 1270 -39.67 4.49 11.97
C GLU A 1270 -38.40 5.28 11.65
N GLN A 1271 -37.25 4.78 12.11
CA GLN A 1271 -35.99 5.44 11.80
C GLN A 1271 -35.73 5.47 10.30
N ILE A 1272 -35.96 4.34 9.63
CA ILE A 1272 -35.76 4.28 8.19
C ILE A 1272 -36.68 5.26 7.48
N SER A 1273 -37.95 5.31 7.88
CA SER A 1273 -38.89 6.18 7.21
C SER A 1273 -38.53 7.65 7.38
N GLU A 1274 -38.17 8.06 8.59
CA GLU A 1274 -37.86 9.47 8.78
C GLU A 1274 -36.56 9.85 8.07
N PHE A 1275 -35.58 8.96 8.08
CA PHE A 1275 -34.35 9.27 7.34
C PHE A 1275 -34.63 9.39 5.85
N SER A 1276 -35.47 8.50 5.30
CA SER A 1276 -35.80 8.59 3.89
C SER A 1276 -36.56 9.87 3.56
N LYS A 1277 -37.52 10.24 4.40
CA LYS A 1277 -38.29 11.46 4.16
C LYS A 1277 -37.41 12.69 4.23
N ARG A 1278 -36.46 12.72 5.16
CA ARG A 1278 -35.60 13.89 5.28
C ARG A 1278 -34.57 13.93 4.16
N VAL A 1279 -34.10 12.78 3.68
CA VAL A 1279 -32.95 12.76 2.77
C VAL A 1279 -33.29 12.06 1.45
N ILE A 1280 -33.69 10.80 1.51
CA ILE A 1280 -33.83 10.00 0.30
C ILE A 1280 -34.91 10.55 -0.62
N LEU A 1281 -36.05 10.95 -0.05
CA LEU A 1281 -37.15 11.55 -0.81
C LEU A 1281 -37.64 10.67 -1.95
N ALA A 1282 -37.77 9.38 -1.68
CA ALA A 1282 -38.36 8.43 -2.64
C ALA A 1282 -39.71 8.02 -2.08
N ASP A 1283 -40.74 8.81 -2.41
CA ASP A 1283 -42.04 8.63 -1.78
C ASP A 1283 -42.71 7.32 -2.19
N ALA A 1284 -42.70 7.01 -3.48
CA ALA A 1284 -43.35 5.78 -3.94
C ALA A 1284 -42.68 4.55 -3.37
N ASN A 1285 -41.35 4.52 -3.40
CA ASN A 1285 -40.63 3.37 -2.84
C ASN A 1285 -40.84 3.27 -1.34
N LEU A 1286 -40.87 4.41 -0.65
CA LEU A 1286 -41.11 4.38 0.79
C LEU A 1286 -42.49 3.83 1.11
N ASP A 1287 -43.51 4.25 0.34
CA ASP A 1287 -44.86 3.74 0.57
C ASP A 1287 -44.94 2.25 0.28
N LYS A 1288 -44.29 1.79 -0.79
CA LYS A 1288 -44.30 0.35 -1.07
C LYS A 1288 -43.61 -0.43 0.04
N VAL A 1289 -42.49 0.08 0.55
CA VAL A 1289 -41.78 -0.61 1.61
C VAL A 1289 -42.64 -0.68 2.86
N LEU A 1290 -43.30 0.42 3.22
CA LEU A 1290 -44.15 0.42 4.40
C LEU A 1290 -45.33 -0.53 4.22
N SER A 1291 -45.92 -0.57 3.02
CA SER A 1291 -47.03 -1.49 2.79
C SER A 1291 -46.58 -2.94 2.90
N ALA A 1292 -45.41 -3.27 2.36
CA ALA A 1292 -44.90 -4.64 2.47
C ALA A 1292 -44.64 -5.01 3.93
N TYR A 1293 -44.05 -4.08 4.69
CA TYR A 1293 -43.82 -4.34 6.11
C TYR A 1293 -45.14 -4.54 6.85
N ASN A 1294 -46.14 -3.71 6.55
CA ASN A 1294 -47.42 -3.85 7.23
C ASN A 1294 -48.07 -5.19 6.91
N LYS A 1295 -47.98 -5.62 5.66
CA LYS A 1295 -48.63 -6.89 5.31
C LYS A 1295 -47.87 -8.08 5.86
N HIS A 1296 -46.57 -7.95 6.10
CA HIS A 1296 -45.75 -9.06 6.58
C HIS A 1296 -45.44 -8.94 8.06
N ARG A 1297 -46.42 -8.48 8.86
CA ARG A 1297 -46.20 -8.27 10.28
C ARG A 1297 -46.34 -9.56 11.08
N ASP A 1298 -47.14 -10.51 10.60
CA ASP A 1298 -47.41 -11.72 11.37
C ASP A 1298 -46.33 -12.78 11.29
N LYS A 1299 -45.38 -12.64 10.37
CA LYS A 1299 -44.34 -13.65 10.20
C LYS A 1299 -43.37 -13.66 11.37
N PRO A 1300 -42.63 -14.76 11.56
CA PRO A 1300 -41.72 -14.86 12.71
C PRO A 1300 -40.68 -13.75 12.74
N ILE A 1301 -40.16 -13.49 13.94
CA ILE A 1301 -39.18 -12.44 14.16
C ILE A 1301 -37.92 -12.71 13.35
N ARG A 1302 -37.51 -13.97 13.24
CA ARG A 1302 -36.33 -14.30 12.46
C ARG A 1302 -36.49 -13.84 11.02
N GLU A 1303 -37.59 -14.23 10.38
CA GLU A 1303 -37.81 -13.85 8.99
C GLU A 1303 -37.95 -12.35 8.83
N GLN A 1304 -38.67 -11.71 9.75
CA GLN A 1304 -38.84 -10.27 9.66
C GLN A 1304 -37.51 -9.55 9.75
N ALA A 1305 -36.64 -9.96 10.67
CA ALA A 1305 -35.34 -9.31 10.79
C ALA A 1305 -34.47 -9.58 9.57
N GLU A 1306 -34.51 -10.81 9.05
CA GLU A 1306 -33.72 -11.13 7.87
C GLU A 1306 -34.14 -10.27 6.69
N ASN A 1307 -35.44 -10.06 6.51
CA ASN A 1307 -35.91 -9.22 5.40
C ASN A 1307 -35.74 -7.74 5.68
N ILE A 1308 -35.82 -7.31 6.94
CA ILE A 1308 -35.62 -5.91 7.29
C ILE A 1308 -34.19 -5.49 7.04
N ILE A 1309 -33.25 -6.43 7.18
CA ILE A 1309 -31.85 -6.13 6.85
C ILE A 1309 -31.75 -5.63 5.41
N HIS A 1310 -32.58 -6.15 4.52
CA HIS A 1310 -32.53 -5.73 3.13
C HIS A 1310 -32.99 -4.29 2.93
N LEU A 1311 -33.86 -3.78 3.81
CA LEU A 1311 -34.46 -2.48 3.59
C LEU A 1311 -33.44 -1.35 3.61
N PHE A 1312 -32.27 -1.58 4.19
CA PHE A 1312 -31.27 -0.52 4.22
C PHE A 1312 -30.67 -0.26 2.87
N THR A 1313 -30.96 -1.10 1.87
CA THR A 1313 -30.53 -0.79 0.51
C THR A 1313 -31.21 0.48 0.02
N LEU A 1314 -32.44 0.73 0.48
CA LEU A 1314 -33.13 1.96 0.12
C LEU A 1314 -32.38 3.18 0.64
N THR A 1315 -31.98 3.15 1.91
CA THR A 1315 -31.27 4.25 2.54
C THR A 1315 -29.80 3.88 2.66
N ASN A 1316 -29.06 4.08 1.57
CA ASN A 1316 -27.65 3.74 1.55
C ASN A 1316 -26.90 4.86 0.85
N LEU A 1317 -25.58 4.72 0.80
CA LEU A 1317 -24.71 5.66 0.12
C LEU A 1317 -24.26 5.05 -1.19
N GLY A 1318 -24.38 5.80 -2.27
CA GLY A 1318 -23.97 5.30 -3.56
C GLY A 1318 -25.11 5.21 -4.55
N ALA A 1319 -24.90 4.47 -5.63
CA ALA A 1319 -25.92 4.35 -6.66
C ALA A 1319 -27.16 3.65 -6.11
N PRO A 1320 -28.35 4.10 -6.48
CA PRO A 1320 -29.56 3.39 -6.06
C PRO A 1320 -29.57 1.97 -6.59
N ALA A 1321 -30.10 1.05 -5.79
CA ALA A 1321 -30.16 -0.34 -6.18
C ALA A 1321 -31.52 -0.92 -5.84
N ALA A 1322 -31.92 -1.93 -6.59
CA ALA A 1322 -33.17 -2.62 -6.35
C ALA A 1322 -33.00 -3.67 -5.27
N PHE A 1323 -33.97 -3.74 -4.37
CA PHE A 1323 -33.95 -4.76 -3.33
C PHE A 1323 -35.28 -5.51 -3.30
N LYS A 1324 -35.48 -6.35 -2.30
CA LYS A 1324 -36.67 -7.18 -2.22
C LYS A 1324 -37.04 -7.38 -0.77
N TYR A 1325 -38.28 -7.08 -0.43
CA TYR A 1325 -38.82 -7.35 0.91
C TYR A 1325 -39.84 -8.46 0.77
N PHE A 1326 -39.45 -9.67 1.17
CA PHE A 1326 -40.29 -10.87 1.03
C PHE A 1326 -40.54 -11.06 -0.46
N ASP A 1327 -41.79 -11.17 -0.90
CA ASP A 1327 -42.08 -11.33 -2.32
C ASP A 1327 -41.93 -10.02 -3.09
N THR A 1328 -42.31 -8.91 -2.47
CA THR A 1328 -42.34 -7.62 -3.15
C THR A 1328 -40.93 -7.16 -3.50
N THR A 1329 -40.75 -6.72 -4.75
CA THR A 1329 -39.48 -6.19 -5.21
C THR A 1329 -39.61 -4.70 -5.48
N ILE A 1330 -38.63 -3.93 -5.02
CA ILE A 1330 -38.65 -2.48 -5.14
C ILE A 1330 -37.52 -2.08 -6.07
N ASP A 1331 -37.87 -1.36 -7.14
CA ASP A 1331 -36.91 -0.98 -8.17
C ASP A 1331 -36.09 0.24 -7.73
N ARG A 1332 -35.23 0.71 -8.63
CA ARG A 1332 -34.37 1.85 -8.35
C ARG A 1332 -35.13 3.16 -8.51
N LYS A 1333 -34.85 4.10 -7.61
CA LYS A 1333 -35.30 5.48 -7.73
C LYS A 1333 -34.08 6.30 -8.10
N ARG A 1334 -33.83 6.42 -9.40
CA ARG A 1334 -32.66 7.14 -9.88
C ARG A 1334 -32.95 8.63 -9.94
N TYR A 1335 -31.94 9.42 -9.59
CA TYR A 1335 -32.03 10.88 -9.65
C TYR A 1335 -31.42 11.31 -10.97
N THR A 1336 -32.25 11.47 -11.98
CA THR A 1336 -31.80 11.75 -13.34
C THR A 1336 -31.96 13.22 -13.71
N SER A 1337 -31.72 14.11 -12.74
CA SER A 1337 -31.86 15.53 -12.97
C SER A 1337 -30.85 16.25 -12.09
N THR A 1338 -29.90 16.94 -12.72
CA THR A 1338 -28.88 17.71 -12.02
C THR A 1338 -29.22 19.19 -11.96
N LYS A 1339 -30.51 19.54 -12.02
CA LYS A 1339 -30.87 20.94 -12.00
C LYS A 1339 -30.80 21.54 -10.60
N GLU A 1340 -31.16 20.76 -9.58
CA GLU A 1340 -31.24 21.31 -8.22
C GLU A 1340 -29.86 21.61 -7.64
N VAL A 1341 -28.81 20.92 -8.08
CA VAL A 1341 -27.49 21.10 -7.50
C VAL A 1341 -26.83 22.41 -7.91
N LEU A 1342 -27.42 23.16 -8.84
CA LEU A 1342 -26.84 24.43 -9.26
C LEU A 1342 -26.99 25.53 -8.22
N ASP A 1343 -27.76 25.30 -7.15
CA ASP A 1343 -27.87 26.26 -6.06
C ASP A 1343 -27.35 25.69 -4.74
N ALA A 1344 -26.69 24.55 -4.78
CA ALA A 1344 -26.17 23.91 -3.58
C ALA A 1344 -24.75 24.40 -3.30
N THR A 1345 -24.10 23.77 -2.34
CA THR A 1345 -22.73 24.09 -1.95
C THR A 1345 -21.81 22.96 -2.39
N LEU A 1346 -20.79 23.30 -3.17
CA LEU A 1346 -19.83 22.30 -3.63
C LEU A 1346 -18.69 22.18 -2.61
N ILE A 1347 -18.51 20.99 -2.07
CA ILE A 1347 -17.52 20.74 -1.01
C ILE A 1347 -16.34 19.99 -1.59
N HIS A 1348 -15.15 20.56 -1.46
CA HIS A 1348 -13.90 19.89 -1.84
C HIS A 1348 -13.27 19.32 -0.58
N GLN A 1349 -13.27 18.00 -0.46
CA GLN A 1349 -12.76 17.31 0.73
C GLN A 1349 -11.38 16.75 0.48
N SER A 1350 -10.51 16.86 1.48
CA SER A 1350 -9.19 16.25 1.39
C SER A 1350 -9.33 14.75 1.55
N ILE A 1351 -8.20 14.04 1.62
CA ILE A 1351 -8.23 12.60 1.68
C ILE A 1351 -8.82 12.08 2.99
N THR A 1352 -8.92 12.92 4.02
CA THR A 1352 -9.52 12.51 5.28
C THR A 1352 -10.84 13.22 5.57
N GLY A 1353 -11.20 14.24 4.81
CA GLY A 1353 -12.44 14.94 5.04
C GLY A 1353 -12.37 16.00 6.11
N LEU A 1354 -11.25 16.11 6.81
CA LEU A 1354 -11.10 17.14 7.83
C LEU A 1354 -10.83 18.50 7.22
N TYR A 1355 -10.23 18.56 6.04
CA TYR A 1355 -9.99 19.82 5.35
C TYR A 1355 -11.01 19.95 4.23
N GLU A 1356 -11.74 21.07 4.24
CA GLU A 1356 -12.83 21.30 3.30
C GLU A 1356 -12.74 22.69 2.72
N THR A 1357 -13.27 22.85 1.52
CA THR A 1357 -13.37 24.14 0.85
C THR A 1357 -14.76 24.23 0.24
N ARG A 1358 -15.68 24.91 0.92
CA ARG A 1358 -17.05 25.00 0.46
C ARG A 1358 -17.19 26.17 -0.51
N ILE A 1359 -17.66 25.87 -1.73
CA ILE A 1359 -17.86 26.87 -2.76
C ILE A 1359 -19.35 26.93 -3.04
N ASP A 1360 -19.95 28.09 -2.81
CA ASP A 1360 -21.39 28.28 -3.00
C ASP A 1360 -21.67 28.64 -4.46
N LEU A 1361 -22.25 27.72 -5.21
CA LEU A 1361 -22.53 27.97 -6.62
C LEU A 1361 -23.75 28.84 -6.84
N SER A 1362 -24.52 29.12 -5.80
CA SER A 1362 -25.69 29.99 -5.97
C SER A 1362 -25.27 31.40 -6.34
N GLN A 1363 -24.17 31.88 -5.75
CA GLN A 1363 -23.73 33.25 -5.98
C GLN A 1363 -23.33 33.47 -7.43
N LEU A 1364 -22.49 32.60 -7.97
CA LEU A 1364 -22.01 32.78 -9.33
C LEU A 1364 -23.05 32.34 -10.34
N THR B 24 16.83 71.12 44.73
CA THR B 24 18.11 71.80 44.70
C THR B 24 19.23 70.84 44.31
N TRP B 25 18.96 69.54 44.41
CA TRP B 25 19.97 68.55 44.07
C TRP B 25 20.31 68.58 42.59
N LEU B 26 19.32 68.83 41.73
CA LEU B 26 19.58 68.87 40.30
C LEU B 26 20.50 70.01 39.93
N SER B 27 20.33 71.16 40.59
CA SER B 27 21.14 72.34 40.26
C SER B 27 22.61 72.11 40.57
N ASP B 28 22.91 71.44 41.68
CA ASP B 28 24.29 71.36 42.14
C ASP B 28 25.16 70.51 41.21
N PHE B 29 24.59 69.48 40.60
CA PHE B 29 25.34 68.54 39.77
C PHE B 29 24.71 68.44 38.39
N PRO B 30 24.92 69.44 37.54
CA PRO B 30 24.36 69.38 36.18
C PRO B 30 24.98 68.29 35.33
N GLN B 31 26.15 67.77 35.72
CA GLN B 31 26.88 66.79 34.94
C GLN B 31 26.48 65.35 35.24
N ALA B 32 25.52 65.13 36.16
CA ALA B 32 25.15 63.79 36.58
C ALA B 32 23.71 63.42 36.30
N TRP B 33 22.82 64.39 36.14
CA TRP B 33 21.40 64.11 35.97
C TRP B 33 21.07 64.00 34.49
N ALA B 34 20.27 62.99 34.15
CA ALA B 34 19.95 62.75 32.74
C ALA B 34 19.01 63.82 32.18
N GLU B 35 18.15 64.39 33.02
CA GLU B 35 17.20 65.41 32.54
C GLU B 35 17.90 66.69 32.13
N THR B 36 19.15 66.90 32.56
CA THR B 36 19.88 68.11 32.21
C THR B 36 21.22 67.77 31.55
N GLY B 37 21.83 66.67 31.96
CA GLY B 37 23.14 66.32 31.45
C GLY B 37 23.15 65.73 30.06
N GLY B 38 21.98 65.43 29.51
CA GLY B 38 21.93 64.89 28.17
C GLY B 38 22.37 63.44 28.12
N MET B 39 22.85 63.03 26.95
CA MET B 39 23.26 61.66 26.74
C MET B 39 24.57 61.36 27.47
N GLY B 40 24.69 60.13 27.97
CA GLY B 40 25.88 59.72 28.64
C GLY B 40 26.89 59.07 27.72
N LEU B 41 28.13 58.98 28.20
CA LEU B 41 29.20 58.37 27.42
C LEU B 41 30.33 58.00 28.36
N ALA B 42 30.71 56.73 28.40
CA ALA B 42 31.78 56.27 29.27
C ALA B 42 33.10 56.85 28.75
N VAL B 43 33.62 57.86 29.44
CA VAL B 43 34.84 58.52 29.02
C VAL B 43 36.08 57.80 29.53
N ARG B 44 35.91 56.70 30.24
CA ARG B 44 37.02 55.90 30.76
C ARG B 44 37.18 54.60 30.02
N GLN B 45 36.08 53.86 29.81
CA GLN B 45 36.13 52.59 29.11
C GLN B 45 36.50 52.78 27.65
N ALA B 46 37.36 51.89 27.15
CA ALA B 46 37.73 51.88 25.75
C ALA B 46 36.65 51.17 24.93
N PRO B 47 36.61 51.40 23.62
CA PRO B 47 35.70 50.61 22.77
C PRO B 47 36.01 49.12 22.90
N LEU B 48 34.94 48.33 23.01
CA LEU B 48 35.04 46.91 23.30
C LEU B 48 34.67 46.10 22.07
N ILE B 49 35.51 45.12 21.74
CA ILE B 49 35.27 44.21 20.63
C ILE B 49 34.45 43.03 21.11
N ILE B 50 33.34 42.76 20.43
CA ILE B 50 32.48 41.62 20.74
C ILE B 50 32.94 40.40 19.95
N PRO B 51 33.52 39.39 20.60
CA PRO B 51 34.06 38.25 19.86
C PRO B 51 32.95 37.36 19.31
N LEU B 52 33.37 36.41 18.48
CA LEU B 52 32.45 35.48 17.81
C LEU B 52 33.03 34.08 17.85
N LYS B 53 32.16 33.08 18.01
CA LYS B 53 32.61 31.70 17.98
C LYS B 53 32.99 31.28 16.56
N ALA B 54 33.56 30.07 16.46
CA ALA B 54 34.12 29.60 15.21
C ALA B 54 33.07 29.57 14.09
N THR B 55 31.88 29.06 14.38
CA THR B 55 30.83 28.94 13.40
C THR B 55 29.96 30.19 13.30
N SER B 56 30.26 31.22 14.08
CA SER B 56 29.50 32.46 14.01
C SER B 56 29.66 33.09 12.62
N THR B 57 28.55 33.40 11.97
CA THR B 57 28.54 33.96 10.64
C THR B 57 27.55 35.11 10.57
N PRO B 58 27.79 36.08 9.68
CA PRO B 58 26.85 37.21 9.57
C PRO B 58 25.50 36.84 9.00
N VAL B 59 24.59 36.38 9.85
CA VAL B 59 23.25 35.99 9.42
C VAL B 59 22.41 37.23 9.21
N SER B 60 21.81 37.34 8.02
CA SER B 60 20.96 38.47 7.66
C SER B 60 19.52 38.00 7.55
N ILE B 61 18.64 38.58 8.36
CA ILE B 61 17.22 38.23 8.36
C ILE B 61 16.44 39.46 7.91
N LYS B 62 15.56 39.28 6.93
CA LYS B 62 14.76 40.38 6.43
C LYS B 62 13.82 40.93 7.50
N GLN B 63 13.52 42.22 7.41
CA GLN B 63 12.65 42.87 8.37
C GLN B 63 11.23 42.34 8.25
N TYR B 64 10.70 41.80 9.35
CA TYR B 64 9.39 41.19 9.32
C TYR B 64 8.30 42.23 9.06
N PRO B 65 7.18 41.82 8.44
CA PRO B 65 6.10 42.77 8.20
C PRO B 65 5.56 43.37 9.49
N MET B 66 5.26 44.66 9.45
CA MET B 66 4.78 45.39 10.61
C MET B 66 3.53 46.17 10.24
N SER B 67 2.60 46.27 11.20
CA SER B 67 1.34 46.97 10.96
C SER B 67 1.59 48.45 10.71
N GLN B 68 0.61 49.07 10.02
CA GLN B 68 0.68 50.51 9.73
C GLN B 68 0.84 51.33 11.00
N GLU B 69 -0.03 51.10 11.98
CA GLU B 69 0.06 51.85 13.24
C GLU B 69 1.30 51.44 14.03
N ALA B 70 1.65 50.16 14.01
CA ALA B 70 2.84 49.65 14.68
C ALA B 70 4.08 50.42 14.24
N ARG B 71 4.39 50.33 12.94
CA ARG B 71 5.49 51.13 12.37
C ARG B 71 5.38 52.59 12.78
N LEU B 72 4.16 53.13 12.78
CA LEU B 72 3.95 54.52 13.14
C LEU B 72 4.17 54.78 14.62
N GLY B 73 4.31 53.73 15.43
CA GLY B 73 4.61 53.90 16.84
C GLY B 73 6.10 53.98 17.10
N ILE B 74 6.86 53.07 16.51
CA ILE B 74 8.31 53.12 16.61
C ILE B 74 8.86 54.34 15.89
N LYS B 75 8.22 54.73 14.78
CA LYS B 75 8.75 55.78 13.91
C LYS B 75 9.10 57.07 14.66
N PRO B 76 8.26 57.63 15.53
CA PRO B 76 8.70 58.82 16.28
C PRO B 76 9.93 58.58 17.14
N HIS B 77 10.05 57.39 17.73
CA HIS B 77 11.22 57.09 18.56
C HIS B 77 12.50 57.07 17.74
N ILE B 78 12.46 56.50 16.54
CA ILE B 78 13.66 56.45 15.69
C ILE B 78 14.14 57.86 15.38
N GLN B 79 13.22 58.78 15.12
CA GLN B 79 13.61 60.15 14.83
C GLN B 79 14.33 60.79 16.01
N ARG B 80 13.84 60.55 17.23
CA ARG B 80 14.49 61.10 18.40
C ARG B 80 15.71 60.28 18.82
N LEU B 81 15.74 58.99 18.48
CA LEU B 81 16.94 58.20 18.73
C LEU B 81 18.04 58.56 17.76
N LEU B 82 17.67 59.04 16.57
CA LEU B 82 18.67 59.52 15.61
C LEU B 82 19.32 60.80 16.11
N ASP B 83 18.53 61.69 16.75
CA ASP B 83 19.08 62.93 17.25
C ASP B 83 20.14 62.68 18.32
N GLN B 84 19.88 61.72 19.20
CA GLN B 84 20.80 61.40 20.27
C GLN B 84 22.08 60.73 19.79
N GLY B 85 22.14 60.34 18.52
CA GLY B 85 23.29 59.65 17.97
C GLY B 85 23.33 58.16 18.24
N ILE B 86 22.31 57.61 18.90
CA ILE B 86 22.27 56.18 19.17
C ILE B 86 22.21 55.38 17.88
N LEU B 87 21.39 55.82 16.94
CA LEU B 87 21.21 55.11 15.67
C LEU B 87 22.00 55.82 14.57
N VAL B 88 22.88 55.07 13.91
CA VAL B 88 23.68 55.61 12.81
C VAL B 88 23.55 54.70 11.60
N PRO B 89 23.45 55.26 10.39
CA PRO B 89 23.38 54.40 9.19
C PRO B 89 24.67 53.62 9.00
N CYS B 90 24.54 52.40 8.49
CA CYS B 90 25.70 51.56 8.24
C CYS B 90 25.34 50.50 7.21
N GLN B 91 26.37 49.91 6.63
CA GLN B 91 26.24 48.81 5.66
C GLN B 91 27.00 47.60 6.24
N SER B 92 26.26 46.63 6.75
CA SER B 92 26.87 45.47 7.40
C SER B 92 26.19 44.20 6.94
N PRO B 93 26.93 43.09 6.89
CA PRO B 93 26.28 41.80 6.56
C PRO B 93 25.31 41.34 7.64
N TRP B 94 25.52 41.75 8.89
CA TRP B 94 24.62 41.34 9.97
C TRP B 94 23.33 42.15 9.91
N ASN B 95 22.21 41.46 10.12
CA ASN B 95 20.90 42.12 10.08
C ASN B 95 19.88 41.26 10.81
N THR B 96 19.16 41.86 11.74
CA THR B 96 18.13 41.19 12.50
C THR B 96 16.83 41.99 12.44
N PRO B 97 15.68 41.31 12.49
CA PRO B 97 14.40 42.01 12.34
C PRO B 97 14.02 42.78 13.61
N LEU B 98 13.74 44.07 13.43
CA LEU B 98 13.20 44.87 14.52
C LEU B 98 11.80 44.41 14.88
N LEU B 99 11.39 44.67 16.11
CA LEU B 99 10.07 44.22 16.54
C LEU B 99 9.50 45.13 17.62
N PRO B 100 8.31 45.69 17.39
CA PRO B 100 7.68 46.54 18.42
C PRO B 100 6.95 45.72 19.46
N VAL B 101 7.01 46.19 20.71
CA VAL B 101 6.26 45.62 21.82
C VAL B 101 5.46 46.75 22.44
N LYS B 102 4.14 46.65 22.36
CA LYS B 102 3.29 47.66 22.98
C LYS B 102 3.35 47.51 24.51
N LYS B 103 3.29 48.65 25.18
CA LYS B 103 3.31 48.65 26.64
C LYS B 103 2.05 47.99 27.18
N PRO B 104 2.11 47.43 28.39
CA PRO B 104 0.88 46.86 28.99
C PRO B 104 -0.23 47.88 29.15
N GLY B 105 0.10 49.14 29.37
CA GLY B 105 -0.88 50.21 29.46
C GLY B 105 -0.72 51.18 28.29
N THR B 106 -1.85 51.67 27.79
CA THR B 106 -1.90 52.59 26.65
C THR B 106 -1.22 51.93 25.45
N ASN B 107 -0.66 52.73 24.54
CA ASN B 107 0.00 52.20 23.35
C ASN B 107 1.14 53.14 22.99
N ASP B 108 2.37 52.73 23.33
CA ASP B 108 3.56 53.51 22.98
C ASP B 108 4.45 52.81 21.97
N TYR B 109 4.34 51.49 21.81
CA TYR B 109 5.06 50.71 20.81
C TYR B 109 6.58 50.89 20.97
N ARG B 110 7.07 50.39 22.10
CA ARG B 110 8.50 50.46 22.38
C ARG B 110 9.27 49.64 21.34
N PRO B 111 10.46 50.09 20.95
CA PRO B 111 11.25 49.37 19.95
C PRO B 111 12.10 48.29 20.61
N VAL B 112 12.08 47.09 20.04
CA VAL B 112 12.86 45.97 20.54
C VAL B 112 13.65 45.39 19.37
N GLN B 113 14.95 45.15 19.60
CA GLN B 113 15.83 44.77 18.50
C GLN B 113 15.59 43.35 18.03
N ASP B 114 15.10 42.48 18.92
CA ASP B 114 14.83 41.07 18.60
C ASP B 114 16.09 40.35 18.10
N LEU B 115 17.18 40.49 18.86
CA LEU B 115 18.45 39.84 18.52
C LEU B 115 18.46 38.37 18.96
N ARG B 116 17.47 37.62 18.46
CA ARG B 116 17.37 36.20 18.80
C ARG B 116 18.57 35.42 18.26
N GLU B 117 18.80 35.49 16.95
CA GLU B 117 19.85 34.67 16.34
C GLU B 117 21.25 35.10 16.77
N VAL B 118 21.51 36.40 16.77
CA VAL B 118 22.85 36.88 17.16
C VAL B 118 23.15 36.56 18.61
N ASN B 119 22.12 36.53 19.47
CA ASN B 119 22.34 36.25 20.88
C ASN B 119 22.90 34.85 21.08
N LYS B 120 22.35 33.86 20.37
CA LYS B 120 22.87 32.51 20.47
C LYS B 120 24.33 32.45 20.03
N ARG B 121 24.67 33.14 18.94
CA ARG B 121 25.98 32.96 18.31
C ARG B 121 27.11 33.66 19.03
N VAL B 122 26.84 34.80 19.69
CA VAL B 122 27.91 35.55 20.34
C VAL B 122 28.61 34.69 21.39
N GLU B 123 29.93 34.80 21.43
CA GLU B 123 30.75 34.04 22.37
C GLU B 123 30.24 34.19 23.80
N ASP B 124 30.13 33.06 24.49
CA ASP B 124 29.60 33.01 25.85
C ASP B 124 30.64 33.50 26.85
N ILE B 125 30.21 34.36 27.78
CA ILE B 125 31.05 34.84 28.86
C ILE B 125 30.32 34.65 30.17
N HIS B 126 31.05 34.19 31.18
CA HIS B 126 30.46 33.90 32.49
C HIS B 126 29.66 35.08 33.01
N PRO B 127 28.49 34.84 33.62
CA PRO B 127 27.64 35.91 34.21
C PRO B 127 28.05 36.28 35.63
N THR B 128 29.04 37.17 35.72
CA THR B 128 29.50 37.67 37.02
C THR B 128 28.47 38.54 37.74
N VAL B 129 27.22 38.61 37.28
CA VAL B 129 26.21 39.46 37.91
C VAL B 129 25.90 38.95 39.31
N PRO B 130 25.58 39.82 40.26
CA PRO B 130 25.29 39.37 41.62
C PRO B 130 23.83 38.95 41.74
N ASN B 131 23.60 37.82 42.37
CA ASN B 131 22.25 37.29 42.43
C ASN B 131 21.45 37.99 43.52
N PRO B 132 20.16 38.23 43.27
CA PRO B 132 19.36 39.07 44.19
C PRO B 132 19.28 38.53 45.60
N TYR B 133 19.48 37.23 45.79
CA TYR B 133 19.46 36.67 47.13
C TYR B 133 20.58 37.26 47.98
N ASN B 134 21.76 37.45 47.40
CA ASN B 134 22.95 37.75 48.18
C ASN B 134 23.28 39.24 48.28
N LEU B 135 22.73 40.09 47.39
CA LEU B 135 22.99 41.53 47.54
C LEU B 135 22.41 42.06 48.85
N LEU B 136 21.14 41.78 49.10
CA LEU B 136 20.50 42.29 50.31
C LEU B 136 21.10 41.68 51.57
N SER B 137 21.85 40.58 51.43
CA SER B 137 22.54 40.01 52.58
C SER B 137 23.67 40.90 53.07
N GLY B 138 24.29 41.67 52.16
CA GLY B 138 25.39 42.54 52.54
C GLY B 138 24.97 43.78 53.30
N LEU B 139 23.71 44.17 53.22
CA LEU B 139 23.25 45.37 53.93
C LEU B 139 23.18 45.12 55.43
N PRO B 140 23.89 45.90 56.24
CA PRO B 140 23.80 45.72 57.68
C PRO B 140 22.74 46.63 58.29
N PRO B 141 22.11 46.21 59.39
CA PRO B 141 21.13 47.08 60.05
C PRO B 141 21.73 48.36 60.62
N SER B 142 23.05 48.41 60.83
CA SER B 142 23.67 49.61 61.37
C SER B 142 23.50 50.80 60.43
N HIS B 143 23.68 50.58 59.14
CA HIS B 143 23.52 51.65 58.14
C HIS B 143 22.02 51.85 57.90
N GLN B 144 21.48 52.93 58.45
CA GLN B 144 20.04 53.16 58.41
C GLN B 144 19.62 54.13 57.31
N TRP B 145 20.53 54.96 56.81
CA TRP B 145 20.22 55.94 55.80
C TRP B 145 20.60 55.41 54.43
N TYR B 146 19.69 55.52 53.47
CA TYR B 146 19.86 54.92 52.16
C TYR B 146 19.74 55.99 51.08
N THR B 147 20.30 55.69 49.91
CA THR B 147 20.18 56.56 48.74
C THR B 147 20.29 55.68 47.50
N VAL B 148 19.17 55.45 46.84
CA VAL B 148 19.11 54.57 45.68
C VAL B 148 19.12 55.44 44.43
N LEU B 149 20.07 55.18 43.54
CA LEU B 149 20.23 55.94 42.31
C LEU B 149 20.07 54.99 41.12
N ASP B 150 19.18 55.35 40.21
CA ASP B 150 19.02 54.61 38.97
C ASP B 150 19.93 55.17 37.90
N LEU B 151 20.31 54.32 36.95
CA LEU B 151 21.22 54.67 35.87
C LEU B 151 20.43 54.59 34.57
N LYS B 152 20.00 55.75 34.07
CA LYS B 152 19.26 55.76 32.82
C LYS B 152 20.18 55.42 31.66
N ASP B 153 19.61 54.77 30.65
CA ASP B 153 20.33 54.27 29.48
C ASP B 153 21.71 53.74 29.87
N ALA B 154 21.69 52.77 30.78
CA ALA B 154 22.95 52.26 31.32
C ALA B 154 23.73 51.52 30.24
N PHE B 155 23.06 50.66 29.48
CA PHE B 155 23.75 49.87 28.46
C PHE B 155 24.26 50.75 27.34
N PHE B 156 23.69 51.95 27.17
CA PHE B 156 24.12 52.84 26.11
C PHE B 156 25.35 53.66 26.49
N CYS B 157 25.78 53.59 27.75
CA CYS B 157 26.95 54.36 28.16
C CYS B 157 28.21 53.84 27.51
N LEU B 158 28.40 52.53 27.52
CA LEU B 158 29.61 51.92 26.98
C LEU B 158 29.65 52.05 25.47
N ARG B 159 30.77 52.54 24.95
CA ARG B 159 30.96 52.70 23.51
C ARG B 159 31.33 51.37 22.87
N LEU B 160 30.99 51.23 21.60
CA LEU B 160 31.23 50.01 20.84
C LEU B 160 32.28 50.25 19.76
N HIS B 161 33.22 49.32 19.64
CA HIS B 161 34.28 49.46 18.66
C HIS B 161 33.71 49.40 17.24
N PRO B 162 34.20 50.23 16.33
CA PRO B 162 33.68 50.21 14.95
C PRO B 162 33.89 48.88 14.25
N THR B 163 34.85 48.09 14.69
CA THR B 163 35.01 46.75 14.14
C THR B 163 33.81 45.88 14.48
N SER B 164 33.34 45.97 15.72
CA SER B 164 32.20 45.20 16.18
C SER B 164 30.87 45.93 16.01
N GLN B 165 30.89 47.17 15.56
CA GLN B 165 29.64 47.86 15.25
C GLN B 165 28.80 47.16 14.19
N PRO B 166 29.36 46.63 13.09
CA PRO B 166 28.52 45.94 12.10
C PRO B 166 27.72 44.77 12.66
N LEU B 167 28.02 44.30 13.88
CA LEU B 167 27.33 43.15 14.44
C LEU B 167 25.85 43.43 14.69
N PHE B 168 25.52 44.64 15.13
CA PHE B 168 24.19 44.94 15.66
C PHE B 168 23.35 45.78 14.70
N ALA B 169 23.65 45.72 13.40
CA ALA B 169 22.83 46.44 12.43
C ALA B 169 21.46 45.78 12.29
N PHE B 170 20.44 46.60 12.09
CA PHE B 170 19.09 46.13 11.84
C PHE B 170 18.47 46.92 10.71
N GLU B 171 17.71 46.24 9.85
CA GLU B 171 17.11 46.91 8.71
C GLU B 171 15.98 47.82 9.18
N TRP B 172 15.99 49.06 8.69
CA TRP B 172 14.95 50.02 9.03
C TRP B 172 14.58 50.82 7.78
N ARG B 173 13.28 51.00 7.60
CA ARG B 173 12.72 51.73 6.46
C ARG B 173 11.86 52.87 6.99
N ASP B 174 12.07 54.06 6.45
CA ASP B 174 11.29 55.24 6.82
C ASP B 174 11.05 56.07 5.57
N PRO B 175 10.06 55.68 4.75
CA PRO B 175 9.80 56.43 3.52
C PRO B 175 9.38 57.87 3.77
N GLU B 176 8.87 58.20 4.95
CA GLU B 176 8.48 59.58 5.23
C GLU B 176 9.69 60.49 5.18
N MET B 177 10.81 60.07 5.78
CA MET B 177 12.05 60.83 5.74
C MET B 177 13.04 60.25 4.76
N GLY B 178 12.68 59.18 4.05
CA GLY B 178 13.56 58.58 3.07
C GLY B 178 14.84 58.03 3.64
N ILE B 179 14.78 57.45 4.84
CA ILE B 179 15.95 56.89 5.51
C ILE B 179 15.77 55.38 5.54
N SER B 180 16.42 54.69 4.62
CA SER B 180 16.43 53.23 4.57
C SER B 180 17.82 52.72 4.94
N GLY B 181 17.94 51.41 5.05
CA GLY B 181 19.21 50.77 5.34
C GLY B 181 19.21 50.13 6.72
N GLN B 182 20.42 49.83 7.18
CA GLN B 182 20.64 49.13 8.44
C GLN B 182 21.32 50.07 9.42
N LEU B 183 20.55 50.58 10.39
CA LEU B 183 21.12 51.36 11.47
C LEU B 183 21.83 50.44 12.46
N THR B 184 22.98 50.89 12.97
CA THR B 184 23.76 50.11 13.90
C THR B 184 23.97 50.88 15.19
N TRP B 185 24.28 50.14 16.24
CA TRP B 185 24.47 50.70 17.58
C TRP B 185 25.94 50.98 17.81
N THR B 186 26.27 52.21 18.18
CA THR B 186 27.61 52.56 18.60
C THR B 186 27.84 52.29 20.08
N ARG B 187 26.81 51.85 20.80
CA ARG B 187 26.90 51.50 22.21
C ARG B 187 26.34 50.10 22.41
N LEU B 188 26.43 49.61 23.64
CA LEU B 188 25.95 48.26 23.95
C LEU B 188 24.43 48.22 23.89
N PRO B 189 23.84 47.40 23.03
CA PRO B 189 22.38 47.38 22.89
C PRO B 189 21.70 46.58 23.99
N GLN B 190 20.39 46.80 24.11
CA GLN B 190 19.55 45.98 24.99
C GLN B 190 19.12 44.72 24.25
N GLY B 191 18.78 43.69 25.02
CA GLY B 191 18.48 42.39 24.46
C GLY B 191 19.69 41.56 24.09
N PHE B 192 20.88 42.03 24.42
CA PHE B 192 22.12 41.29 24.19
C PHE B 192 22.51 40.51 25.43
N LYS B 193 23.01 39.29 25.24
CA LYS B 193 23.22 38.40 26.38
C LYS B 193 24.39 38.85 27.24
N ASN B 194 25.37 39.52 26.65
CA ASN B 194 26.54 39.95 27.40
C ASN B 194 26.42 41.38 27.93
N SER B 195 25.31 42.06 27.64
CA SER B 195 25.17 43.45 28.08
C SER B 195 25.18 43.61 29.58
N PRO B 196 24.37 42.89 30.37
CA PRO B 196 24.47 43.05 31.82
C PRO B 196 25.86 42.70 32.35
N THR B 197 26.51 41.70 31.74
CA THR B 197 27.84 41.30 32.20
C THR B 197 28.89 42.33 31.85
N LEU B 198 28.89 42.80 30.59
CA LEU B 198 29.91 43.77 30.18
C LEU B 198 29.76 45.09 30.93
N PHE B 199 28.53 45.48 31.27
CA PHE B 199 28.33 46.71 32.01
C PHE B 199 28.68 46.55 33.48
N ASN B 200 28.46 45.36 34.05
CA ASN B 200 28.78 45.15 35.46
C ASN B 200 30.27 45.35 35.72
N GLU B 201 31.13 44.66 34.95
CA GLU B 201 32.56 44.81 35.15
C GLU B 201 33.01 46.23 34.84
N ALA B 202 32.46 46.83 33.78
CA ALA B 202 32.84 48.19 33.40
C ALA B 202 32.50 49.17 34.51
N LEU B 203 31.30 49.04 35.07
CA LEU B 203 30.89 49.92 36.16
C LEU B 203 31.67 49.63 37.43
N HIS B 204 32.02 48.36 37.67
CA HIS B 204 32.69 48.00 38.90
C HIS B 204 34.06 48.65 39.02
N ARG B 205 34.82 48.67 37.91
CA ARG B 205 36.17 49.26 37.97
C ARG B 205 36.11 50.75 38.26
N ASP B 206 35.16 51.47 37.66
CA ASP B 206 35.05 52.91 37.91
C ASP B 206 34.70 53.19 39.36
N LEU B 207 33.75 52.44 39.91
CA LEU B 207 33.34 52.65 41.30
C LEU B 207 34.28 52.00 42.30
N ALA B 208 35.24 51.20 41.84
CA ALA B 208 36.20 50.60 42.77
C ALA B 208 37.06 51.65 43.44
N ASP B 209 37.43 52.70 42.70
CA ASP B 209 38.19 53.79 43.29
C ASP B 209 37.34 54.60 44.26
N PHE B 210 36.04 54.73 43.99
CA PHE B 210 35.18 55.49 44.90
C PHE B 210 35.05 54.81 46.25
N ARG B 211 34.93 53.47 46.27
CA ARG B 211 34.80 52.76 47.53
C ARG B 211 36.03 52.93 48.39
N ILE B 212 37.21 53.03 47.76
CA ILE B 212 38.45 53.21 48.51
C ILE B 212 38.41 54.53 49.27
N GLN B 213 37.99 55.60 48.60
CA GLN B 213 38.04 56.93 49.21
C GLN B 213 37.06 57.07 50.37
N HIS B 214 36.00 56.28 50.40
CA HIS B 214 34.95 56.38 51.42
C HIS B 214 34.71 55.00 52.00
N PRO B 215 35.57 54.54 52.91
CA PRO B 215 35.35 53.22 53.52
C PRO B 215 34.06 53.12 54.30
N ASP B 216 33.60 54.21 54.92
CA ASP B 216 32.41 54.14 55.76
C ASP B 216 31.17 53.82 54.93
N LEU B 217 31.07 54.40 53.74
CA LEU B 217 29.89 54.20 52.91
C LEU B 217 29.82 52.77 52.39
N ILE B 218 28.60 52.26 52.28
CA ILE B 218 28.35 50.92 51.76
C ILE B 218 27.63 51.07 50.42
N LEU B 219 28.28 50.68 49.34
CA LEU B 219 27.75 50.81 47.99
C LEU B 219 27.27 49.44 47.50
N LEU B 220 25.99 49.33 47.19
CA LEU B 220 25.40 48.09 46.69
C LEU B 220 24.99 48.27 45.24
N GLN B 221 25.51 47.40 44.37
CA GLN B 221 25.30 47.50 42.93
C GLN B 221 24.58 46.26 42.42
N TYR B 222 23.49 46.47 41.69
CA TYR B 222 22.74 45.38 41.05
C TYR B 222 22.63 45.74 39.56
N VAL B 223 23.44 45.07 38.74
CA VAL B 223 23.52 45.36 37.32
C VAL B 223 23.85 46.84 37.13
N ASP B 224 22.81 47.67 37.02
CA ASP B 224 23.00 49.10 36.88
C ASP B 224 22.58 49.90 38.10
N ASP B 225 21.73 49.33 38.96
CA ASP B 225 21.24 50.06 40.13
C ASP B 225 22.31 50.06 41.22
N LEU B 226 22.56 51.25 41.78
CA LEU B 226 23.52 51.42 42.85
C LEU B 226 22.82 51.92 44.09
N LEU B 227 23.15 51.34 45.23
CA LEU B 227 22.59 51.75 46.52
C LEU B 227 23.74 52.04 47.46
N LEU B 228 23.71 53.23 48.07
CA LEU B 228 24.75 53.67 48.97
C LEU B 228 24.17 53.68 50.38
N ALA B 229 24.84 53.00 51.30
CA ALA B 229 24.40 52.90 52.68
C ALA B 229 25.42 53.61 53.57
N ALA B 230 24.92 54.45 54.46
CA ALA B 230 25.77 55.24 55.36
C ALA B 230 25.19 55.15 56.76
N THR B 231 25.97 55.65 57.72
CA THR B 231 25.56 55.56 59.12
C THR B 231 24.54 56.63 59.46
N SER B 232 24.90 57.90 59.29
CA SER B 232 24.04 59.02 59.62
C SER B 232 23.55 59.71 58.35
N GLU B 233 22.61 60.63 58.55
CA GLU B 233 21.97 61.29 57.40
C GLU B 233 22.97 62.19 56.66
N LEU B 234 23.81 62.91 57.39
CA LEU B 234 24.79 63.78 56.75
C LEU B 234 25.76 62.99 55.89
N ASP B 235 26.20 61.83 56.38
CA ASP B 235 27.09 60.98 55.60
C ASP B 235 26.44 60.62 54.27
N CYS B 236 25.16 60.21 54.32
CA CYS B 236 24.43 59.90 53.10
C CYS B 236 24.42 61.11 52.16
N GLN B 237 24.11 62.29 52.71
CA GLN B 237 24.13 63.50 51.89
C GLN B 237 25.52 63.73 51.30
N GLN B 238 26.55 63.64 52.13
CA GLN B 238 27.91 63.85 51.63
C GLN B 238 28.28 62.79 50.61
N GLY B 239 27.94 61.53 50.89
CA GLY B 239 28.19 60.47 49.94
C GLY B 239 27.45 60.72 48.63
N THR B 240 26.18 61.11 48.73
CA THR B 240 25.38 61.41 47.54
C THR B 240 26.08 62.43 46.66
N ARG B 241 26.48 63.56 47.23
CA ARG B 241 27.14 64.61 46.44
C ARG B 241 28.38 64.07 45.76
N ALA B 242 29.23 63.37 46.52
CA ALA B 242 30.47 62.84 45.94
C ALA B 242 30.18 61.85 44.82
N LEU B 243 29.20 60.96 45.03
CA LEU B 243 28.87 59.99 44.00
C LEU B 243 28.36 60.67 42.73
N LEU B 244 27.46 61.65 42.87
CA LEU B 244 26.99 62.39 41.71
C LEU B 244 28.13 62.97 40.90
N GLN B 245 29.22 63.36 41.55
CA GLN B 245 30.33 63.98 40.84
C GLN B 245 31.25 62.95 40.22
N THR B 246 31.50 61.85 40.94
CA THR B 246 32.34 60.80 40.38
C THR B 246 31.70 60.21 39.12
N LEU B 247 30.40 59.92 39.20
CA LEU B 247 29.68 59.43 38.02
C LEU B 247 29.59 60.51 36.96
N GLY B 248 29.52 61.78 37.37
CA GLY B 248 29.44 62.86 36.41
C GLY B 248 30.68 62.93 35.54
N ASN B 249 31.85 62.83 36.15
CA ASN B 249 33.10 62.80 35.39
C ASN B 249 33.15 61.55 34.51
N LEU B 250 32.70 60.42 35.03
CA LEU B 250 32.74 59.17 34.29
C LEU B 250 31.76 59.16 33.11
N GLY B 251 30.76 60.05 33.10
CA GLY B 251 29.84 60.18 32.01
C GLY B 251 28.48 59.55 32.22
N TYR B 252 28.35 58.67 33.21
CA TYR B 252 27.07 58.04 33.49
C TYR B 252 26.06 59.06 33.99
N ARG B 253 24.82 58.93 33.54
CA ARG B 253 23.74 59.83 33.88
C ARG B 253 22.75 59.15 34.80
N ALA B 254 22.40 59.82 35.89
CA ALA B 254 21.45 59.29 36.87
C ALA B 254 20.07 59.90 36.66
N SER B 255 19.04 59.08 36.81
CA SER B 255 17.67 59.52 36.61
C SER B 255 17.17 60.26 37.85
N ALA B 256 16.84 61.54 37.67
CA ALA B 256 16.32 62.33 38.79
C ALA B 256 14.84 62.07 39.04
N LYS B 257 14.13 61.50 38.08
CA LYS B 257 12.71 61.22 38.27
C LYS B 257 12.49 60.15 39.34
N LYS B 258 13.30 59.10 39.34
CA LYS B 258 13.20 58.01 40.31
C LYS B 258 14.56 57.84 40.98
N ALA B 259 14.77 58.60 42.05
CA ALA B 259 16.04 58.51 42.79
C ALA B 259 15.74 58.81 44.25
N GLN B 260 15.56 57.76 45.05
CA GLN B 260 15.32 57.92 46.48
C GLN B 260 16.66 58.29 47.13
N ILE B 261 16.78 59.54 47.56
CA ILE B 261 18.04 60.08 48.08
C ILE B 261 17.82 60.52 49.52
N CYS B 262 18.66 60.02 50.42
CA CYS B 262 18.64 60.39 51.83
C CYS B 262 17.26 60.16 52.45
N GLN B 263 16.71 58.98 52.19
CA GLN B 263 15.44 58.55 52.78
C GLN B 263 15.65 57.24 53.51
N LYS B 264 15.08 57.16 54.72
CA LYS B 264 15.12 55.89 55.45
C LYS B 264 14.32 54.82 54.72
N GLN B 265 13.15 55.18 54.20
CA GLN B 265 12.29 54.27 53.46
C GLN B 265 12.62 54.34 51.97
N VAL B 266 13.27 53.30 51.46
CA VAL B 266 13.57 53.20 50.03
C VAL B 266 13.13 51.82 49.55
N LYS B 267 12.92 51.73 48.24
CA LYS B 267 12.57 50.48 47.59
C LYS B 267 13.71 50.05 46.68
N TYR B 268 14.17 48.81 46.85
CA TYR B 268 15.30 48.31 46.07
C TYR B 268 15.16 46.80 45.92
N LEU B 269 15.41 46.31 44.70
CA LEU B 269 15.35 44.88 44.40
C LEU B 269 13.96 44.32 44.72
N GLY B 270 12.93 45.14 44.49
CA GLY B 270 11.58 44.71 44.78
C GLY B 270 11.26 44.58 46.24
N TYR B 271 12.05 45.20 47.11
CA TYR B 271 11.86 45.09 48.54
C TYR B 271 11.82 46.46 49.17
N LEU B 272 11.28 46.52 50.38
CA LEU B 272 11.20 47.74 51.17
C LEU B 272 12.25 47.67 52.27
N LEU B 273 13.10 48.69 52.34
CA LEU B 273 14.20 48.73 53.32
C LEU B 273 13.84 49.78 54.35
N LYS B 274 13.13 49.36 55.40
CA LYS B 274 12.68 50.26 56.46
C LYS B 274 13.25 49.79 57.79
N GLU B 275 13.88 50.70 58.51
CA GLU B 275 14.50 50.42 59.81
C GLU B 275 15.45 49.23 59.72
N GLY B 276 16.27 49.22 58.68
CA GLY B 276 17.21 48.12 58.46
C GLY B 276 16.54 46.77 58.39
N GLN B 277 15.38 46.70 57.72
CA GLN B 277 14.63 45.46 57.58
C GLN B 277 14.17 45.33 56.14
N ARG B 278 13.75 44.12 55.78
CA ARG B 278 13.30 43.80 54.43
C ARG B 278 11.79 43.55 54.51
N TRP B 279 11.01 44.53 54.07
CA TRP B 279 9.56 44.40 54.02
C TRP B 279 9.16 43.93 52.63
N LEU B 280 7.85 43.82 52.38
CA LEU B 280 7.31 43.58 51.06
C LEU B 280 6.45 44.76 50.64
N THR B 281 6.52 45.11 49.36
CA THR B 281 5.69 46.20 48.84
C THR B 281 4.21 45.87 48.98
N GLU B 282 3.44 46.85 49.47
CA GLU B 282 2.00 46.65 49.63
C GLU B 282 1.30 46.39 48.31
N ALA B 283 1.81 46.97 47.22
CA ALA B 283 1.22 46.71 45.91
C ALA B 283 1.38 45.25 45.52
N ARG B 284 2.53 44.66 45.84
CA ARG B 284 2.74 43.24 45.53
C ARG B 284 1.78 42.36 46.31
N LYS B 285 1.53 42.71 47.58
CA LYS B 285 0.60 41.93 48.39
C LYS B 285 -0.82 42.01 47.82
N GLU B 286 -1.20 43.17 47.30
CA GLU B 286 -2.55 43.33 46.75
C GLU B 286 -2.75 42.44 45.53
N THR B 287 -1.73 42.33 44.68
CA THR B 287 -1.87 41.55 43.45
C THR B 287 -2.17 40.08 43.76
N VAL B 288 -1.49 39.51 44.76
CA VAL B 288 -1.70 38.11 45.08
C VAL B 288 -3.12 37.90 45.58
N MET B 289 -3.58 38.76 46.49
CA MET B 289 -4.93 38.63 47.00
C MET B 289 -5.96 39.08 45.97
N GLY B 290 -5.58 39.99 45.07
CA GLY B 290 -6.53 40.53 44.11
C GLY B 290 -7.05 39.49 43.13
N GLN B 291 -6.22 38.52 42.76
CA GLN B 291 -6.63 37.54 41.76
C GLN B 291 -7.80 36.71 42.25
N PRO B 292 -8.78 36.41 41.40
CA PRO B 292 -9.88 35.53 41.81
C PRO B 292 -9.42 34.09 41.92
N THR B 293 -10.36 33.19 42.21
CA THR B 293 -10.01 31.78 42.34
C THR B 293 -9.57 31.23 40.99
N PRO B 294 -8.38 30.63 40.89
CA PRO B 294 -7.93 30.09 39.60
C PRO B 294 -8.83 28.96 39.12
N LYS B 295 -8.98 28.87 37.80
CA LYS B 295 -9.82 27.86 37.19
C LYS B 295 -9.09 26.98 36.17
N THR B 296 -7.90 27.36 35.74
CA THR B 296 -7.13 26.63 34.76
C THR B 296 -5.73 26.40 35.28
N PRO B 297 -5.01 25.39 34.76
CA PRO B 297 -3.63 25.19 35.19
C PRO B 297 -2.75 26.40 34.95
N ARG B 298 -3.00 27.15 33.86
CA ARG B 298 -2.29 28.40 33.65
C ARG B 298 -2.63 29.41 34.73
N GLN B 299 -3.89 29.45 35.18
CA GLN B 299 -4.28 30.40 36.22
C GLN B 299 -3.57 30.08 37.53
N LEU B 300 -3.45 28.80 37.88
CA LEU B 300 -2.74 28.43 39.09
C LEU B 300 -1.25 28.66 38.96
N ARG B 301 -0.69 28.43 37.77
CA ARG B 301 0.74 28.64 37.56
C ARG B 301 1.11 30.10 37.76
N GLU B 302 0.27 31.02 37.30
CA GLU B 302 0.51 32.44 37.53
C GLU B 302 0.48 32.75 39.02
N PHE B 303 -0.46 32.18 39.75
CA PHE B 303 -0.59 32.48 41.17
C PHE B 303 0.57 31.87 41.97
N LEU B 304 0.93 30.62 41.69
CA LEU B 304 2.02 29.99 42.44
C LEU B 304 3.35 30.69 42.18
N GLY B 305 3.61 31.04 40.92
CA GLY B 305 4.85 31.75 40.63
C GLY B 305 4.89 33.14 41.23
N LYS B 306 3.76 33.85 41.16
CA LYS B 306 3.70 35.20 41.72
C LYS B 306 3.92 35.16 43.23
N ALA B 307 3.26 34.23 43.91
CA ALA B 307 3.43 34.08 45.35
C ALA B 307 4.72 33.36 45.71
N GLY B 308 5.39 32.75 44.74
CA GLY B 308 6.69 32.15 45.01
C GLY B 308 7.73 33.19 45.37
N PHE B 309 7.57 34.41 44.84
CA PHE B 309 8.46 35.49 45.25
C PHE B 309 8.32 35.77 46.73
N CYS B 310 7.08 35.74 47.24
CA CYS B 310 6.82 36.01 48.65
C CYS B 310 6.88 34.76 49.52
N ARG B 311 7.56 33.69 49.05
CA ARG B 311 7.66 32.48 49.86
C ARG B 311 8.58 32.66 51.06
N LEU B 312 9.51 33.62 51.01
CA LEU B 312 10.47 33.78 52.10
C LEU B 312 9.83 34.43 53.32
N PHE B 313 8.77 35.21 53.14
CA PHE B 313 8.13 35.89 54.25
C PHE B 313 7.15 34.99 54.99
N ILE B 314 6.58 34.01 54.30
CA ILE B 314 5.58 33.12 54.88
C ILE B 314 6.26 31.87 55.43
N PRO B 315 6.45 31.77 56.75
CA PRO B 315 7.13 30.60 57.32
C PRO B 315 6.32 29.34 57.10
N GLY B 316 6.95 28.31 56.52
CA GLY B 316 6.23 27.09 56.24
C GLY B 316 5.30 27.16 55.05
N PHE B 317 5.40 28.21 54.23
CA PHE B 317 4.59 28.39 53.03
C PHE B 317 4.46 27.10 52.24
N ALA B 318 5.55 26.31 52.17
CA ALA B 318 5.51 25.04 51.46
C ALA B 318 4.36 24.17 51.93
N GLU B 319 4.20 24.06 53.24
CA GLU B 319 3.06 23.32 53.77
C GLU B 319 1.75 24.02 53.46
N MET B 320 1.75 25.35 53.52
CA MET B 320 0.52 26.11 53.27
C MET B 320 0.03 25.90 51.84
N ALA B 321 0.95 25.94 50.88
CA ALA B 321 0.61 25.74 49.47
C ALA B 321 0.81 24.31 49.02
N ALA B 322 0.80 23.35 49.96
CA ALA B 322 0.96 21.95 49.59
C ALA B 322 -0.16 21.42 48.70
N PRO B 323 -1.45 21.65 48.99
CA PRO B 323 -2.49 21.06 48.13
C PRO B 323 -2.42 21.54 46.69
N LEU B 324 -1.96 22.76 46.45
CA LEU B 324 -1.95 23.31 45.10
C LEU B 324 -0.81 22.76 44.25
N TYR B 325 0.21 22.17 44.87
CA TYR B 325 1.35 21.67 44.09
C TYR B 325 0.96 20.54 43.16
N PRO B 326 0.23 19.49 43.59
CA PRO B 326 -0.13 18.43 42.65
C PRO B 326 -1.06 18.90 41.54
N LEU B 327 -1.75 20.02 41.72
CA LEU B 327 -2.61 20.53 40.66
C LEU B 327 -1.82 21.18 39.54
N THR B 328 -0.52 21.39 39.73
CA THR B 328 0.32 22.02 38.72
C THR B 328 0.77 21.06 37.63
N LYS B 329 0.64 19.76 37.86
CA LYS B 329 1.13 18.78 36.90
C LYS B 329 0.40 18.96 35.57
N PRO B 330 1.12 18.87 34.44
CA PRO B 330 0.45 19.05 33.14
C PRO B 330 -0.67 18.06 32.88
N GLY B 331 -0.52 16.80 33.28
CA GLY B 331 -1.58 15.83 33.13
C GLY B 331 -2.37 15.62 34.41
N THR B 332 -3.53 16.25 34.53
CA THR B 332 -4.35 16.17 35.73
C THR B 332 -5.68 16.87 35.49
N LEU B 333 -6.57 16.75 36.46
CA LEU B 333 -7.87 17.41 36.46
C LEU B 333 -7.85 18.56 37.46
N PHE B 334 -8.22 19.75 37.00
CA PHE B 334 -8.22 20.93 37.84
C PHE B 334 -9.54 20.96 38.63
N ASN B 335 -9.55 20.21 39.73
CA ASN B 335 -10.69 20.18 40.65
C ASN B 335 -10.40 21.07 41.84
N TRP B 336 -11.09 22.22 41.90
CA TRP B 336 -10.92 23.17 43.00
C TRP B 336 -11.82 22.76 44.16
N GLY B 337 -11.31 21.82 44.96
CA GLY B 337 -12.06 21.33 46.09
C GLY B 337 -12.02 22.32 47.24
N PRO B 338 -12.81 22.02 48.28
CA PRO B 338 -12.80 22.89 49.46
C PRO B 338 -11.43 23.01 50.09
N ASP B 339 -10.62 21.94 50.05
CA ASP B 339 -9.28 22.00 50.57
C ASP B 339 -8.42 22.97 49.76
N GLN B 340 -8.58 22.97 48.44
CA GLN B 340 -7.85 23.90 47.60
C GLN B 340 -8.22 25.34 47.92
N GLN B 341 -9.52 25.61 48.09
CA GLN B 341 -9.96 26.94 48.47
C GLN B 341 -9.42 27.34 49.84
N LYS B 342 -9.31 26.37 50.77
CA LYS B 342 -8.74 26.67 52.06
C LYS B 342 -7.26 27.04 51.95
N ALA B 343 -6.52 26.36 51.09
CA ALA B 343 -5.13 26.72 50.88
C ALA B 343 -5.00 28.11 50.28
N TYR B 344 -5.86 28.43 49.32
CA TYR B 344 -5.83 29.76 48.72
C TYR B 344 -6.14 30.83 49.76
N GLN B 345 -7.14 30.59 50.61
CA GLN B 345 -7.50 31.57 51.63
C GLN B 345 -6.37 31.79 52.63
N GLU B 346 -5.64 30.71 52.96
CA GLU B 346 -4.55 30.85 53.92
C GLU B 346 -3.46 31.77 53.38
N ILE B 347 -3.15 31.64 52.09
CA ILE B 347 -2.11 32.49 51.50
C ILE B 347 -2.60 33.93 51.45
N LYS B 348 -3.87 34.13 51.14
CA LYS B 348 -4.44 35.48 51.13
C LYS B 348 -4.35 36.11 52.50
N GLN B 349 -4.69 35.36 53.55
CA GLN B 349 -4.62 35.89 54.90
C GLN B 349 -3.19 36.00 55.40
N ALA B 350 -2.31 35.09 54.98
CA ALA B 350 -0.92 35.14 55.42
C ALA B 350 -0.22 36.39 54.91
N LEU B 351 -0.47 36.77 53.66
CA LEU B 351 0.20 37.94 53.10
C LEU B 351 -0.33 39.24 53.68
N LEU B 352 -1.55 39.23 54.24
CA LEU B 352 -2.10 40.43 54.84
C LEU B 352 -1.27 40.89 56.03
N THR B 353 -0.81 39.95 56.85
CA THR B 353 -0.05 40.25 58.06
C THR B 353 1.36 39.68 57.98
N ALA B 354 2.00 39.85 56.82
CA ALA B 354 3.37 39.39 56.66
C ALA B 354 4.31 40.19 57.56
N PRO B 355 5.22 39.54 58.27
CA PRO B 355 6.12 40.28 59.19
C PRO B 355 7.21 41.03 58.46
N ALA B 356 8.10 41.67 59.21
CA ALA B 356 9.23 42.41 58.65
C ALA B 356 10.50 41.61 58.84
N LEU B 357 10.96 40.96 57.77
CA LEU B 357 12.22 40.22 57.82
C LEU B 357 13.39 41.18 57.96
N GLY B 358 14.29 40.88 58.91
CA GLY B 358 15.44 41.74 59.12
C GLY B 358 16.57 41.46 58.14
N LEU B 359 17.43 42.46 57.99
CA LEU B 359 18.62 42.31 57.15
C LEU B 359 19.68 41.51 57.90
N PRO B 360 20.31 40.54 57.26
CA PRO B 360 21.31 39.72 57.94
C PRO B 360 22.62 40.48 58.10
N ASP B 361 23.60 39.80 58.69
CA ASP B 361 24.92 40.39 58.97
C ASP B 361 25.97 39.30 58.77
N LEU B 362 26.78 39.42 57.71
CA LEU B 362 27.77 38.39 57.42
C LEU B 362 28.80 38.30 58.54
N THR B 363 29.27 39.43 59.06
CA THR B 363 30.25 39.42 60.12
C THR B 363 29.63 39.03 61.47
N LYS B 364 29.02 37.86 61.52
CA LYS B 364 28.30 37.34 62.69
C LYS B 364 28.06 35.85 62.52
N PRO B 365 27.72 35.14 63.58
CA PRO B 365 27.28 33.75 63.44
C PRO B 365 25.78 33.64 63.22
N PHE B 366 25.38 32.47 62.72
CA PHE B 366 23.99 32.17 62.41
C PHE B 366 23.50 31.07 63.36
N GLU B 367 22.19 31.07 63.59
CA GLU B 367 21.54 30.02 64.36
C GLU B 367 20.41 29.44 63.53
N LEU B 368 20.52 28.16 63.20
CA LEU B 368 19.51 27.47 62.39
C LEU B 368 18.60 26.66 63.28
N PHE B 369 17.31 27.00 63.27
CA PHE B 369 16.27 26.24 63.97
C PHE B 369 15.57 25.34 62.98
N VAL B 370 15.52 24.05 63.28
CA VAL B 370 14.98 23.06 62.37
C VAL B 370 13.84 22.33 63.07
N ASP B 371 12.83 21.96 62.27
CA ASP B 371 11.73 21.15 62.77
C ASP B 371 11.10 20.43 61.59
N GLU B 372 10.47 19.30 61.88
CA GLU B 372 9.75 18.52 60.87
C GLU B 372 8.36 18.22 61.40
N LYS B 373 7.43 17.98 60.48
CA LYS B 373 6.19 17.28 60.81
C LYS B 373 5.55 16.80 59.52
N GLN B 374 5.35 15.48 59.40
CA GLN B 374 4.65 14.85 58.29
C GLN B 374 5.37 15.09 56.96
N GLY B 375 6.67 14.78 56.95
CA GLY B 375 7.42 14.77 55.71
C GLY B 375 7.80 16.13 55.16
N TYR B 376 7.59 17.20 55.92
CA TYR B 376 7.87 18.55 55.47
C TYR B 376 8.82 19.24 56.44
N ALA B 377 9.89 19.82 55.89
CA ALA B 377 10.90 20.49 56.69
C ALA B 377 10.68 21.99 56.67
N LYS B 378 10.81 22.62 57.84
CA LYS B 378 10.58 24.04 57.97
C LYS B 378 11.54 24.59 59.03
N GLY B 379 11.95 25.84 58.84
CA GLY B 379 12.88 26.43 59.79
C GLY B 379 13.13 27.88 59.45
N VAL B 380 13.79 28.57 60.38
CA VAL B 380 14.17 29.97 60.23
C VAL B 380 15.67 30.11 60.47
N LEU B 381 16.35 30.77 59.54
CA LEU B 381 17.73 31.20 59.76
C LEU B 381 17.73 32.55 60.44
N THR B 382 18.42 32.65 61.58
CA THR B 382 18.43 33.86 62.39
C THR B 382 19.86 34.26 62.71
N GLN B 383 20.02 35.53 63.09
CA GLN B 383 21.28 36.06 63.56
C GLN B 383 21.04 36.93 64.77
N LYS B 384 22.12 37.24 65.48
CA LYS B 384 22.03 38.13 66.63
C LYS B 384 21.74 39.54 66.16
N LEU B 385 20.71 40.16 66.75
CA LEU B 385 20.48 41.60 66.63
C LEU B 385 20.11 42.10 68.01
N GLY B 386 20.98 42.92 68.59
CA GLY B 386 20.92 43.22 70.01
C GLY B 386 20.85 41.95 70.82
N PRO B 387 19.95 41.91 71.81
CA PRO B 387 19.70 40.66 72.52
C PRO B 387 18.76 39.70 71.80
N TRP B 388 18.03 40.18 70.80
CA TRP B 388 17.01 39.39 70.14
C TRP B 388 17.60 38.60 68.98
N ARG B 389 16.83 37.61 68.53
CA ARG B 389 17.09 36.92 67.27
C ARG B 389 16.23 37.54 66.18
N ARG B 390 16.86 37.95 65.09
CA ARG B 390 16.13 38.42 63.92
C ARG B 390 16.17 37.37 62.83
N PRO B 391 15.02 36.96 62.30
CA PRO B 391 15.02 36.04 61.16
C PRO B 391 15.76 36.61 59.97
N VAL B 392 16.51 35.74 59.29
CA VAL B 392 17.20 36.10 58.06
C VAL B 392 16.45 35.59 56.83
N ALA B 393 16.00 34.34 56.88
CA ALA B 393 15.19 33.77 55.81
C ALA B 393 14.39 32.62 56.40
N TYR B 394 13.17 32.44 55.92
CA TYR B 394 12.39 31.26 56.25
C TYR B 394 12.61 30.21 55.16
N LEU B 395 13.13 29.07 55.56
CA LEU B 395 13.48 27.99 54.64
C LEU B 395 12.48 26.86 54.78
N SER B 396 12.00 26.34 53.65
CA SER B 396 11.07 25.23 53.66
C SER B 396 11.30 24.38 52.42
N LYS B 397 11.30 23.07 52.61
CA LYS B 397 11.42 22.10 51.53
C LYS B 397 10.60 20.87 51.87
N LYS B 398 10.21 20.14 50.83
CA LYS B 398 9.62 18.82 51.03
C LYS B 398 10.71 17.77 51.16
N LEU B 399 10.51 16.83 52.08
CA LEU B 399 11.42 15.71 52.22
C LEU B 399 11.23 14.73 51.07
N ASP B 400 12.33 14.34 50.45
CA ASP B 400 12.32 13.32 49.40
C ASP B 400 11.65 12.06 49.92
N PRO B 401 10.91 11.34 49.06
CA PRO B 401 10.02 10.24 49.52
C PRO B 401 10.66 9.28 50.52
N VAL B 402 11.86 8.78 50.21
CA VAL B 402 12.47 7.77 51.05
C VAL B 402 12.72 8.30 52.45
N ALA B 403 13.10 9.58 52.57
CA ALA B 403 13.30 10.17 53.88
C ALA B 403 11.97 10.42 54.58
N ALA B 404 10.99 10.99 53.87
CA ALA B 404 9.68 11.25 54.45
C ALA B 404 9.04 9.98 55.00
N GLY B 405 9.38 8.81 54.45
CA GLY B 405 8.82 7.57 54.94
C GLY B 405 9.42 7.06 56.22
N TRP B 406 10.65 7.50 56.56
CA TRP B 406 11.33 7.02 57.74
C TRP B 406 10.52 7.30 59.01
N PRO B 407 10.80 6.56 60.08
CA PRO B 407 10.21 6.89 61.41
C PRO B 407 10.55 8.30 61.86
N PRO B 408 9.95 8.77 62.96
CA PRO B 408 10.15 10.17 63.35
C PRO B 408 11.59 10.58 63.64
N CYS B 409 12.30 9.85 64.48
CA CYS B 409 13.50 10.39 65.11
C CYS B 409 14.73 10.33 64.21
N LEU B 410 14.57 9.95 62.95
CA LEU B 410 15.62 10.11 61.95
C LEU B 410 15.21 11.00 60.79
N ARG B 411 13.90 11.12 60.52
CA ARG B 411 13.41 12.16 59.62
C ARG B 411 13.92 13.55 60.00
N MET B 412 14.34 13.73 61.24
CA MET B 412 14.91 15.01 61.66
C MET B 412 16.29 15.21 61.04
N VAL B 413 17.05 14.13 60.86
CA VAL B 413 18.36 14.24 60.23
C VAL B 413 18.22 14.85 58.84
N ALA B 414 17.37 14.24 58.01
CA ALA B 414 17.12 14.79 56.68
C ALA B 414 16.57 16.21 56.77
N ALA B 415 15.75 16.48 57.79
CA ALA B 415 15.18 17.81 57.95
C ALA B 415 16.29 18.84 58.16
N ILE B 416 17.20 18.59 59.10
CA ILE B 416 18.29 19.51 59.34
C ILE B 416 19.16 19.64 58.10
N ALA B 417 19.35 18.54 57.37
CA ALA B 417 20.25 18.57 56.21
C ALA B 417 19.75 19.51 55.13
N VAL B 418 18.50 19.36 54.70
CA VAL B 418 18.02 20.17 53.58
C VAL B 418 17.95 21.64 53.94
N LEU B 419 17.61 21.96 55.18
CA LEU B 419 17.54 23.36 55.59
C LEU B 419 18.93 23.96 55.65
N THR B 420 19.89 23.23 56.20
CA THR B 420 21.25 23.72 56.24
C THR B 420 21.81 23.89 54.83
N LYS B 421 21.32 23.09 53.88
CA LYS B 421 21.75 23.27 52.49
C LYS B 421 21.32 24.63 51.95
N ASP B 422 20.10 25.06 52.28
CA ASP B 422 19.64 26.38 51.87
C ASP B 422 20.51 27.47 52.48
N ALA B 423 20.92 27.30 53.73
CA ALA B 423 21.80 28.26 54.37
C ALA B 423 23.07 28.49 53.56
N GLY B 424 23.58 27.43 52.93
CA GLY B 424 24.78 27.53 52.13
C GLY B 424 24.67 28.41 50.90
N LYS B 425 23.63 29.24 50.86
CA LYS B 425 23.38 30.15 49.75
C LYS B 425 23.14 31.57 50.22
N LEU B 426 22.90 31.78 51.51
CA LEU B 426 22.71 33.11 52.09
C LEU B 426 23.82 33.51 53.04
N THR B 427 24.40 32.55 53.76
CA THR B 427 25.45 32.83 54.74
C THR B 427 26.80 33.12 54.09
N MET B 428 26.91 32.97 52.77
CA MET B 428 28.14 33.23 52.03
C MET B 428 29.29 32.35 52.52
N GLY B 429 28.97 31.15 53.00
CA GLY B 429 29.98 30.24 53.49
C GLY B 429 30.49 30.53 54.87
N GLN B 430 29.93 31.53 55.56
CA GLN B 430 30.34 31.81 56.93
C GLN B 430 29.91 30.68 57.85
N PRO B 431 30.70 30.39 58.88
CA PRO B 431 30.31 29.33 59.84
C PRO B 431 29.02 29.69 60.57
N LEU B 432 28.22 28.66 60.84
CA LEU B 432 26.94 28.83 61.52
C LEU B 432 26.72 27.65 62.45
N VAL B 433 25.88 27.87 63.45
CA VAL B 433 25.58 26.85 64.46
C VAL B 433 24.16 26.34 64.24
N ILE B 434 23.96 25.05 64.51
CA ILE B 434 22.68 24.38 64.34
C ILE B 434 22.23 23.88 65.69
N LEU B 435 20.99 24.17 66.06
CA LEU B 435 20.40 23.66 67.28
C LEU B 435 19.14 22.87 66.92
N ALA B 436 18.87 21.82 67.70
CA ALA B 436 17.78 20.91 67.41
C ALA B 436 17.31 20.24 68.69
N PRO B 437 16.01 19.94 68.80
CA PRO B 437 15.51 19.25 70.00
C PRO B 437 16.11 17.87 70.23
N HIS B 438 16.59 17.19 69.19
CA HIS B 438 17.20 15.87 69.35
C HIS B 438 18.66 15.92 68.95
N ALA B 439 19.55 15.56 69.89
CA ALA B 439 20.98 15.46 69.60
C ALA B 439 21.23 14.32 68.64
N VAL B 440 21.71 14.63 67.43
CA VAL B 440 21.83 13.64 66.37
C VAL B 440 23.23 13.58 65.78
N GLU B 441 24.16 14.42 66.24
CA GLU B 441 25.52 14.41 65.70
C GLU B 441 26.18 13.06 65.90
N ALA B 442 26.03 12.46 67.07
CA ALA B 442 26.59 11.13 67.30
C ALA B 442 25.95 10.10 66.39
N LEU B 443 24.65 10.26 66.10
CA LEU B 443 23.98 9.34 65.18
C LEU B 443 24.57 9.44 63.78
N VAL B 444 24.93 10.65 63.35
CA VAL B 444 25.50 10.84 62.02
C VAL B 444 26.82 10.09 61.89
N LYS B 445 27.64 10.10 62.95
CA LYS B 445 28.92 9.41 62.92
C LYS B 445 28.73 7.92 62.73
N GLN B 446 27.76 7.33 63.43
CA GLN B 446 27.49 5.90 63.39
C GLN B 446 26.02 5.65 63.08
N PRO B 447 25.63 5.82 61.82
CA PRO B 447 24.23 5.58 61.45
C PRO B 447 24.00 4.10 61.17
N PRO B 448 23.11 3.45 61.94
CA PRO B 448 22.82 2.03 61.77
C PRO B 448 22.09 1.74 60.46
N ALA B 455 26.41 5.75 50.91
CA ALA B 455 26.62 6.66 49.79
C ALA B 455 26.11 8.06 50.12
N ARG B 456 24.79 8.23 50.11
CA ARG B 456 24.20 9.52 50.44
C ARG B 456 24.52 9.90 51.88
N MET B 457 24.47 8.94 52.79
CA MET B 457 24.78 9.21 54.20
C MET B 457 26.21 9.69 54.34
N THR B 458 27.13 9.12 53.57
CA THR B 458 28.51 9.60 53.56
C THR B 458 28.59 11.03 53.06
N HIS B 459 27.77 11.38 52.07
CA HIS B 459 27.67 12.77 51.66
C HIS B 459 27.12 13.62 52.79
N TYR B 460 26.14 13.08 53.51
CA TYR B 460 25.58 13.79 54.66
C TYR B 460 26.63 13.96 55.76
N GLN B 461 27.46 12.94 55.96
CA GLN B 461 28.47 13.00 57.01
C GLN B 461 29.48 14.10 56.75
N ALA B 462 29.92 14.25 55.50
CA ALA B 462 30.90 15.28 55.18
C ALA B 462 30.33 16.68 55.43
N LEU B 463 29.06 16.88 55.06
CA LEU B 463 28.46 18.20 55.23
C LEU B 463 28.20 18.50 56.70
N LEU B 464 27.62 17.54 57.43
CA LEU B 464 27.22 17.81 58.81
C LEU B 464 28.40 17.86 59.77
N LEU B 465 29.47 17.13 59.49
CA LEU B 465 30.59 17.04 60.41
C LEU B 465 31.68 18.07 60.14
N ASP B 466 31.47 18.94 59.16
CA ASP B 466 32.45 19.99 58.84
C ASP B 466 32.43 21.02 59.96
N THR B 467 33.40 20.93 60.87
CA THR B 467 33.46 21.86 61.98
C THR B 467 33.77 23.28 61.53
N ASP B 468 34.37 23.45 60.35
CA ASP B 468 34.70 24.78 59.86
C ASP B 468 33.44 25.60 59.59
N ARG B 469 32.42 24.98 59.02
CA ARG B 469 31.20 25.66 58.61
C ARG B 469 29.96 25.22 59.37
N VAL B 470 29.99 24.05 60.00
CA VAL B 470 28.82 23.46 60.63
C VAL B 470 29.14 23.13 62.08
N GLN B 471 28.18 23.39 62.96
CA GLN B 471 28.33 23.12 64.39
C GLN B 471 26.96 22.82 64.97
N PHE B 472 26.96 22.04 66.05
CA PHE B 472 25.72 21.64 66.72
C PHE B 472 25.64 22.36 68.05
N GLY B 473 24.59 23.17 68.22
CA GLY B 473 24.40 23.96 69.42
C GLY B 473 23.62 23.25 70.50
N PRO B 474 23.26 24.00 71.54
CA PRO B 474 22.46 23.41 72.63
C PRO B 474 21.08 22.96 72.16
N VAL B 475 20.62 21.87 72.75
CA VAL B 475 19.30 21.34 72.42
C VAL B 475 18.22 22.22 73.03
N VAL B 476 17.21 22.58 72.23
CA VAL B 476 16.11 23.40 72.69
C VAL B 476 14.91 23.14 71.78
N ALA B 477 13.72 23.52 72.27
CA ALA B 477 12.49 23.42 71.51
C ALA B 477 12.09 24.80 71.03
N LEU B 478 11.87 24.94 69.72
CA LEU B 478 11.53 26.21 69.12
C LEU B 478 10.02 26.45 69.14
N ASN B 479 9.63 27.68 68.86
CA ASN B 479 8.22 28.04 68.89
C ASN B 479 7.47 27.32 67.78
N PRO B 480 6.29 26.76 68.06
CA PRO B 480 5.54 26.05 67.02
C PRO B 480 5.19 26.91 65.82
N ALA B 481 4.93 28.20 66.03
CA ALA B 481 4.56 29.11 64.95
C ALA B 481 5.75 29.93 64.46
N THR B 482 6.44 30.62 65.37
CA THR B 482 7.59 31.43 65.01
C THR B 482 8.90 30.73 65.36
#